data_3N56
#
_entry.id   3N56
#
_cell.length_a   264.036
_cell.length_b   264.036
_cell.length_c   90.645
_cell.angle_alpha   90.000
_cell.angle_beta   90.000
_cell.angle_gamma   120.000
#
_symmetry.space_group_name_H-M   'P 65'
#
loop_
_entity.id
_entity.type
_entity.pdbx_description
1 polymer 'Insulin-degrading enzyme'
2 polymer 'Natriuretic peptides B'
3 non-polymer 'ZINC ION'
4 non-polymer '1,4-DIETHYLENE DIOXIDE'
5 water water
#
loop_
_entity_poly.entity_id
_entity_poly.type
_entity_poly.pdbx_seq_one_letter_code
_entity_poly.pdbx_strand_id
1 'polypeptide(L)'
;MHHHHHHAAGIPMNNPAIKRIGNHITKSPEDKREYRGLELANGIKVLLISDPTTDKSSAALDVHIGSLSDPPNIAGLSHF
LQHMLFLGTKKYPKENEYSQFLSEHAGSSNAFTSGEHTNYYFDVSHEHLEGALDRFAQFFLSPLFDESAKDREVNAVDSE
HEKNVMNDAWRLFQLEKATGNPKHPFSKFGTGNKYTLETRPNQEGIDVRQELLKFHSAYYSSNLMAVVVLGRESLDDLTN
LVVKLFSEVENKNVPLPEFPEHPFQEEHLKQLYKIVPIKDIRNLYVTFPIPDLQKYYKSNPGHYLGHLIGHEGPGSLLSE
LKSKGWVNTLVGGQKEGARGFMFFIINVDLTEEGLLHVEDIILHMFQYIQKLRAEGPQEWVFQELKDLNAVAFRFKDKER
PRGYTSKIAGILHYYPLEEVLTAEYLLEEFRPDLIEMVLDKLRPENVRVAIVSKSFEGKTDRTEEWYGTQYKQEAIPDEV
IKKWQNADLNGKFKLPTKNEFIPTNFEILPLEKEATPYPALIKDTAMSKLWFKQDDKFFLPKANLNFEFFSPFAYVDPLH
SNMAYLYLELLKDSLNEYAYAAELAGLSYDLQNTIYGMYLSVKGYNDKQPILLKKIIEKMATFEIDEKRFEIIKEAYMRS
LNNFRAEQPHQHAMYYLRLLMTEVAWTKDELKEALDDVTLPRLKAFIPQLLSRLHIEALLHGNITKQAALGIMQMVEDTL
IEHAHTKPLLPSQLVRYREVQLPDRGWFVYQQRNEVHNNSGIEIYYQTDMQSTSENMFLELFAQIISEPAFNTLRTKEQL
GYIVFSGPRRANGIQGLRFIIQSEKPPHYLESRVEAFLITMEKSIEDMTEEAFQKHIQALAIRRLDKPKKLSAESAKYWG
EIISQQYNFDRDNTEVAYLKTLTKEDIIKFYKEMLAVDAPRRHKVSVHVLAREMDSNPVVGEFPAQNDINLSQAPALPQP
EVIQNMTEFKRGLPLFPLVKPHINFMAAKL
;
A,B
2 'polypeptide(L)' SPKMVQGSGCFGRKMDRISSSSGLGCKVLRRH C,D
#
loop_
_chem_comp.id
_chem_comp.type
_chem_comp.name
_chem_comp.formula
DIO non-polymer '1,4-DIETHYLENE DIOXIDE' 'C4 H8 O2'
ZN non-polymer 'ZINC ION' 'Zn 2'
#
# COMPACT_ATOMS: atom_id res chain seq x y z
N ASN A 15 36.65 8.98 8.49
CA ASN A 15 36.19 9.79 9.72
C ASN A 15 36.20 11.30 9.46
N PRO A 16 37.26 11.79 8.78
CA PRO A 16 37.54 13.22 8.69
C PRO A 16 37.05 13.89 7.40
N ALA A 17 37.24 13.21 6.26
CA ALA A 17 36.84 13.69 4.95
C ALA A 17 35.37 13.39 4.70
N ILE A 18 34.86 12.39 5.41
CA ILE A 18 33.45 12.04 5.43
C ILE A 18 32.78 12.84 6.54
N LYS A 19 31.58 13.31 6.24
CA LYS A 19 30.87 14.20 7.14
C LYS A 19 29.53 13.63 7.62
N ARG A 20 29.09 12.56 6.96
CA ARG A 20 27.83 11.89 7.32
C ARG A 20 27.84 10.53 6.63
N ILE A 21 27.13 9.55 7.20
CA ILE A 21 27.06 8.21 6.62
C ILE A 21 25.63 7.71 6.44
N GLY A 22 25.37 7.16 5.26
CA GLY A 22 24.07 6.62 4.93
C GLY A 22 23.69 5.51 5.87
N ASN A 23 22.51 5.71 6.50
CA ASN A 23 21.91 4.58 7.19
C ASN A 23 21.48 3.79 5.96
N HIS A 24 20.48 2.95 6.18
CA HIS A 24 20.05 1.99 5.18
C HIS A 24 19.52 2.68 3.94
N ILE A 25 20.10 2.33 2.80
CA ILE A 25 19.55 2.77 1.54
C ILE A 25 18.46 1.79 1.21
N THR A 26 17.22 2.24 1.38
CA THR A 26 16.05 1.44 1.07
C THR A 26 16.21 0.93 -0.36
N LYS A 27 16.26 -0.39 -0.50
CA LYS A 27 16.43 -0.99 -1.81
C LYS A 27 15.27 -1.98 -2.04
N SER A 28 15.18 -2.51 -3.25
CA SER A 28 14.14 -3.49 -3.58
C SER A 28 14.47 -4.82 -2.89
N PRO A 29 13.45 -5.52 -2.38
CA PRO A 29 13.73 -6.79 -1.67
C PRO A 29 14.53 -7.80 -2.51
N GLU A 30 14.34 -7.76 -3.83
CA GLU A 30 15.03 -8.65 -4.77
C GLU A 30 16.46 -8.20 -5.09
N ASP A 31 16.76 -6.92 -4.81
CA ASP A 31 18.05 -6.33 -5.13
C ASP A 31 19.14 -6.93 -4.24
N LYS A 32 20.11 -7.58 -4.87
CA LYS A 32 21.15 -8.30 -4.13
C LYS A 32 22.49 -7.55 -4.08
N ARG A 33 22.51 -6.36 -4.67
CA ARG A 33 23.63 -5.44 -4.51
C ARG A 33 23.48 -4.73 -3.18
N GLU A 34 24.60 -4.30 -2.60
CA GLU A 34 24.57 -3.54 -1.35
C GLU A 34 25.03 -2.09 -1.53
N TYR A 35 24.50 -1.20 -0.69
CA TYR A 35 24.59 0.24 -0.88
C TYR A 35 25.00 0.99 0.39
N ARG A 36 25.71 2.10 0.20
CA ARG A 36 26.04 3.03 1.30
C ARG A 36 26.11 4.45 0.75
N GLY A 37 25.32 5.34 1.34
CA GLY A 37 25.34 6.76 1.02
C GLY A 37 26.33 7.51 1.89
N LEU A 38 26.95 8.55 1.33
CA LEU A 38 27.92 9.38 2.05
C LEU A 38 27.68 10.84 1.75
N GLU A 39 28.17 11.70 2.63
CA GLU A 39 28.31 13.11 2.31
C GLU A 39 29.70 13.52 2.79
N LEU A 40 30.56 13.89 1.86
CA LEU A 40 31.92 14.29 2.20
C LEU A 40 31.98 15.68 2.84
N ALA A 41 33.06 15.94 3.60
CA ALA A 41 33.31 17.25 4.22
C ALA A 41 33.32 18.28 3.10
N ASN A 42 33.85 17.82 1.98
CA ASN A 42 33.66 18.40 0.66
C ASN A 42 32.33 19.08 0.30
N GLY A 43 31.22 18.41 0.62
CA GLY A 43 29.89 18.78 0.13
C GLY A 43 29.30 17.70 -0.78
N ILE A 44 30.18 16.91 -1.39
CA ILE A 44 29.82 15.91 -2.39
C ILE A 44 28.93 14.81 -1.82
N LYS A 45 27.79 14.56 -2.46
CA LYS A 45 26.91 13.47 -2.06
C LYS A 45 27.24 12.21 -2.87
N VAL A 46 27.48 11.09 -2.18
CA VAL A 46 27.93 9.85 -2.83
C VAL A 46 27.02 8.66 -2.53
N LEU A 47 26.83 7.80 -3.54
CA LEU A 47 26.27 6.48 -3.35
C LEU A 47 27.25 5.43 -3.87
N LEU A 48 27.38 4.36 -3.10
CA LEU A 48 28.29 3.28 -3.43
C LEU A 48 27.50 2.00 -3.61
N ILE A 49 27.85 1.23 -4.64
CA ILE A 49 27.15 0.00 -4.96
C ILE A 49 28.13 -1.17 -5.01
N SER A 50 27.97 -2.10 -4.08
CA SER A 50 28.73 -3.36 -4.07
C SER A 50 27.98 -4.50 -4.74
N ASP A 51 28.46 -4.87 -5.92
CA ASP A 51 27.93 -6.02 -6.60
C ASP A 51 29.09 -6.97 -6.85
N PRO A 52 29.39 -7.84 -5.86
CA PRO A 52 30.53 -8.74 -5.98
C PRO A 52 30.50 -9.56 -7.28
N THR A 53 29.33 -9.71 -7.89
CA THR A 53 29.15 -10.53 -9.11
C THR A 53 29.28 -9.76 -10.44
N THR A 54 29.36 -8.43 -10.36
CA THR A 54 29.37 -7.59 -11.56
C THR A 54 30.57 -7.84 -12.47
N ASP A 55 30.31 -7.81 -13.77
CA ASP A 55 31.30 -8.12 -14.79
C ASP A 55 32.01 -6.82 -15.20
N LYS A 56 31.36 -5.71 -14.92
CA LYS A 56 31.86 -4.37 -15.27
C LYS A 56 31.61 -3.41 -14.12
N SER A 57 32.64 -2.68 -13.73
CA SER A 57 32.49 -1.62 -12.74
C SER A 57 32.21 -0.30 -13.45
N SER A 58 31.68 0.68 -12.72
CA SER A 58 31.26 1.91 -13.35
C SER A 58 31.24 3.05 -12.34
N ALA A 59 31.36 4.28 -12.83
CA ALA A 59 31.14 5.46 -12.00
C ALA A 59 30.57 6.61 -12.81
N ALA A 60 29.84 7.47 -12.14
CA ALA A 60 29.30 8.68 -12.75
C ALA A 60 29.38 9.85 -11.80
N LEU A 61 29.45 11.06 -12.36
CA LEU A 61 29.43 12.27 -11.56
C LEU A 61 28.53 13.29 -12.23
N ASP A 62 27.64 13.87 -11.44
CA ASP A 62 26.71 14.86 -11.95
C ASP A 62 26.99 16.18 -11.28
N VAL A 63 27.04 17.24 -12.09
CA VAL A 63 27.29 18.58 -11.58
C VAL A 63 26.02 19.36 -11.82
N HIS A 64 25.48 19.95 -10.76
CA HIS A 64 24.20 20.63 -10.91
C HIS A 64 24.37 22.01 -11.54
N ILE A 65 25.08 22.05 -12.64
CA ILE A 65 25.17 23.24 -13.45
C ILE A 65 25.08 22.80 -14.91
N GLY A 66 24.52 23.65 -15.75
CA GLY A 66 24.36 23.28 -17.15
C GLY A 66 24.24 24.50 -18.04
N SER A 67 23.72 24.27 -19.24
CA SER A 67 23.67 25.32 -20.26
C SER A 67 22.83 26.52 -19.85
N LEU A 68 21.84 26.30 -19.00
CA LEU A 68 21.00 27.38 -18.49
C LEU A 68 21.83 28.46 -17.77
N SER A 69 23.09 28.13 -17.47
CA SER A 69 24.03 29.04 -16.79
C SER A 69 25.18 29.50 -17.70
N ASP A 70 25.04 29.28 -19.00
CA ASP A 70 26.00 29.77 -19.98
C ASP A 70 25.99 31.29 -19.96
N PRO A 71 27.18 31.92 -20.06
CA PRO A 71 27.20 33.38 -20.19
C PRO A 71 26.44 33.83 -21.44
N PRO A 72 25.63 34.91 -21.32
CA PRO A 72 24.77 35.46 -22.37
C PRO A 72 25.44 35.65 -23.72
N ASN A 73 26.74 35.94 -23.69
CA ASN A 73 27.49 36.27 -24.90
C ASN A 73 28.37 35.11 -25.39
N ILE A 74 28.32 33.97 -24.69
CA ILE A 74 29.00 32.76 -25.18
C ILE A 74 28.07 31.55 -25.04
N ALA A 75 27.23 31.35 -26.06
CA ALA A 75 26.28 30.25 -26.06
C ALA A 75 26.98 28.89 -26.16
N GLY A 76 26.55 27.96 -25.31
CA GLY A 76 27.06 26.59 -25.34
C GLY A 76 28.39 26.40 -24.67
N LEU A 77 28.74 27.29 -23.75
CA LEU A 77 30.00 27.18 -23.01
C LEU A 77 30.07 25.88 -22.22
N SER A 78 29.04 25.61 -21.42
CA SER A 78 29.03 24.40 -20.58
C SER A 78 29.00 23.10 -21.37
N HIS A 79 28.31 23.09 -22.51
CA HIS A 79 28.34 21.95 -23.45
C HIS A 79 29.74 21.77 -24.02
N PHE A 80 30.38 22.89 -24.37
CA PHE A 80 31.73 22.88 -24.91
C PHE A 80 32.74 22.41 -23.86
N LEU A 81 32.51 22.82 -22.61
CA LEU A 81 33.34 22.39 -21.48
C LEU A 81 33.30 20.88 -21.30
N GLN A 82 32.11 20.30 -21.42
CA GLN A 82 31.95 18.85 -21.27
C GLN A 82 32.61 18.03 -22.39
N HIS A 83 32.70 18.58 -23.61
CA HIS A 83 33.48 17.91 -24.65
C HIS A 83 34.95 18.00 -24.30
N MET A 84 35.30 19.05 -23.58
CA MET A 84 36.69 19.42 -23.38
C MET A 84 37.40 18.62 -22.31
N LEU A 85 36.69 18.34 -21.22
CA LEU A 85 37.21 17.49 -20.13
C LEU A 85 37.76 16.13 -20.55
N PHE A 86 37.34 15.64 -21.71
CA PHE A 86 37.76 14.32 -22.20
C PHE A 86 39.17 14.33 -22.76
N LEU A 87 39.60 15.51 -23.21
CA LEU A 87 40.83 15.66 -23.96
C LEU A 87 42.06 16.02 -23.13
N GLY A 88 42.14 15.53 -21.90
CA GLY A 88 43.39 15.59 -21.13
C GLY A 88 43.42 16.50 -19.92
N THR A 89 44.09 16.02 -18.87
CA THR A 89 44.19 16.73 -17.60
C THR A 89 45.67 16.86 -17.22
N LYS A 90 45.96 17.50 -16.08
CA LYS A 90 47.34 17.55 -15.56
C LYS A 90 47.95 16.16 -15.32
N LYS A 91 47.39 15.40 -14.37
CA LYS A 91 47.92 14.07 -14.03
C LYS A 91 48.13 13.19 -15.27
N TYR A 92 47.18 13.18 -16.20
CA TYR A 92 47.32 12.42 -17.45
C TYR A 92 47.14 13.35 -18.66
N PRO A 93 48.26 13.84 -19.22
CA PRO A 93 48.21 14.92 -20.19
C PRO A 93 47.94 14.53 -21.64
N LYS A 94 48.11 13.27 -22.04
CA LYS A 94 47.87 12.95 -23.46
C LYS A 94 46.38 12.83 -23.78
N GLU A 95 45.95 13.63 -24.77
CA GLU A 95 44.52 13.83 -25.08
C GLU A 95 43.67 12.61 -24.86
N ASN A 96 43.99 11.55 -25.58
CA ASN A 96 43.19 10.35 -25.61
C ASN A 96 43.51 9.32 -24.52
N GLU A 97 44.41 9.66 -23.59
CA GLU A 97 44.74 8.75 -22.47
C GLU A 97 43.48 8.21 -21.78
N TYR A 98 42.46 9.06 -21.66
CA TYR A 98 41.20 8.65 -21.09
C TYR A 98 40.50 7.60 -21.96
N SER A 99 40.10 8.01 -23.17
CA SER A 99 39.34 7.11 -24.04
C SER A 99 40.16 5.88 -24.47
N GLN A 100 41.48 6.02 -24.49
CA GLN A 100 42.37 4.89 -24.78
C GLN A 100 42.42 3.86 -23.65
N PHE A 101 42.69 4.31 -22.43
CA PHE A 101 42.66 3.43 -21.25
C PHE A 101 41.40 2.59 -21.22
N LEU A 102 40.26 3.25 -21.44
CA LEU A 102 38.97 2.59 -21.38
C LEU A 102 38.79 1.52 -22.45
N SER A 103 39.27 1.77 -23.68
CA SER A 103 39.05 0.80 -24.74
C SER A 103 40.00 -0.41 -24.63
N GLU A 104 41.14 -0.20 -23.96
CA GLU A 104 42.09 -1.29 -23.72
C GLU A 104 41.70 -2.18 -22.53
N HIS A 105 40.75 -1.72 -21.72
CA HIS A 105 40.24 -2.52 -20.60
C HIS A 105 38.71 -2.71 -20.65
N ALA A 106 38.17 -2.74 -21.88
CA ALA A 106 36.78 -3.11 -22.16
C ALA A 106 35.69 -2.16 -21.61
N GLY A 107 36.05 -0.90 -21.44
CA GLY A 107 35.09 0.09 -20.95
C GLY A 107 34.68 1.04 -22.06
N SER A 108 33.69 1.88 -21.76
CA SER A 108 33.25 2.93 -22.67
C SER A 108 32.90 4.13 -21.81
N SER A 109 32.91 5.32 -22.41
CA SER A 109 32.54 6.54 -21.67
C SER A 109 31.78 7.53 -22.53
N ASN A 110 30.98 8.36 -21.86
CA ASN A 110 30.10 9.32 -22.53
C ASN A 110 29.58 10.36 -21.54
N ALA A 111 28.89 11.39 -22.05
CA ALA A 111 28.37 12.47 -21.21
C ALA A 111 27.26 13.26 -21.91
N PHE A 112 26.40 13.89 -21.12
CA PHE A 112 25.40 14.82 -21.67
C PHE A 112 25.32 16.11 -20.86
N THR A 113 24.78 17.16 -21.48
CA THR A 113 24.62 18.47 -20.84
C THR A 113 23.17 18.93 -20.98
N SER A 114 22.50 19.20 -19.88
CA SER A 114 21.13 19.77 -19.93
C SER A 114 21.07 21.17 -19.32
N GLY A 115 19.85 21.64 -19.05
CA GLY A 115 19.62 22.96 -18.45
C GLY A 115 20.43 23.14 -17.18
N GLU A 116 20.29 22.20 -16.24
CA GLU A 116 20.88 22.35 -14.93
C GLU A 116 21.85 21.24 -14.56
N HIS A 117 22.23 20.38 -15.50
CA HIS A 117 23.15 19.28 -15.16
C HIS A 117 24.20 19.02 -16.21
N THR A 118 25.37 18.60 -15.74
CA THR A 118 26.36 18.02 -16.63
C THR A 118 26.77 16.72 -15.98
N ASN A 119 26.51 15.63 -16.71
CA ASN A 119 26.60 14.30 -16.20
C ASN A 119 27.67 13.56 -16.98
N TYR A 120 28.60 12.93 -16.27
CA TYR A 120 29.74 12.24 -16.88
C TYR A 120 29.77 10.81 -16.39
N TYR A 121 30.06 9.86 -17.25
CA TYR A 121 30.00 8.46 -16.85
C TYR A 121 30.84 7.50 -17.71
N PHE A 122 31.24 6.39 -17.09
CA PHE A 122 31.99 5.32 -17.76
C PHE A 122 31.69 3.95 -17.17
N ASP A 123 32.06 2.90 -17.91
CA ASP A 123 32.23 1.54 -17.38
C ASP A 123 33.60 0.96 -17.79
N VAL A 124 34.01 -0.14 -17.14
CA VAL A 124 35.31 -0.77 -17.38
C VAL A 124 35.33 -2.15 -16.69
N SER A 125 36.28 -3.03 -17.03
CA SER A 125 36.45 -4.32 -16.34
C SER A 125 36.36 -4.09 -14.83
N HIS A 126 35.78 -5.04 -14.10
CA HIS A 126 35.63 -4.90 -12.64
C HIS A 126 36.98 -4.84 -11.94
N GLU A 127 38.04 -5.17 -12.69
CA GLU A 127 39.42 -5.19 -12.18
C GLU A 127 40.08 -3.82 -12.24
N HIS A 128 39.83 -3.09 -13.32
CA HIS A 128 40.54 -1.85 -13.58
C HIS A 128 39.75 -0.60 -13.18
N LEU A 129 38.92 -0.76 -12.15
CA LEU A 129 38.13 0.34 -11.63
C LEU A 129 38.99 1.48 -11.10
N GLU A 130 40.02 1.16 -10.32
CA GLU A 130 40.84 2.20 -9.68
C GLU A 130 41.58 3.09 -10.68
N GLY A 131 42.20 2.46 -11.68
CA GLY A 131 42.86 3.21 -12.74
C GLY A 131 41.87 4.12 -13.45
N ALA A 132 40.77 3.54 -13.91
CA ALA A 132 39.74 4.26 -14.65
C ALA A 132 39.17 5.42 -13.85
N LEU A 133 38.83 5.17 -12.59
CA LEU A 133 38.24 6.21 -11.76
C LEU A 133 39.21 7.37 -11.50
N ASP A 134 40.51 7.06 -11.48
CA ASP A 134 41.53 8.06 -11.26
C ASP A 134 41.55 9.08 -12.41
N ARG A 135 41.68 8.59 -13.64
CA ARG A 135 41.71 9.42 -14.85
C ARG A 135 40.44 10.27 -15.01
N PHE A 136 39.35 9.74 -14.46
CA PHE A 136 38.02 10.36 -14.46
C PHE A 136 37.93 11.46 -13.40
N ALA A 137 38.42 11.18 -12.19
CA ALA A 137 38.44 12.15 -11.10
C ALA A 137 39.20 13.42 -11.49
N GLN A 138 40.25 13.25 -12.30
CA GLN A 138 41.07 14.37 -12.76
C GLN A 138 40.30 15.40 -13.58
N PHE A 139 39.24 14.95 -14.27
CA PHE A 139 38.36 15.83 -15.05
C PHE A 139 37.90 17.01 -14.21
N PHE A 140 37.82 16.78 -12.90
CA PHE A 140 37.18 17.73 -11.97
C PHE A 140 38.18 18.40 -11.05
N LEU A 141 39.46 18.13 -11.28
CA LEU A 141 40.52 18.71 -10.47
C LEU A 141 41.31 19.73 -11.26
N SER A 142 41.78 19.34 -12.44
CA SER A 142 42.56 20.22 -13.28
C SER A 142 42.58 19.75 -14.74
N PRO A 143 41.57 20.16 -15.54
CA PRO A 143 41.59 19.87 -16.97
C PRO A 143 42.62 20.73 -17.70
N LEU A 144 43.09 20.28 -18.86
CA LEU A 144 44.06 21.09 -19.59
C LEU A 144 43.42 22.22 -20.37
N PHE A 145 42.34 21.92 -21.08
CA PHE A 145 41.81 22.84 -22.07
C PHE A 145 42.92 23.26 -23.01
N ASP A 146 43.67 22.27 -23.50
CA ASP A 146 44.74 22.50 -24.47
C ASP A 146 44.25 23.39 -25.59
N GLU A 147 45.09 24.34 -25.98
CA GLU A 147 44.73 25.38 -26.93
C GLU A 147 44.47 24.84 -28.35
N SER A 148 45.31 23.91 -28.81
CA SER A 148 45.12 23.30 -30.13
C SER A 148 43.89 22.38 -30.13
N ALA A 149 43.64 21.73 -28.99
CA ALA A 149 42.48 20.85 -28.81
C ALA A 149 41.16 21.63 -28.79
N LYS A 150 41.24 22.88 -28.33
CA LYS A 150 40.12 23.82 -28.31
C LYS A 150 39.66 24.13 -29.74
N ASP A 151 40.63 24.37 -30.61
CA ASP A 151 40.39 24.75 -32.00
C ASP A 151 39.83 23.62 -32.85
N ARG A 152 40.10 22.39 -32.43
CA ARG A 152 39.64 21.24 -33.15
C ARG A 152 38.25 20.86 -32.66
N GLU A 153 38.14 20.54 -31.37
CA GLU A 153 36.89 20.03 -30.79
C GLU A 153 35.71 21.01 -30.90
N VAL A 154 35.96 22.27 -31.26
CA VAL A 154 34.86 23.21 -31.54
C VAL A 154 34.10 22.79 -32.79
N ASN A 155 34.78 22.12 -33.73
CA ASN A 155 34.13 21.62 -34.94
C ASN A 155 33.18 20.49 -34.62
N ALA A 156 33.57 19.64 -33.68
CA ALA A 156 32.76 18.53 -33.18
C ALA A 156 31.42 19.04 -32.65
N VAL A 157 31.48 20.10 -31.84
CA VAL A 157 30.28 20.75 -31.32
C VAL A 157 29.49 21.36 -32.48
N ASP A 158 30.19 22.01 -33.42
CA ASP A 158 29.55 22.64 -34.58
C ASP A 158 28.83 21.62 -35.48
N SER A 159 29.48 20.47 -35.66
CA SER A 159 28.91 19.35 -36.38
C SER A 159 27.73 18.72 -35.62
N GLU A 160 27.83 18.64 -34.28
CA GLU A 160 26.70 18.18 -33.46
C GLU A 160 25.47 19.06 -33.68
N HIS A 161 25.67 20.37 -33.78
CA HIS A 161 24.56 21.29 -34.08
C HIS A 161 24.10 21.15 -35.51
N GLU A 162 25.04 21.15 -36.45
CA GLU A 162 24.72 20.98 -37.88
C GLU A 162 23.74 19.82 -38.07
N LYS A 163 24.09 18.66 -37.53
CA LYS A 163 23.22 17.48 -37.55
C LYS A 163 21.77 17.73 -37.08
N ASN A 164 21.57 18.70 -36.19
CA ASN A 164 20.23 18.96 -35.62
C ASN A 164 19.44 20.05 -36.30
N VAL A 165 20.14 20.91 -37.04
CA VAL A 165 19.51 22.04 -37.72
C VAL A 165 18.26 21.58 -38.49
N MET A 166 18.39 20.49 -39.23
CA MET A 166 17.30 19.98 -40.05
C MET A 166 16.36 18.96 -39.35
N ASN A 167 16.55 18.75 -38.05
CA ASN A 167 15.69 17.86 -37.25
C ASN A 167 14.51 18.61 -36.63
N ASP A 168 13.29 18.13 -36.90
CA ASP A 168 12.08 18.85 -36.47
C ASP A 168 11.88 18.96 -34.96
N ALA A 169 12.29 17.93 -34.22
CA ALA A 169 12.13 17.94 -32.77
C ALA A 169 12.98 19.05 -32.12
N TRP A 170 14.20 19.23 -32.62
CA TRP A 170 15.11 20.26 -32.10
C TRP A 170 14.67 21.68 -32.46
N ARG A 171 14.29 21.88 -33.72
CA ARG A 171 13.75 23.17 -34.17
C ARG A 171 12.62 23.65 -33.26
N LEU A 172 11.70 22.72 -32.96
CA LEU A 172 10.58 22.95 -32.04
C LEU A 172 11.02 23.16 -30.61
N PHE A 173 12.02 22.39 -30.18
CA PHE A 173 12.58 22.52 -28.86
C PHE A 173 13.06 23.96 -28.65
N GLN A 174 13.85 24.47 -29.61
CA GLN A 174 14.41 25.82 -29.52
C GLN A 174 13.42 26.94 -29.81
N LEU A 175 12.39 26.65 -30.61
CA LEU A 175 11.36 27.64 -30.91
C LEU A 175 10.49 27.97 -29.69
N GLU A 176 10.25 26.97 -28.85
CA GLU A 176 9.55 27.23 -27.59
C GLU A 176 10.30 28.31 -26.80
N LYS A 177 11.61 28.13 -26.65
CA LYS A 177 12.44 29.08 -25.93
C LYS A 177 12.52 30.46 -26.61
N ALA A 178 12.44 30.48 -27.93
CA ALA A 178 12.51 31.74 -28.66
C ALA A 178 11.20 32.53 -28.58
N THR A 179 10.16 31.94 -27.99
CA THR A 179 8.85 32.60 -27.91
C THR A 179 8.40 32.89 -26.48
N GLY A 180 9.26 32.64 -25.51
CA GLY A 180 9.04 33.05 -24.13
C GLY A 180 9.82 34.32 -23.87
N ASN A 181 9.86 34.76 -22.61
CA ASN A 181 10.62 35.95 -22.23
C ASN A 181 12.08 35.89 -22.77
N PRO A 182 12.50 36.87 -23.59
CA PRO A 182 13.88 36.84 -24.09
C PRO A 182 14.91 37.09 -22.99
N LYS A 183 14.45 37.68 -21.89
CA LYS A 183 15.28 38.01 -20.72
C LYS A 183 15.61 36.79 -19.88
N HIS A 184 14.71 35.79 -19.93
CA HIS A 184 14.84 34.55 -19.18
C HIS A 184 15.98 33.67 -19.71
N PRO A 185 16.75 33.04 -18.79
CA PRO A 185 17.81 32.11 -19.23
C PRO A 185 17.27 30.93 -20.05
N PHE A 186 15.96 30.75 -20.04
CA PHE A 186 15.30 29.74 -20.85
C PHE A 186 15.54 29.93 -22.34
N SER A 187 15.62 31.19 -22.77
CA SER A 187 15.77 31.51 -24.19
C SER A 187 17.16 31.17 -24.75
N LYS A 188 18.08 30.73 -23.90
CA LYS A 188 19.46 30.51 -24.32
C LYS A 188 19.60 29.36 -25.32
N PHE A 189 20.54 29.52 -26.25
CA PHE A 189 20.88 28.46 -27.19
C PHE A 189 21.92 27.59 -26.50
N GLY A 190 21.53 26.36 -26.18
CA GLY A 190 22.35 25.50 -25.32
C GLY A 190 23.42 24.67 -26.00
N THR A 191 23.22 24.35 -27.27
CA THR A 191 24.18 23.51 -27.97
C THR A 191 25.46 24.28 -28.29
N GLY A 192 25.32 25.50 -28.80
CA GLY A 192 26.46 26.25 -29.29
C GLY A 192 26.95 25.69 -30.61
N ASN A 193 27.57 26.56 -31.40
CA ASN A 193 28.19 26.17 -32.64
C ASN A 193 29.48 26.95 -32.77
N LYS A 194 30.15 26.77 -33.91
CA LYS A 194 31.42 27.43 -34.17
C LYS A 194 31.32 28.96 -34.17
N TYR A 195 30.13 29.47 -34.44
CA TYR A 195 29.98 30.90 -34.47
C TYR A 195 30.06 31.42 -33.05
N THR A 196 29.24 30.83 -32.18
CA THR A 196 29.07 31.34 -30.84
C THR A 196 30.28 31.04 -29.99
N LEU A 197 30.91 29.88 -30.25
CA LEU A 197 32.02 29.43 -29.42
C LEU A 197 33.38 29.90 -29.90
N GLU A 198 33.46 30.33 -31.16
CA GLU A 198 34.75 30.76 -31.65
C GLU A 198 34.70 32.06 -32.41
N THR A 199 33.85 32.09 -33.44
CA THR A 199 33.86 33.17 -34.40
C THR A 199 33.34 34.47 -33.82
N ARG A 200 32.28 34.37 -33.02
CA ARG A 200 31.72 35.57 -32.41
C ARG A 200 32.70 36.14 -31.41
N PRO A 201 33.20 35.30 -30.47
CA PRO A 201 34.11 35.74 -29.43
C PRO A 201 35.45 36.32 -29.91
N ASN A 202 36.07 35.74 -30.94
CA ASN A 202 37.30 36.31 -31.52
C ASN A 202 37.07 37.73 -32.02
N GLN A 203 35.87 37.98 -32.51
CA GLN A 203 35.50 39.30 -32.98
C GLN A 203 35.28 40.24 -31.80
N GLU A 204 34.56 39.75 -30.78
CA GLU A 204 34.28 40.53 -29.57
C GLU A 204 35.49 40.61 -28.63
N GLY A 205 36.59 39.98 -29.03
CA GLY A 205 37.87 40.04 -28.30
C GLY A 205 37.94 39.17 -27.06
N ILE A 206 37.28 38.02 -27.10
CA ILE A 206 37.19 37.13 -25.94
C ILE A 206 38.11 35.92 -26.07
N ASP A 207 38.83 35.60 -24.98
CA ASP A 207 39.64 34.38 -24.94
C ASP A 207 38.78 33.24 -24.41
N VAL A 208 38.45 32.30 -25.30
CA VAL A 208 37.51 31.23 -24.95
C VAL A 208 38.09 30.29 -23.90
N ARG A 209 39.35 29.90 -24.06
CA ARG A 209 40.05 29.06 -23.09
C ARG A 209 39.97 29.65 -21.68
N GLN A 210 40.18 30.96 -21.58
CA GLN A 210 40.09 31.66 -20.31
C GLN A 210 38.69 31.47 -19.73
N GLU A 211 37.67 31.73 -20.54
CA GLU A 211 36.27 31.62 -20.12
C GLU A 211 35.88 30.19 -19.78
N LEU A 212 36.43 29.23 -20.51
CA LEU A 212 36.28 27.83 -20.14
C LEU A 212 36.79 27.60 -18.73
N LEU A 213 38.01 28.08 -18.48
CA LEU A 213 38.67 27.89 -17.19
C LEU A 213 37.97 28.65 -16.08
N LYS A 214 37.55 29.86 -16.40
CA LYS A 214 36.85 30.73 -15.47
C LYS A 214 35.54 30.07 -15.07
N PHE A 215 34.91 29.41 -16.03
CA PHE A 215 33.62 28.76 -15.84
C PHE A 215 33.78 27.50 -15.01
N HIS A 216 34.75 26.66 -15.38
CA HIS A 216 35.04 25.43 -14.65
C HIS A 216 35.29 25.70 -13.17
N SER A 217 36.08 26.72 -12.87
CA SER A 217 36.41 27.02 -11.49
C SER A 217 35.26 27.70 -10.78
N ALA A 218 34.52 28.56 -11.47
CA ALA A 218 33.39 29.23 -10.83
C ALA A 218 32.26 28.26 -10.45
N TYR A 219 32.07 27.22 -11.26
CA TYR A 219 30.88 26.37 -11.15
C TYR A 219 31.13 24.89 -10.86
N TYR A 220 32.23 24.34 -11.33
CA TYR A 220 32.55 22.95 -11.03
C TYR A 220 33.06 22.84 -9.58
N SER A 221 32.14 23.01 -8.64
CA SER A 221 32.43 22.96 -7.22
C SER A 221 31.81 21.72 -6.57
N SER A 222 32.47 21.23 -5.52
CA SER A 222 32.06 20.00 -4.87
C SER A 222 30.70 20.05 -4.18
N ASN A 223 30.27 21.22 -3.70
CA ASN A 223 28.96 21.35 -3.04
C ASN A 223 27.81 21.06 -4.00
N LEU A 224 28.11 21.12 -5.29
CA LEU A 224 27.14 20.93 -6.36
C LEU A 224 27.36 19.63 -7.13
N MET A 225 28.08 18.69 -6.52
CA MET A 225 28.42 17.46 -7.22
C MET A 225 27.87 16.24 -6.50
N ALA A 226 27.30 15.32 -7.27
CA ALA A 226 26.96 14.00 -6.75
C ALA A 226 27.82 12.96 -7.48
N VAL A 227 28.21 11.90 -6.76
CA VAL A 227 29.02 10.84 -7.36
C VAL A 227 28.46 9.46 -7.05
N VAL A 228 28.46 8.57 -8.04
CA VAL A 228 28.07 7.18 -7.84
C VAL A 228 29.14 6.22 -8.37
N VAL A 229 29.55 5.30 -7.51
CA VAL A 229 30.53 4.28 -7.88
C VAL A 229 30.00 2.89 -7.52
N LEU A 230 30.17 1.97 -8.46
CA LEU A 230 29.72 0.60 -8.34
C LEU A 230 30.85 -0.32 -8.74
N GLY A 231 31.08 -1.35 -7.94
CA GLY A 231 32.10 -2.35 -8.26
C GLY A 231 31.99 -3.60 -7.42
N ARG A 232 32.92 -4.52 -7.64
CA ARG A 232 33.01 -5.76 -6.85
C ARG A 232 33.55 -5.51 -5.45
N GLU A 233 34.39 -4.48 -5.33
CA GLU A 233 34.99 -4.12 -4.05
C GLU A 233 33.91 -3.87 -3.01
N SER A 234 34.25 -4.11 -1.75
CA SER A 234 33.28 -4.04 -0.67
C SER A 234 32.98 -2.60 -0.31
N LEU A 235 31.91 -2.40 0.48
CA LEU A 235 31.52 -1.04 0.86
C LEU A 235 32.60 -0.24 1.61
N ASP A 236 33.40 -0.90 2.44
CA ASP A 236 34.53 -0.22 3.11
C ASP A 236 35.63 0.14 2.11
N ASP A 237 36.06 -0.82 1.29
CA ASP A 237 37.06 -0.56 0.24
C ASP A 237 36.65 0.60 -0.66
N LEU A 238 35.39 0.61 -1.08
CA LEU A 238 34.88 1.64 -1.98
C LEU A 238 34.87 3.02 -1.32
N THR A 239 34.37 3.08 -0.08
CA THR A 239 34.36 4.31 0.71
C THR A 239 35.75 4.94 0.76
N ASN A 240 36.78 4.10 0.91
CA ASN A 240 38.17 4.56 0.93
C ASN A 240 38.62 5.07 -0.44
N LEU A 241 38.21 4.35 -1.48
CA LEU A 241 38.55 4.67 -2.86
C LEU A 241 38.02 6.03 -3.32
N VAL A 242 36.78 6.35 -2.95
CA VAL A 242 36.21 7.67 -3.31
C VAL A 242 36.81 8.85 -2.53
N VAL A 243 36.99 8.71 -1.22
CA VAL A 243 37.62 9.79 -0.43
C VAL A 243 39.06 10.01 -0.87
N LYS A 244 39.77 8.92 -1.18
CA LYS A 244 41.09 9.02 -1.77
C LYS A 244 41.04 9.98 -2.97
N LEU A 245 40.03 9.82 -3.81
CA LEU A 245 40.06 10.47 -5.12
C LEU A 245 39.24 11.75 -5.30
N PHE A 246 38.37 12.05 -4.34
CA PHE A 246 37.40 13.13 -4.54
C PHE A 246 37.27 14.18 -3.43
N SER A 247 37.73 13.87 -2.21
CA SER A 247 37.66 14.84 -1.12
C SER A 247 38.64 16.00 -1.32
N GLU A 248 39.55 15.84 -2.26
CA GLU A 248 40.49 16.87 -2.68
C GLU A 248 39.88 17.88 -3.67
N VAL A 249 38.59 17.73 -3.99
CA VAL A 249 37.90 18.69 -4.86
C VAL A 249 37.46 19.91 -4.06
N GLU A 250 37.82 21.11 -4.53
CA GLU A 250 37.49 22.35 -3.82
C GLU A 250 35.99 22.61 -3.70
N ASN A 251 35.60 23.23 -2.59
CA ASN A 251 34.23 23.68 -2.36
C ASN A 251 34.19 25.21 -2.42
N LYS A 252 33.66 25.76 -3.50
CA LYS A 252 33.60 27.21 -3.64
C LYS A 252 32.26 27.75 -3.17
N ASN A 253 31.51 26.85 -2.53
CA ASN A 253 30.23 27.18 -1.91
C ASN A 253 29.34 27.95 -2.86
N VAL A 254 29.04 27.34 -4.00
CA VAL A 254 28.30 28.02 -5.06
C VAL A 254 26.79 27.92 -4.80
N PRO A 255 26.11 29.08 -4.74
CA PRO A 255 24.66 29.00 -4.55
C PRO A 255 23.98 28.39 -5.79
N LEU A 256 23.12 27.39 -5.55
CA LEU A 256 22.43 26.67 -6.60
C LEU A 256 21.41 27.56 -7.33
N PRO A 257 21.51 27.68 -8.68
CA PRO A 257 20.65 28.64 -9.36
C PRO A 257 19.17 28.29 -9.28
N GLU A 258 18.34 29.31 -9.13
CA GLU A 258 16.90 29.13 -9.00
C GLU A 258 16.27 30.02 -10.04
N PHE A 259 15.20 29.56 -10.67
CA PHE A 259 14.53 30.34 -11.71
C PHE A 259 13.07 30.52 -11.33
N PRO A 260 12.80 31.39 -10.33
CA PRO A 260 11.45 31.43 -9.74
C PRO A 260 10.40 31.96 -10.72
N GLU A 261 10.82 32.84 -11.62
CA GLU A 261 9.94 33.42 -12.64
C GLU A 261 9.79 32.48 -13.84
N HIS A 262 8.56 32.28 -14.28
CA HIS A 262 8.30 31.43 -15.43
C HIS A 262 8.73 32.14 -16.71
N PRO A 263 9.36 31.42 -17.66
CA PRO A 263 9.68 32.07 -18.93
C PRO A 263 8.42 32.50 -19.68
N PHE A 264 7.28 31.92 -19.32
CA PHE A 264 6.01 32.31 -19.91
C PHE A 264 5.19 33.18 -18.97
N GLN A 265 5.16 34.47 -19.27
CA GLN A 265 4.39 35.47 -18.51
C GLN A 265 3.08 35.81 -19.22
N GLU A 266 2.37 36.81 -18.71
CA GLU A 266 1.07 37.25 -19.23
C GLU A 266 0.98 37.40 -20.76
N GLU A 267 1.94 38.11 -21.36
CA GLU A 267 1.93 38.37 -22.81
C GLU A 267 2.33 37.15 -23.65
N HIS A 268 2.80 36.09 -22.98
CA HIS A 268 3.21 34.87 -23.66
C HIS A 268 2.12 33.78 -23.68
N LEU A 269 0.99 34.06 -23.05
CA LEU A 269 -0.14 33.13 -23.02
C LEU A 269 -1.19 33.61 -24.02
N LYS A 270 -2.17 32.74 -24.31
CA LYS A 270 -3.19 32.97 -25.35
C LYS A 270 -2.59 33.22 -26.73
N GLN A 271 -1.48 32.56 -27.00
CA GLN A 271 -0.76 32.71 -28.25
C GLN A 271 -0.87 31.47 -29.11
N LEU A 272 -0.85 31.68 -30.42
CA LEU A 272 -0.95 30.60 -31.40
C LEU A 272 0.27 30.64 -32.29
N TYR A 273 0.89 29.48 -32.51
CA TYR A 273 2.08 29.40 -33.35
C TYR A 273 1.84 28.49 -34.54
N LYS A 274 2.03 29.05 -35.73
CA LYS A 274 1.91 28.27 -36.95
C LYS A 274 3.30 28.04 -37.52
N ILE A 275 3.71 26.77 -37.56
CA ILE A 275 5.10 26.41 -37.87
C ILE A 275 5.21 25.49 -39.08
N VAL A 276 6.16 25.80 -39.94
CA VAL A 276 6.53 24.94 -41.06
C VAL A 276 7.56 23.92 -40.60
N PRO A 277 7.25 22.62 -40.75
CA PRO A 277 8.20 21.57 -40.42
C PRO A 277 9.16 21.29 -41.58
N ILE A 278 10.17 20.48 -41.35
CA ILE A 278 11.00 19.98 -42.45
C ILE A 278 10.33 18.75 -43.07
N LYS A 279 9.99 17.78 -42.23
CA LYS A 279 9.25 16.59 -42.66
C LYS A 279 7.79 16.95 -42.93
N ASP A 280 7.11 16.11 -43.70
CA ASP A 280 5.66 16.22 -43.85
C ASP A 280 4.98 15.59 -42.62
N ILE A 281 4.79 16.42 -41.60
CA ILE A 281 4.13 16.01 -40.37
C ILE A 281 3.10 17.06 -39.97
N ARG A 282 2.04 16.62 -39.31
CA ARG A 282 1.03 17.53 -38.79
C ARG A 282 0.88 17.26 -37.30
N ASN A 283 1.30 18.19 -36.46
CA ASN A 283 1.05 18.07 -35.01
C ASN A 283 0.42 19.30 -34.38
N LEU A 284 -0.21 19.07 -33.24
CA LEU A 284 -0.75 20.13 -32.40
C LEU A 284 -0.13 20.05 -31.00
N TYR A 285 0.54 21.13 -30.60
CA TYR A 285 1.22 21.20 -29.30
C TYR A 285 0.50 22.19 -28.41
N VAL A 286 -0.07 21.69 -27.32
CA VAL A 286 -0.78 22.51 -26.33
C VAL A 286 0.02 22.51 -25.03
N THR A 287 0.27 23.70 -24.49
CA THR A 287 1.17 23.87 -23.35
C THR A 287 0.55 24.78 -22.30
N PHE A 288 0.74 24.42 -21.04
CA PHE A 288 0.31 25.23 -19.91
C PHE A 288 1.52 25.45 -19.05
N PRO A 289 1.78 26.71 -18.67
CA PRO A 289 2.84 26.92 -17.69
C PRO A 289 2.37 26.53 -16.29
N ILE A 290 3.26 25.95 -15.49
CA ILE A 290 2.95 25.59 -14.10
C ILE A 290 4.15 25.80 -13.18
N PRO A 291 3.90 25.92 -11.86
CA PRO A 291 4.91 25.92 -10.80
C PRO A 291 5.77 24.66 -10.81
N ASP A 292 6.97 24.76 -10.26
CA ASP A 292 7.83 23.61 -10.12
C ASP A 292 7.18 22.60 -9.16
N LEU A 293 6.65 21.52 -9.71
CA LEU A 293 6.00 20.48 -8.91
C LEU A 293 6.99 19.55 -8.19
N GLN A 294 8.28 19.71 -8.48
CA GLN A 294 9.30 18.82 -7.93
C GLN A 294 9.15 18.56 -6.43
N LYS A 295 8.84 19.60 -5.66
CA LYS A 295 8.80 19.47 -4.21
C LYS A 295 7.68 18.55 -3.70
N TYR A 296 6.60 18.42 -4.48
CA TYR A 296 5.50 17.54 -4.11
C TYR A 296 5.69 16.10 -4.56
N TYR A 297 6.94 15.69 -4.77
CA TYR A 297 7.24 14.41 -5.43
C TYR A 297 6.49 13.19 -4.87
N LYS A 298 6.23 13.18 -3.57
CA LYS A 298 5.58 12.04 -2.94
C LYS A 298 4.08 11.99 -3.22
N SER A 299 3.50 13.12 -3.62
CA SER A 299 2.14 13.13 -4.16
C SER A 299 2.12 12.91 -5.67
N ASN A 300 3.05 13.55 -6.37
CA ASN A 300 3.03 13.63 -7.84
C ASN A 300 1.68 14.05 -8.39
N PRO A 301 1.20 15.26 -8.04
CA PRO A 301 -0.08 15.68 -8.61
C PRO A 301 -0.06 15.68 -10.14
N GLY A 302 1.10 16.00 -10.72
CA GLY A 302 1.31 15.95 -12.17
C GLY A 302 1.28 14.56 -12.78
N HIS A 303 1.89 13.58 -12.11
CA HIS A 303 1.80 12.21 -12.58
C HIS A 303 0.35 11.76 -12.65
N TYR A 304 -0.43 12.15 -11.65
CA TYR A 304 -1.85 11.77 -11.57
C TYR A 304 -2.70 12.39 -12.69
N LEU A 305 -2.47 13.66 -12.99
CA LEU A 305 -3.22 14.31 -14.06
C LEU A 305 -2.75 13.86 -15.45
N GLY A 306 -1.48 13.53 -15.57
CA GLY A 306 -0.92 13.05 -16.82
C GLY A 306 -1.43 11.66 -17.13
N HIS A 307 -1.51 10.82 -16.11
CA HIS A 307 -2.02 9.46 -16.25
C HIS A 307 -3.43 9.45 -16.86
N LEU A 308 -4.26 10.39 -16.43
CA LEU A 308 -5.65 10.46 -16.89
C LEU A 308 -5.80 11.14 -18.24
N ILE A 309 -5.27 12.36 -18.35
CA ILE A 309 -5.28 13.09 -19.62
C ILE A 309 -4.56 12.27 -20.69
N GLY A 310 -3.52 11.54 -20.30
CA GLY A 310 -2.75 10.73 -21.24
C GLY A 310 -3.30 9.36 -21.51
N HIS A 311 -4.36 8.96 -20.78
CA HIS A 311 -4.93 7.63 -20.93
C HIS A 311 -5.41 7.35 -22.35
N GLU A 312 -5.33 6.09 -22.76
CA GLU A 312 -5.74 5.65 -24.09
C GLU A 312 -6.85 4.57 -24.08
N GLY A 313 -7.43 4.33 -22.91
CA GLY A 313 -8.47 3.31 -22.75
C GLY A 313 -9.86 3.84 -23.05
N PRO A 314 -10.90 2.99 -22.95
CA PRO A 314 -12.29 3.41 -23.21
C PRO A 314 -12.69 4.73 -22.54
N GLY A 315 -13.33 5.61 -23.31
CA GLY A 315 -13.83 6.88 -22.79
C GLY A 315 -12.77 7.93 -22.51
N SER A 316 -11.52 7.68 -22.92
CA SER A 316 -10.43 8.64 -22.75
C SER A 316 -10.52 9.74 -23.82
N LEU A 317 -9.82 10.84 -23.58
CA LEU A 317 -9.73 11.93 -24.55
C LEU A 317 -9.23 11.42 -25.90
N LEU A 318 -8.17 10.61 -25.89
CA LEU A 318 -7.65 10.03 -27.11
C LEU A 318 -8.72 9.28 -27.89
N SER A 319 -9.46 8.39 -27.21
CA SER A 319 -10.46 7.54 -27.86
C SER A 319 -11.50 8.32 -28.65
N GLU A 320 -12.06 9.35 -28.04
CA GLU A 320 -13.03 10.19 -28.76
C GLU A 320 -12.37 10.95 -29.90
N LEU A 321 -11.18 11.50 -29.68
CA LEU A 321 -10.48 12.25 -30.73
C LEU A 321 -10.12 11.37 -31.93
N LYS A 322 -9.84 10.10 -31.63
CA LYS A 322 -9.58 9.10 -32.64
C LYS A 322 -10.86 8.72 -33.38
N SER A 323 -11.97 8.62 -32.64
CA SER A 323 -13.26 8.27 -33.24
C SER A 323 -13.78 9.36 -34.16
N LYS A 324 -13.58 10.62 -33.77
CA LYS A 324 -13.88 11.75 -34.63
C LYS A 324 -12.99 11.73 -35.90
N GLY A 325 -11.94 10.92 -35.83
CA GLY A 325 -10.99 10.78 -36.94
C GLY A 325 -10.01 11.93 -37.02
N TRP A 326 -9.74 12.58 -35.89
CA TRP A 326 -8.90 13.78 -35.86
C TRP A 326 -7.43 13.58 -35.50
N VAL A 327 -7.16 12.66 -34.57
CA VAL A 327 -5.80 12.38 -34.12
C VAL A 327 -5.53 10.88 -34.16
N ASN A 328 -4.26 10.49 -34.09
CA ASN A 328 -3.87 9.09 -33.96
C ASN A 328 -3.23 8.77 -32.62
N THR A 329 -2.32 9.66 -32.21
CA THR A 329 -1.54 9.52 -30.99
C THR A 329 -1.69 10.78 -30.10
N LEU A 330 -1.53 10.59 -28.79
CA LEU A 330 -1.63 11.68 -27.82
C LEU A 330 -0.61 11.51 -26.70
N VAL A 331 0.14 12.56 -26.39
CA VAL A 331 1.03 12.55 -25.22
C VAL A 331 0.60 13.66 -24.27
N GLY A 332 0.43 13.31 -22.99
CA GLY A 332 -0.02 14.28 -21.99
C GLY A 332 0.70 14.14 -20.66
N GLY A 333 0.84 15.24 -19.93
CA GLY A 333 1.48 15.19 -18.62
C GLY A 333 2.45 16.31 -18.37
N GLN A 334 3.29 16.13 -17.35
CA GLN A 334 4.20 17.16 -16.91
C GLN A 334 5.55 17.06 -17.63
N LYS A 335 6.05 18.20 -18.09
CA LYS A 335 7.35 18.29 -18.74
C LYS A 335 8.24 19.14 -17.83
N GLU A 336 9.47 18.68 -17.62
CA GLU A 336 10.45 19.45 -16.83
C GLU A 336 10.80 20.78 -17.47
N GLY A 337 11.21 21.72 -16.63
CA GLY A 337 11.70 23.02 -17.07
C GLY A 337 13.01 23.28 -16.37
N ALA A 338 12.94 23.91 -15.21
CA ALA A 338 14.08 23.99 -14.29
C ALA A 338 13.57 24.17 -12.86
N ARG A 339 14.49 24.27 -11.90
CA ARG A 339 14.11 24.61 -10.53
C ARG A 339 13.35 25.93 -10.55
N GLY A 340 12.05 25.85 -10.30
CA GLY A 340 11.21 27.05 -10.25
C GLY A 340 10.09 27.13 -11.28
N PHE A 341 10.18 26.33 -12.35
CA PHE A 341 9.13 26.29 -13.38
C PHE A 341 9.05 24.96 -14.13
N MET A 342 7.84 24.63 -14.54
CA MET A 342 7.53 23.41 -15.26
C MET A 342 6.45 23.65 -16.30
N PHE A 343 6.09 22.59 -17.02
CA PHE A 343 5.06 22.67 -18.03
C PHE A 343 4.10 21.51 -17.90
N PHE A 344 2.87 21.74 -18.31
CA PHE A 344 1.96 20.65 -18.56
C PHE A 344 1.65 20.71 -20.03
N ILE A 345 1.72 19.56 -20.68
CA ILE A 345 1.49 19.50 -22.12
C ILE A 345 0.47 18.44 -22.53
N ILE A 346 -0.24 18.72 -23.61
CA ILE A 346 -1.08 17.76 -24.32
C ILE A 346 -0.74 17.89 -25.80
N ASN A 347 -0.14 16.84 -26.35
CA ASN A 347 0.32 16.86 -27.74
C ASN A 347 -0.34 15.77 -28.56
N VAL A 348 -0.75 16.12 -29.77
CA VAL A 348 -1.40 15.17 -30.69
C VAL A 348 -0.82 15.32 -32.09
N ASP A 349 -0.79 14.22 -32.85
CA ASP A 349 -0.58 14.33 -34.28
C ASP A 349 -1.95 14.57 -34.91
N LEU A 350 -1.98 15.03 -36.16
CA LEU A 350 -3.25 15.36 -36.79
C LEU A 350 -3.45 14.62 -38.09
N THR A 351 -4.69 14.20 -38.32
CA THR A 351 -5.10 13.69 -39.61
C THR A 351 -5.38 14.91 -40.47
N GLU A 352 -5.66 14.70 -41.76
CA GLU A 352 -6.00 15.80 -42.66
C GLU A 352 -7.22 16.55 -42.17
N GLU A 353 -8.23 15.77 -41.78
CA GLU A 353 -9.46 16.28 -41.18
C GLU A 353 -9.15 17.03 -39.89
N GLY A 354 -8.34 16.41 -39.03
CA GLY A 354 -7.90 16.98 -37.75
C GLY A 354 -7.29 18.37 -37.89
N LEU A 355 -6.44 18.55 -38.89
CA LEU A 355 -5.83 19.86 -39.17
C LEU A 355 -6.87 20.95 -39.40
N LEU A 356 -7.97 20.61 -40.07
CA LEU A 356 -9.06 21.55 -40.29
C LEU A 356 -9.90 21.82 -39.05
N HIS A 357 -9.75 20.96 -38.04
CA HIS A 357 -10.63 20.99 -36.88
C HIS A 357 -9.87 21.20 -35.57
N VAL A 358 -8.86 22.07 -35.57
CA VAL A 358 -8.03 22.31 -34.38
C VAL A 358 -8.81 22.94 -33.23
N GLU A 359 -9.61 23.96 -33.53
CA GLU A 359 -10.45 24.59 -32.53
C GLU A 359 -11.26 23.54 -31.75
N ASP A 360 -11.88 22.61 -32.48
CA ASP A 360 -12.71 21.55 -31.87
C ASP A 360 -11.89 20.55 -31.05
N ILE A 361 -10.73 20.14 -31.57
CA ILE A 361 -9.85 19.23 -30.85
C ILE A 361 -9.54 19.81 -29.48
N ILE A 362 -9.18 21.09 -29.47
CA ILE A 362 -8.86 21.78 -28.23
C ILE A 362 -10.06 21.93 -27.30
N LEU A 363 -11.24 22.25 -27.86
CA LEU A 363 -12.48 22.25 -27.08
C LEU A 363 -12.63 20.91 -26.36
N HIS A 364 -12.42 19.82 -27.08
CA HIS A 364 -12.50 18.49 -26.48
C HIS A 364 -11.52 18.32 -25.34
N MET A 365 -10.30 18.81 -25.52
CA MET A 365 -9.31 18.76 -24.46
C MET A 365 -9.86 19.38 -23.19
N PHE A 366 -10.41 20.58 -23.30
CA PHE A 366 -10.93 21.30 -22.15
C PHE A 366 -12.21 20.67 -21.58
N GLN A 367 -12.96 19.98 -22.43
CA GLN A 367 -14.11 19.24 -21.93
C GLN A 367 -13.66 18.09 -21.06
N TYR A 368 -12.54 17.46 -21.41
CA TYR A 368 -12.03 16.36 -20.61
C TYR A 368 -11.47 16.84 -19.29
N ILE A 369 -10.81 17.99 -19.31
CA ILE A 369 -10.32 18.62 -18.11
C ILE A 369 -11.50 19.00 -17.22
N GLN A 370 -12.59 19.46 -17.83
CA GLN A 370 -13.83 19.77 -17.10
C GLN A 370 -14.43 18.57 -16.39
N LYS A 371 -14.39 17.42 -17.06
CA LYS A 371 -14.87 16.18 -16.47
C LYS A 371 -14.09 15.89 -15.17
N LEU A 372 -12.78 16.11 -15.19
CA LEU A 372 -11.96 15.90 -14.00
C LEU A 372 -12.33 16.86 -12.87
N ARG A 373 -12.55 18.13 -13.21
CA ARG A 373 -13.02 19.12 -12.24
C ARG A 373 -14.31 18.69 -11.57
N ALA A 374 -15.28 18.24 -12.37
CA ALA A 374 -16.61 17.86 -11.87
C ALA A 374 -16.68 16.53 -11.09
N GLU A 375 -15.59 15.76 -11.10
CA GLU A 375 -15.56 14.50 -10.36
C GLU A 375 -14.63 14.63 -9.18
N GLY A 376 -13.67 15.55 -9.29
CA GLY A 376 -12.65 15.72 -8.28
C GLY A 376 -11.75 14.50 -8.17
N PRO A 377 -10.58 14.66 -7.54
CA PRO A 377 -9.54 13.62 -7.46
C PRO A 377 -10.10 12.27 -7.06
N GLN A 378 -9.65 11.22 -7.76
CA GLN A 378 -10.14 9.87 -7.49
C GLN A 378 -9.06 9.10 -6.78
N GLU A 379 -9.32 8.76 -5.51
CA GLU A 379 -8.32 8.13 -4.65
C GLU A 379 -7.92 6.73 -5.12
N TRP A 380 -8.89 6.00 -5.68
CA TRP A 380 -8.65 4.63 -6.11
C TRP A 380 -7.70 4.61 -7.30
N VAL A 381 -7.78 5.66 -8.11
CA VAL A 381 -6.85 5.85 -9.21
C VAL A 381 -5.43 6.01 -8.67
N PHE A 382 -5.26 6.96 -7.74
CA PHE A 382 -3.98 7.15 -7.09
C PHE A 382 -3.47 5.85 -6.47
N GLN A 383 -4.35 5.16 -5.74
CA GLN A 383 -4.01 3.90 -5.09
C GLN A 383 -3.60 2.84 -6.11
N GLU A 384 -4.29 2.81 -7.26
CA GLU A 384 -3.93 1.88 -8.32
C GLU A 384 -2.51 2.13 -8.83
N LEU A 385 -2.14 3.41 -8.96
CA LEU A 385 -0.81 3.80 -9.43
C LEU A 385 0.27 3.51 -8.40
N LYS A 386 -0.07 3.71 -7.13
CA LYS A 386 0.83 3.42 -6.03
C LYS A 386 1.22 1.94 -6.03
N ASP A 387 0.21 1.08 -6.08
CA ASP A 387 0.38 -0.37 -6.01
C ASP A 387 1.09 -0.94 -7.23
N LEU A 388 0.87 -0.32 -8.39
CA LEU A 388 1.56 -0.72 -9.62
C LEU A 388 3.03 -0.37 -9.51
N ASN A 389 3.32 0.87 -9.12
CA ASN A 389 4.68 1.26 -8.77
C ASN A 389 5.31 0.34 -7.73
N ALA A 390 4.59 0.01 -6.66
CA ALA A 390 5.09 -0.93 -5.64
C ALA A 390 5.59 -2.23 -6.26
N VAL A 391 4.79 -2.80 -7.16
CA VAL A 391 5.13 -4.06 -7.83
C VAL A 391 6.27 -3.84 -8.82
N ALA A 392 6.16 -2.76 -9.61
CA ALA A 392 7.18 -2.42 -10.58
C ALA A 392 8.55 -2.37 -9.89
N PHE A 393 8.60 -1.64 -8.77
CA PHE A 393 9.83 -1.45 -8.01
C PHE A 393 10.35 -2.75 -7.39
N ARG A 394 9.43 -3.55 -6.85
CA ARG A 394 9.80 -4.83 -6.25
C ARG A 394 10.50 -5.72 -7.28
N PHE A 395 9.95 -5.78 -8.49
CA PHE A 395 10.37 -6.77 -9.47
C PHE A 395 11.19 -6.21 -10.63
N LYS A 396 11.71 -4.99 -10.45
CA LYS A 396 12.47 -4.30 -11.50
C LYS A 396 13.63 -5.14 -11.98
N ASP A 397 14.03 -4.94 -13.23
CA ASP A 397 15.16 -5.66 -13.80
C ASP A 397 16.45 -5.03 -13.31
N LYS A 398 17.48 -5.84 -13.13
CA LYS A 398 18.78 -5.30 -12.75
C LYS A 398 19.33 -4.53 -13.94
N GLU A 399 19.54 -3.23 -13.71
CA GLU A 399 20.01 -2.29 -14.73
C GLU A 399 21.47 -2.58 -15.07
N ARG A 400 21.92 -2.08 -16.21
CA ARG A 400 23.35 -2.09 -16.53
C ARG A 400 24.01 -1.02 -15.68
N PRO A 401 25.28 -1.24 -15.29
CA PRO A 401 25.96 -0.33 -14.39
C PRO A 401 26.08 1.09 -14.94
N ARG A 402 26.61 1.21 -16.16
CA ARG A 402 26.85 2.53 -16.77
C ARG A 402 25.64 3.47 -16.65
N GLY A 403 24.50 3.05 -17.19
CA GLY A 403 23.27 3.84 -17.11
C GLY A 403 22.74 4.05 -15.70
N TYR A 404 22.93 3.05 -14.82
CA TYR A 404 22.46 3.08 -13.43
C TYR A 404 23.21 4.10 -12.58
N THR A 405 24.54 4.08 -12.66
CA THR A 405 25.38 5.06 -11.94
C THR A 405 25.05 6.48 -12.38
N SER A 406 24.95 6.67 -13.70
CA SER A 406 24.59 7.95 -14.30
C SER A 406 23.23 8.48 -13.86
N LYS A 407 22.19 7.65 -14.01
CA LYS A 407 20.83 8.00 -13.59
C LYS A 407 20.82 8.44 -12.13
N ILE A 408 21.40 7.60 -11.28
CA ILE A 408 21.44 7.84 -9.83
C ILE A 408 22.23 9.10 -9.48
N ALA A 409 23.45 9.21 -10.00
CA ALA A 409 24.26 10.41 -9.83
C ALA A 409 23.42 11.67 -10.06
N GLY A 410 22.44 11.57 -10.94
CA GLY A 410 21.58 12.70 -11.26
C GLY A 410 20.53 13.01 -10.22
N ILE A 411 19.95 11.98 -9.62
CA ILE A 411 18.83 12.18 -8.71
C ILE A 411 19.25 12.31 -7.24
N LEU A 412 20.54 12.06 -7.00
CA LEU A 412 21.16 12.34 -5.71
C LEU A 412 21.02 13.80 -5.32
N HIS A 413 20.75 14.66 -6.30
CA HIS A 413 20.56 16.10 -6.08
C HIS A 413 19.15 16.49 -5.62
N TYR A 414 18.22 15.53 -5.64
CA TYR A 414 16.80 15.84 -5.40
C TYR A 414 16.22 15.12 -4.19
N TYR A 415 16.93 14.11 -3.70
CA TYR A 415 16.44 13.19 -2.65
C TYR A 415 17.52 12.82 -1.63
N PRO A 416 17.18 12.83 -0.31
CA PRO A 416 18.10 12.37 0.74
C PRO A 416 18.65 10.98 0.40
N LEU A 417 19.88 10.70 0.81
CA LEU A 417 20.62 9.51 0.33
C LEU A 417 19.94 8.15 0.55
N GLU A 418 19.06 8.08 1.55
CA GLU A 418 18.32 6.84 1.89
C GLU A 418 17.19 6.59 0.89
N GLU A 419 16.64 7.69 0.40
CA GLU A 419 15.46 7.66 -0.48
C GLU A 419 15.76 7.73 -1.99
N VAL A 420 17.02 7.58 -2.41
CA VAL A 420 17.35 7.74 -3.85
C VAL A 420 16.87 6.61 -4.75
N LEU A 421 16.93 5.38 -4.25
CA LEU A 421 16.58 4.22 -5.06
C LEU A 421 15.08 4.06 -5.18
N THR A 422 14.35 4.61 -4.23
CA THR A 422 12.90 4.51 -4.22
C THR A 422 12.23 5.75 -4.80
N ALA A 423 12.87 6.90 -4.59
CA ALA A 423 12.31 8.20 -5.00
C ALA A 423 11.54 8.17 -6.32
N GLU A 424 12.20 7.84 -7.43
CA GLU A 424 11.51 7.95 -8.71
C GLU A 424 10.65 6.72 -9.09
N TYR A 425 10.09 6.10 -8.06
CA TYR A 425 9.27 4.90 -8.20
C TYR A 425 8.07 4.94 -7.30
N LEU A 426 8.28 5.25 -6.03
CA LEU A 426 7.24 5.10 -5.02
C LEU A 426 6.54 6.42 -4.69
N LEU A 427 5.21 6.37 -4.66
CA LEU A 427 4.36 7.47 -4.24
C LEU A 427 3.84 7.13 -2.85
N GLU A 428 3.43 8.15 -2.10
CA GLU A 428 3.02 7.93 -0.72
C GLU A 428 1.66 8.53 -0.32
N GLU A 429 1.56 9.87 -0.26
CA GLU A 429 0.31 10.52 0.12
C GLU A 429 -0.53 10.89 -1.09
N PHE A 430 -1.80 10.52 -1.06
CA PHE A 430 -2.75 11.04 -2.02
C PHE A 430 -3.14 12.43 -1.55
N ARG A 431 -2.65 13.46 -2.22
CA ARG A 431 -3.04 14.81 -1.83
C ARG A 431 -3.96 15.49 -2.84
N PRO A 432 -5.29 15.29 -2.68
CA PRO A 432 -6.32 15.80 -3.59
C PRO A 432 -6.33 17.32 -3.74
N ASP A 433 -5.77 18.03 -2.78
CA ASP A 433 -5.73 19.49 -2.79
C ASP A 433 -4.72 20.06 -3.80
N LEU A 434 -3.61 19.34 -3.99
CA LEU A 434 -2.58 19.73 -4.96
C LEU A 434 -3.03 19.39 -6.36
N ILE A 435 -3.68 18.23 -6.48
CA ILE A 435 -4.30 17.83 -7.74
C ILE A 435 -5.24 18.94 -8.21
N GLU A 436 -6.11 19.41 -7.31
CA GLU A 436 -6.96 20.56 -7.59
C GLU A 436 -6.17 21.81 -7.94
N MET A 437 -5.05 22.03 -7.23
CA MET A 437 -4.20 23.20 -7.45
C MET A 437 -3.61 23.24 -8.86
N VAL A 438 -3.23 22.06 -9.37
CA VAL A 438 -2.62 21.94 -10.70
C VAL A 438 -3.68 22.00 -11.81
N LEU A 439 -4.76 21.24 -11.66
CA LEU A 439 -5.88 21.28 -12.60
C LEU A 439 -6.36 22.69 -12.85
N ASP A 440 -6.31 23.49 -11.79
CA ASP A 440 -6.72 24.88 -11.83
C ASP A 440 -5.88 25.74 -12.79
N LYS A 441 -4.64 25.32 -13.06
CA LYS A 441 -3.75 26.00 -14.01
C LYS A 441 -4.06 25.66 -15.48
N LEU A 442 -4.65 24.49 -15.68
CA LEU A 442 -5.04 24.03 -17.01
C LEU A 442 -6.34 24.69 -17.48
N ARG A 443 -6.26 25.98 -17.80
CA ARG A 443 -7.42 26.78 -18.28
C ARG A 443 -7.10 27.52 -19.59
N PRO A 444 -8.15 27.84 -20.39
CA PRO A 444 -7.97 28.55 -21.68
C PRO A 444 -7.11 29.82 -21.62
N GLU A 445 -7.29 30.64 -20.58
CA GLU A 445 -6.52 31.86 -20.39
C GLU A 445 -5.05 31.58 -20.09
N ASN A 446 -4.70 30.31 -19.93
CA ASN A 446 -3.36 29.90 -19.55
C ASN A 446 -2.60 29.17 -20.66
N VAL A 447 -3.12 29.21 -21.87
CA VAL A 447 -2.67 28.26 -22.89
C VAL A 447 -1.83 28.86 -24.03
N ARG A 448 -0.84 28.09 -24.45
CA ARG A 448 -0.08 28.37 -25.66
C ARG A 448 -0.37 27.24 -26.61
N VAL A 449 -0.67 27.57 -27.87
CA VAL A 449 -1.03 26.57 -28.86
C VAL A 449 -0.08 26.67 -30.03
N ALA A 450 0.41 25.52 -30.49
CA ALA A 450 1.28 25.48 -31.67
C ALA A 450 0.82 24.45 -32.70
N ILE A 451 0.79 24.85 -33.97
CA ILE A 451 0.40 23.96 -35.05
C ILE A 451 1.54 23.83 -36.06
N VAL A 452 1.86 22.58 -36.39
CA VAL A 452 2.95 22.29 -37.31
C VAL A 452 2.37 21.58 -38.54
N SER A 453 2.62 22.15 -39.73
CA SER A 453 2.02 21.64 -40.97
C SER A 453 2.68 22.26 -42.19
N LYS A 454 2.88 21.46 -43.23
CA LYS A 454 3.43 21.96 -44.49
C LYS A 454 2.54 22.99 -45.18
N SER A 455 1.28 23.09 -44.76
CA SER A 455 0.32 24.00 -45.36
C SER A 455 0.51 25.43 -44.88
N PHE A 456 1.56 25.69 -44.11
CA PHE A 456 1.88 27.05 -43.70
C PHE A 456 3.05 27.56 -44.53
N GLU A 457 3.57 26.71 -45.41
CA GLU A 457 4.64 27.09 -46.34
C GLU A 457 4.31 28.44 -46.99
N GLY A 458 5.22 29.41 -46.85
CA GLY A 458 5.05 30.75 -47.43
C GLY A 458 3.92 31.61 -46.88
N LYS A 459 3.28 31.18 -45.81
CA LYS A 459 2.24 31.97 -45.13
C LYS A 459 2.76 32.51 -43.80
N THR A 460 4.04 32.28 -43.52
CA THR A 460 4.67 32.66 -42.26
C THR A 460 5.52 33.89 -42.47
N ASP A 461 5.79 34.62 -41.38
CA ASP A 461 6.50 35.88 -41.46
C ASP A 461 7.64 36.07 -40.46
N ARG A 462 7.93 35.04 -39.66
CA ARG A 462 9.02 35.09 -38.69
C ARG A 462 10.00 33.96 -38.93
N THR A 463 11.26 34.18 -38.53
CA THR A 463 12.31 33.19 -38.68
C THR A 463 13.03 33.11 -37.34
N GLU A 464 13.27 31.91 -36.82
CA GLU A 464 14.01 31.83 -35.57
C GLU A 464 15.51 31.73 -35.85
N GLU A 465 16.27 32.59 -35.19
CA GLU A 465 17.73 32.75 -35.39
C GLU A 465 18.51 31.47 -35.64
N TRP A 466 18.43 30.54 -34.68
CA TRP A 466 19.39 29.44 -34.55
C TRP A 466 19.17 28.25 -35.46
N TYR A 467 17.92 28.07 -35.89
CA TYR A 467 17.56 26.93 -36.72
C TYR A 467 16.95 27.38 -38.04
N GLY A 468 16.48 28.63 -38.05
CA GLY A 468 15.86 29.20 -39.24
C GLY A 468 14.43 28.77 -39.42
N THR A 469 13.81 28.32 -38.34
CA THR A 469 12.43 27.80 -38.34
C THR A 469 11.42 28.87 -38.78
N GLN A 470 10.66 28.55 -39.83
CA GLN A 470 9.60 29.42 -40.36
C GLN A 470 8.36 29.35 -39.49
N TYR A 471 7.84 30.50 -39.06
CA TYR A 471 6.62 30.52 -38.23
C TYR A 471 5.85 31.86 -38.21
N LYS A 472 4.68 31.82 -37.57
CA LYS A 472 3.79 32.96 -37.39
C LYS A 472 3.27 32.96 -35.96
N GLN A 473 3.12 34.14 -35.39
CA GLN A 473 2.59 34.29 -34.04
C GLN A 473 1.32 35.13 -34.07
N GLU A 474 0.25 34.58 -33.51
CA GLU A 474 -1.03 35.27 -33.41
C GLU A 474 -1.54 35.20 -31.99
N ALA A 475 -2.27 36.24 -31.57
CA ALA A 475 -3.04 36.17 -30.34
C ALA A 475 -4.27 35.35 -30.66
N ILE A 476 -4.70 34.52 -29.72
CA ILE A 476 -5.91 33.73 -29.91
C ILE A 476 -7.12 34.66 -29.69
N PRO A 477 -8.04 34.72 -30.67
CA PRO A 477 -9.21 35.62 -30.55
C PRO A 477 -9.96 35.37 -29.24
N ASP A 478 -10.29 36.45 -28.53
CA ASP A 478 -10.96 36.34 -27.23
C ASP A 478 -12.23 35.50 -27.26
N GLU A 479 -12.99 35.63 -28.33
CA GLU A 479 -14.24 34.90 -28.48
C GLU A 479 -14.00 33.38 -28.61
N VAL A 480 -12.77 32.99 -28.97
CA VAL A 480 -12.35 31.58 -29.03
C VAL A 480 -11.94 31.06 -27.65
N ILE A 481 -11.19 31.89 -26.92
CA ILE A 481 -10.85 31.61 -25.52
C ILE A 481 -12.12 31.43 -24.72
N LYS A 482 -13.05 32.37 -24.93
CA LYS A 482 -14.34 32.36 -24.25
C LYS A 482 -15.09 31.04 -24.47
N LYS A 483 -15.15 30.57 -25.72
CA LYS A 483 -15.83 29.31 -26.03
C LYS A 483 -15.25 28.11 -25.28
N TRP A 484 -13.93 28.07 -25.15
CA TRP A 484 -13.24 27.00 -24.42
C TRP A 484 -13.48 27.08 -22.92
N GLN A 485 -13.56 28.29 -22.37
CA GLN A 485 -13.90 28.50 -20.95
C GLN A 485 -15.27 27.95 -20.56
N ASN A 486 -16.21 27.95 -21.51
CA ASN A 486 -17.55 27.41 -21.27
C ASN A 486 -17.69 25.93 -21.63
N ALA A 487 -16.57 25.24 -21.79
CA ALA A 487 -16.57 23.81 -22.15
C ALA A 487 -17.53 23.01 -21.26
N ASP A 488 -18.62 22.52 -21.85
CA ASP A 488 -19.57 21.70 -21.08
C ASP A 488 -19.10 20.25 -20.94
N LEU A 489 -19.96 19.39 -20.38
CA LEU A 489 -19.68 17.96 -20.20
C LEU A 489 -20.05 17.16 -21.44
N ASN A 490 -19.05 16.51 -22.02
CA ASN A 490 -19.23 15.65 -23.15
C ASN A 490 -19.41 14.22 -22.64
N GLY A 491 -20.60 13.64 -22.91
CA GLY A 491 -20.94 12.30 -22.43
C GLY A 491 -20.11 11.14 -22.98
N LYS A 492 -19.12 11.45 -23.81
CA LYS A 492 -18.24 10.42 -24.37
C LYS A 492 -16.96 10.26 -23.53
N PHE A 493 -16.80 11.13 -22.53
CA PHE A 493 -15.62 11.12 -21.65
C PHE A 493 -15.90 10.55 -20.28
N LYS A 494 -15.40 9.35 -20.04
CA LYS A 494 -15.53 8.68 -18.76
C LYS A 494 -14.13 8.45 -18.19
N LEU A 495 -14.02 8.29 -16.87
CA LEU A 495 -12.73 7.96 -16.28
C LEU A 495 -12.39 6.53 -16.65
N PRO A 496 -11.11 6.13 -16.52
CA PRO A 496 -10.83 4.73 -16.79
C PRO A 496 -11.51 3.82 -15.77
N THR A 497 -11.76 2.58 -16.17
CA THR A 497 -12.29 1.59 -15.27
C THR A 497 -11.10 0.90 -14.58
N LYS A 498 -11.37 0.14 -13.52
CA LYS A 498 -10.29 -0.51 -12.77
C LYS A 498 -9.45 -1.37 -13.69
N ASN A 499 -8.13 -1.26 -13.57
CA ASN A 499 -7.24 -1.97 -14.46
C ASN A 499 -7.25 -3.44 -14.15
N GLU A 500 -7.86 -4.23 -15.02
CA GLU A 500 -7.97 -5.65 -14.73
C GLU A 500 -6.76 -6.47 -15.20
N PHE A 501 -5.70 -5.79 -15.65
CA PHE A 501 -4.49 -6.49 -16.05
C PHE A 501 -3.42 -6.56 -14.97
N ILE A 502 -3.68 -5.92 -13.84
CA ILE A 502 -2.72 -5.91 -12.74
C ILE A 502 -2.36 -7.36 -12.38
N PRO A 503 -1.05 -7.70 -12.47
CA PRO A 503 -0.64 -9.04 -12.10
C PRO A 503 -0.82 -9.27 -10.61
N THR A 504 -1.33 -10.44 -10.23
CA THR A 504 -1.51 -10.77 -8.82
C THR A 504 -0.65 -11.95 -8.40
N ASN A 505 -0.38 -12.83 -9.36
CA ASN A 505 0.35 -14.07 -9.10
C ASN A 505 1.84 -13.97 -9.50
N PHE A 506 2.71 -13.87 -8.50
CA PHE A 506 4.16 -13.65 -8.72
C PHE A 506 4.99 -14.86 -8.37
N GLU A 507 4.32 -16.00 -8.21
CA GLU A 507 4.97 -17.22 -7.78
C GLU A 507 6.03 -17.64 -8.80
N ILE A 508 7.29 -17.66 -8.38
CA ILE A 508 8.33 -18.25 -9.21
C ILE A 508 8.23 -19.78 -9.12
N LEU A 509 7.95 -20.43 -10.24
CA LEU A 509 7.83 -21.89 -10.29
C LEU A 509 9.20 -22.55 -10.05
N PRO A 510 9.23 -23.65 -9.25
CA PRO A 510 10.48 -24.37 -9.00
C PRO A 510 11.17 -24.78 -10.29
N LEU A 511 12.50 -24.80 -10.27
CA LEU A 511 13.30 -25.22 -11.40
C LEU A 511 13.04 -26.71 -11.66
N GLU A 512 12.94 -27.09 -12.93
CA GLU A 512 12.54 -28.44 -13.34
C GLU A 512 13.72 -29.40 -13.37
N LYS A 513 13.46 -30.69 -13.13
CA LYS A 513 14.49 -31.74 -13.15
C LYS A 513 15.22 -31.82 -14.51
N GLU A 514 14.45 -31.74 -15.58
CA GLU A 514 15.00 -31.76 -16.94
C GLU A 514 15.18 -30.35 -17.55
N ALA A 515 15.69 -29.41 -16.75
CA ALA A 515 15.93 -28.04 -17.21
C ALA A 515 17.32 -27.87 -17.84
N THR A 516 17.39 -27.12 -18.94
CA THR A 516 18.63 -26.92 -19.71
C THR A 516 19.26 -25.54 -19.51
N PRO A 517 20.62 -25.44 -19.57
CA PRO A 517 21.32 -24.15 -19.51
C PRO A 517 20.99 -23.23 -20.68
N TYR A 518 20.84 -23.84 -21.86
CA TYR A 518 20.48 -23.15 -23.09
C TYR A 518 19.09 -23.60 -23.52
N PRO A 519 18.50 -22.95 -24.54
CA PRO A 519 17.16 -23.34 -24.99
C PRO A 519 17.16 -24.70 -25.68
N ALA A 520 16.24 -25.56 -25.28
CA ALA A 520 16.09 -26.85 -25.91
C ALA A 520 15.00 -26.78 -26.99
N LEU A 521 15.22 -27.48 -28.10
CA LEU A 521 14.20 -27.57 -29.14
C LEU A 521 13.14 -28.57 -28.71
N ILE A 522 12.04 -28.09 -28.13
CA ILE A 522 11.06 -29.00 -27.57
C ILE A 522 9.86 -29.34 -28.45
N LYS A 523 9.81 -28.78 -29.66
CA LYS A 523 8.75 -29.09 -30.62
C LYS A 523 9.25 -28.82 -32.02
N ASP A 524 9.10 -29.81 -32.89
CA ASP A 524 9.65 -29.69 -34.24
C ASP A 524 8.70 -30.27 -35.29
N THR A 525 7.52 -29.68 -35.41
CA THR A 525 6.62 -30.08 -36.49
C THR A 525 6.88 -29.21 -37.73
N ALA A 526 6.15 -29.50 -38.81
CA ALA A 526 6.28 -28.77 -40.07
C ALA A 526 5.60 -27.41 -39.89
N MET A 527 4.73 -27.34 -38.89
CA MET A 527 3.98 -26.15 -38.55
C MET A 527 4.72 -25.24 -37.57
N SER A 528 5.46 -25.84 -36.63
CA SER A 528 6.05 -25.15 -35.47
C SER A 528 7.44 -25.62 -35.10
N LYS A 529 8.35 -24.68 -34.90
CA LYS A 529 9.63 -24.98 -34.27
C LYS A 529 9.76 -24.17 -32.98
N LEU A 530 9.59 -24.85 -31.85
CA LEU A 530 9.55 -24.16 -30.56
C LEU A 530 10.79 -24.40 -29.73
N TRP A 531 11.44 -23.28 -29.37
CA TRP A 531 12.59 -23.29 -28.46
C TRP A 531 12.14 -22.84 -27.09
N PHE A 532 12.68 -23.49 -26.06
CA PHE A 532 12.27 -23.24 -24.69
C PHE A 532 13.42 -23.28 -23.70
N LYS A 533 13.40 -22.35 -22.75
CA LYS A 533 14.31 -22.34 -21.61
C LYS A 533 13.60 -21.74 -20.41
N GLN A 534 13.61 -22.46 -19.29
CA GLN A 534 13.09 -21.95 -18.03
C GLN A 534 14.15 -21.06 -17.40
N ASP A 535 13.82 -19.79 -17.17
CA ASP A 535 14.77 -18.83 -16.57
C ASP A 535 15.49 -19.45 -15.38
N ASP A 536 16.83 -19.51 -15.47
CA ASP A 536 17.65 -20.06 -14.38
C ASP A 536 18.59 -19.04 -13.73
N LYS A 537 18.51 -17.78 -14.13
CA LYS A 537 19.44 -16.79 -13.60
C LYS A 537 18.81 -15.67 -12.77
N PHE A 538 17.57 -15.29 -13.07
CA PHE A 538 16.98 -14.06 -12.53
C PHE A 538 15.85 -14.21 -11.52
N PHE A 539 15.00 -15.21 -11.72
CA PHE A 539 13.94 -15.57 -10.76
C PHE A 539 12.96 -14.43 -10.46
N LEU A 540 12.65 -13.68 -11.51
CA LEU A 540 11.57 -12.68 -11.49
C LEU A 540 10.33 -13.24 -12.22
N PRO A 541 9.12 -12.88 -11.74
CA PRO A 541 7.86 -13.45 -12.26
C PRO A 541 7.46 -12.88 -13.64
N LYS A 542 8.32 -13.10 -14.62
CA LYS A 542 8.17 -12.51 -15.95
C LYS A 542 8.50 -13.55 -16.99
N ALA A 543 8.09 -13.30 -18.24
CA ALA A 543 8.46 -14.16 -19.35
C ALA A 543 8.57 -13.37 -20.65
N ASN A 544 9.39 -13.87 -21.56
CA ASN A 544 9.50 -13.32 -22.90
C ASN A 544 9.03 -14.36 -23.89
N LEU A 545 8.05 -14.02 -24.71
CA LEU A 545 7.49 -14.98 -25.64
C LEU A 545 7.63 -14.49 -27.07
N ASN A 546 8.56 -15.08 -27.80
CA ASN A 546 8.87 -14.59 -29.14
C ASN A 546 8.44 -15.55 -30.22
N PHE A 547 7.88 -14.99 -31.30
CA PHE A 547 7.39 -15.79 -32.40
C PHE A 547 7.70 -15.12 -33.73
N GLU A 548 8.42 -15.83 -34.59
CA GLU A 548 8.57 -15.44 -35.98
C GLU A 548 7.60 -16.27 -36.83
N PHE A 549 6.77 -15.61 -37.64
CA PHE A 549 5.88 -16.30 -38.57
C PHE A 549 6.40 -16.12 -39.99
N PHE A 550 6.63 -17.21 -40.73
CA PHE A 550 7.07 -17.07 -42.12
C PHE A 550 5.92 -17.22 -43.10
N SER A 551 5.89 -16.33 -44.08
CA SER A 551 5.01 -16.43 -45.23
C SER A 551 5.71 -15.75 -46.38
N PRO A 552 5.72 -16.39 -47.55
CA PRO A 552 6.38 -15.81 -48.73
C PRO A 552 5.62 -14.57 -49.25
N PHE A 553 4.33 -14.50 -48.90
CA PHE A 553 3.44 -13.43 -49.31
C PHE A 553 3.61 -12.14 -48.53
N ALA A 554 4.54 -12.16 -47.58
CA ALA A 554 4.76 -10.99 -46.74
C ALA A 554 5.58 -9.95 -47.49
N TYR A 555 6.45 -10.43 -48.38
CA TYR A 555 7.41 -9.56 -49.03
C TYR A 555 7.57 -9.93 -50.50
N VAL A 556 6.56 -10.60 -51.05
CA VAL A 556 6.68 -11.10 -52.43
C VAL A 556 6.88 -9.97 -53.43
N ASP A 557 6.18 -8.86 -53.22
CA ASP A 557 6.33 -7.68 -54.05
C ASP A 557 6.00 -6.46 -53.22
N PRO A 558 6.37 -5.25 -53.69
CA PRO A 558 6.09 -4.04 -52.93
C PRO A 558 4.65 -3.88 -52.46
N LEU A 559 3.67 -4.19 -53.31
CA LEU A 559 2.27 -4.07 -52.91
C LEU A 559 2.00 -4.96 -51.70
N HIS A 560 2.59 -6.14 -51.70
CA HIS A 560 2.35 -7.09 -50.62
C HIS A 560 3.07 -6.70 -49.35
N SER A 561 4.29 -6.21 -49.52
CA SER A 561 5.02 -5.64 -48.42
C SER A 561 4.20 -4.51 -47.79
N ASN A 562 3.62 -3.65 -48.62
CA ASN A 562 2.75 -2.57 -48.14
C ASN A 562 1.56 -3.05 -47.34
N MET A 563 0.94 -4.12 -47.81
CA MET A 563 -0.26 -4.62 -47.17
C MET A 563 0.08 -5.33 -45.87
N ALA A 564 1.18 -6.07 -45.86
CA ALA A 564 1.68 -6.69 -44.63
C ALA A 564 1.82 -5.64 -43.55
N TYR A 565 2.50 -4.54 -43.88
CA TYR A 565 2.69 -3.44 -42.94
C TYR A 565 1.36 -2.91 -42.43
N LEU A 566 0.49 -2.49 -43.35
CA LEU A 566 -0.77 -1.87 -43.02
C LEU A 566 -1.66 -2.78 -42.18
N TYR A 567 -1.60 -4.07 -42.47
CA TYR A 567 -2.37 -5.07 -41.74
C TYR A 567 -2.03 -5.00 -40.26
N LEU A 568 -0.75 -5.16 -39.94
CA LEU A 568 -0.29 -5.12 -38.55
C LEU A 568 -0.47 -3.74 -37.91
N GLU A 569 -0.30 -2.68 -38.69
CA GLU A 569 -0.58 -1.34 -38.18
C GLU A 569 -2.04 -1.16 -37.79
N LEU A 570 -2.95 -1.74 -38.56
CA LEU A 570 -4.37 -1.57 -38.30
C LEU A 570 -4.81 -2.44 -37.13
N LEU A 571 -4.16 -3.58 -37.01
CA LEU A 571 -4.40 -4.50 -35.91
C LEU A 571 -4.08 -3.83 -34.59
N LYS A 572 -2.85 -3.30 -34.48
CA LYS A 572 -2.40 -2.61 -33.27
C LYS A 572 -3.27 -1.43 -32.97
N ASP A 573 -3.69 -0.73 -34.01
CA ASP A 573 -4.58 0.40 -33.83
C ASP A 573 -5.86 -0.04 -33.12
N SER A 574 -6.51 -1.08 -33.61
CA SER A 574 -7.77 -1.52 -33.00
C SER A 574 -7.56 -2.22 -31.65
N LEU A 575 -6.43 -2.91 -31.49
CA LEU A 575 -6.07 -3.55 -30.24
C LEU A 575 -5.67 -2.59 -29.14
N ASN A 576 -5.14 -1.44 -29.54
CA ASN A 576 -4.58 -0.44 -28.62
C ASN A 576 -5.41 -0.12 -27.38
N GLU A 577 -6.71 0.12 -27.54
CA GLU A 577 -7.56 0.44 -26.40
C GLU A 577 -7.51 -0.64 -25.32
N TYR A 578 -7.56 -1.89 -25.75
CA TYR A 578 -7.41 -3.04 -24.86
C TYR A 578 -5.99 -3.13 -24.28
N ALA A 579 -4.97 -3.06 -25.13
CA ALA A 579 -3.58 -3.33 -24.73
C ALA A 579 -2.93 -2.24 -23.88
N TYR A 580 -3.52 -1.04 -23.91
CA TYR A 580 -2.99 0.08 -23.15
C TYR A 580 -2.96 -0.25 -21.67
N ALA A 581 -4.11 -0.63 -21.13
CA ALA A 581 -4.21 -1.08 -19.74
C ALA A 581 -3.19 -2.20 -19.42
N ALA A 582 -3.03 -3.15 -20.34
CA ALA A 582 -2.08 -4.23 -20.15
C ALA A 582 -0.66 -3.68 -19.96
N GLU A 583 -0.30 -2.71 -20.78
CA GLU A 583 1.06 -2.17 -20.80
C GLU A 583 1.39 -1.44 -19.49
N LEU A 584 0.39 -0.69 -19.01
CA LEU A 584 0.46 -0.01 -17.73
C LEU A 584 0.67 -0.98 -16.58
N ALA A 585 0.24 -2.21 -16.78
CA ALA A 585 0.40 -3.25 -15.77
C ALA A 585 1.63 -4.12 -16.07
N GLY A 586 2.59 -3.57 -16.82
CA GLY A 586 3.85 -4.25 -17.08
C GLY A 586 3.78 -5.48 -17.97
N LEU A 587 2.79 -5.51 -18.85
CA LEU A 587 2.62 -6.60 -19.81
C LEU A 587 2.52 -6.00 -21.20
N SER A 588 3.57 -6.14 -22.01
CA SER A 588 3.54 -5.45 -23.29
C SER A 588 3.80 -6.36 -24.48
N TYR A 589 3.47 -5.85 -25.67
CA TYR A 589 3.70 -6.60 -26.88
C TYR A 589 4.25 -5.76 -28.02
N ASP A 590 4.73 -6.47 -29.02
CA ASP A 590 5.48 -5.90 -30.12
C ASP A 590 5.15 -6.73 -31.36
N LEU A 591 4.46 -6.11 -32.31
CA LEU A 591 4.00 -6.81 -33.51
C LEU A 591 4.38 -6.01 -34.75
N GLN A 592 5.22 -6.57 -35.61
CA GLN A 592 5.68 -5.86 -36.82
C GLN A 592 6.00 -6.81 -37.97
N ASN A 593 5.85 -6.31 -39.21
CA ASN A 593 6.18 -7.10 -40.40
C ASN A 593 7.68 -7.18 -40.59
N THR A 594 8.12 -8.29 -41.16
CA THR A 594 9.53 -8.52 -41.48
C THR A 594 9.62 -8.93 -42.94
N ILE A 595 10.84 -9.00 -43.48
CA ILE A 595 11.03 -9.38 -44.89
C ILE A 595 10.73 -10.87 -45.17
N TYR A 596 10.33 -11.60 -44.13
CA TYR A 596 9.99 -13.02 -44.25
C TYR A 596 8.60 -13.32 -43.73
N GLY A 597 8.00 -12.35 -43.03
CA GLY A 597 6.64 -12.51 -42.51
C GLY A 597 6.24 -11.49 -41.47
N MET A 598 5.95 -11.99 -40.27
CA MET A 598 5.62 -11.15 -39.11
C MET A 598 6.41 -11.60 -37.89
N TYR A 599 6.56 -10.68 -36.96
CA TYR A 599 7.20 -10.94 -35.69
C TYR A 599 6.32 -10.42 -34.57
N LEU A 600 6.15 -11.24 -33.54
CA LEU A 600 5.38 -10.86 -32.36
C LEU A 600 6.13 -11.29 -31.12
N SER A 601 6.19 -10.40 -30.13
CA SER A 601 6.77 -10.76 -28.83
C SER A 601 5.96 -10.18 -27.69
N VAL A 602 5.68 -11.02 -26.70
CA VAL A 602 5.00 -10.60 -25.49
C VAL A 602 5.99 -10.65 -24.32
N LYS A 603 6.20 -9.50 -23.69
CA LYS A 603 7.17 -9.33 -22.61
C LYS A 603 6.46 -8.88 -21.32
N GLY A 604 6.97 -9.31 -20.17
CA GLY A 604 6.49 -8.82 -18.88
C GLY A 604 6.05 -9.88 -17.88
N TYR A 605 5.19 -9.49 -16.94
CA TYR A 605 4.71 -10.42 -15.93
C TYR A 605 3.97 -11.57 -16.57
N ASN A 606 4.39 -12.78 -16.21
CA ASN A 606 3.85 -13.98 -16.84
C ASN A 606 2.39 -14.25 -16.51
N ASP A 607 1.93 -13.76 -15.36
CA ASP A 607 0.57 -14.03 -14.86
C ASP A 607 -0.53 -13.95 -15.93
N LYS A 608 -0.64 -12.82 -16.62
CA LYS A 608 -1.76 -12.63 -17.56
C LYS A 608 -1.33 -12.71 -19.03
N GLN A 609 -0.09 -13.11 -19.26
CA GLN A 609 0.44 -13.25 -20.61
C GLN A 609 -0.44 -14.14 -21.51
N PRO A 610 -0.77 -15.36 -21.06
CA PRO A 610 -1.73 -16.11 -21.84
C PRO A 610 -2.94 -15.29 -22.35
N ILE A 611 -3.58 -14.52 -21.48
CA ILE A 611 -4.81 -13.80 -21.85
C ILE A 611 -4.60 -12.82 -23.01
N LEU A 612 -3.59 -11.97 -22.92
CA LEU A 612 -3.27 -11.01 -23.97
C LEU A 612 -2.88 -11.70 -25.28
N LEU A 613 -1.91 -12.60 -25.20
CA LEU A 613 -1.43 -13.31 -26.38
C LEU A 613 -2.56 -13.90 -27.22
N LYS A 614 -3.46 -14.61 -26.56
CA LYS A 614 -4.58 -15.24 -27.24
C LYS A 614 -5.52 -14.22 -27.84
N LYS A 615 -5.68 -13.10 -27.14
CA LYS A 615 -6.48 -12.00 -27.66
C LYS A 615 -5.88 -11.52 -28.98
N ILE A 616 -4.55 -11.41 -29.03
CA ILE A 616 -3.83 -10.97 -30.23
C ILE A 616 -4.01 -11.94 -31.40
N ILE A 617 -3.78 -13.23 -31.15
CA ILE A 617 -3.92 -14.23 -32.20
C ILE A 617 -5.38 -14.32 -32.65
N GLU A 618 -6.32 -14.12 -31.72
CA GLU A 618 -7.72 -14.10 -32.08
C GLU A 618 -8.06 -12.95 -33.00
N LYS A 619 -7.61 -11.75 -32.64
CA LYS A 619 -7.87 -10.54 -33.41
C LYS A 619 -7.19 -10.64 -34.77
N MET A 620 -5.98 -11.19 -34.76
CA MET A 620 -5.15 -11.36 -35.94
C MET A 620 -5.84 -12.21 -37.01
N ALA A 621 -6.42 -13.32 -36.57
CA ALA A 621 -7.00 -14.30 -37.49
C ALA A 621 -8.47 -14.06 -37.86
N THR A 622 -9.11 -13.05 -37.26
CA THR A 622 -10.52 -12.74 -37.54
C THR A 622 -10.71 -11.25 -37.76
N PHE A 623 -9.65 -10.58 -38.17
CA PHE A 623 -9.63 -9.13 -38.21
C PHE A 623 -10.63 -8.52 -39.19
N GLU A 624 -11.38 -7.54 -38.71
CA GLU A 624 -12.30 -6.76 -39.56
C GLU A 624 -11.82 -5.33 -39.70
N ILE A 625 -11.40 -4.95 -40.90
CA ILE A 625 -10.91 -3.58 -41.12
C ILE A 625 -12.03 -2.53 -41.00
N ASP A 626 -11.67 -1.38 -40.42
CA ASP A 626 -12.54 -0.21 -40.36
C ASP A 626 -12.12 0.74 -41.47
N GLU A 627 -13.03 1.02 -42.40
CA GLU A 627 -12.69 1.81 -43.62
C GLU A 627 -11.97 3.14 -43.34
N LYS A 628 -12.46 3.88 -42.35
CA LYS A 628 -11.87 5.18 -41.97
C LYS A 628 -10.48 5.00 -41.38
N ARG A 629 -10.29 4.02 -40.48
CA ARG A 629 -8.96 3.72 -39.92
C ARG A 629 -7.95 3.42 -41.05
N PHE A 630 -8.39 2.59 -42.00
CA PHE A 630 -7.58 2.22 -43.16
C PHE A 630 -7.11 3.43 -43.95
N GLU A 631 -8.03 4.33 -44.28
CA GLU A 631 -7.70 5.48 -45.13
C GLU A 631 -6.75 6.45 -44.42
N ILE A 632 -6.89 6.54 -43.11
CA ILE A 632 -6.08 7.43 -42.28
C ILE A 632 -4.65 6.91 -42.10
N ILE A 633 -4.51 5.65 -41.70
CA ILE A 633 -3.20 5.05 -41.51
C ILE A 633 -2.42 5.01 -42.82
N LYS A 634 -3.09 4.63 -43.91
CA LYS A 634 -2.52 4.65 -45.26
C LYS A 634 -1.89 6.01 -45.59
N GLU A 635 -2.66 7.09 -45.41
CA GLU A 635 -2.17 8.45 -45.64
C GLU A 635 -0.90 8.75 -44.80
N ALA A 636 -0.90 8.29 -43.55
CA ALA A 636 0.23 8.51 -42.62
C ALA A 636 1.46 7.70 -43.02
N TYR A 637 1.22 6.52 -43.58
CA TYR A 637 2.28 5.66 -44.08
C TYR A 637 2.90 6.22 -45.36
N MET A 638 2.06 6.86 -46.17
CA MET A 638 2.48 7.56 -47.36
C MET A 638 3.52 8.61 -46.98
N ARG A 639 3.13 9.51 -46.07
CA ARG A 639 4.05 10.52 -45.55
C ARG A 639 5.26 9.89 -44.92
N SER A 640 5.05 8.93 -44.02
CA SER A 640 6.15 8.21 -43.39
C SER A 640 7.20 7.77 -44.40
N LEU A 641 6.76 7.20 -45.53
CA LEU A 641 7.68 6.81 -46.59
C LEU A 641 8.37 8.00 -47.27
N ASN A 642 7.60 9.01 -47.67
CA ASN A 642 8.17 10.23 -48.26
C ASN A 642 9.19 10.91 -47.34
N ASN A 643 8.90 10.88 -46.04
CA ASN A 643 9.69 11.57 -45.03
C ASN A 643 11.10 11.04 -44.86
N PHE A 644 11.40 9.91 -45.48
CA PHE A 644 12.74 9.37 -45.39
C PHE A 644 13.78 10.29 -46.05
N ARG A 645 13.32 11.14 -46.98
CA ARG A 645 14.23 12.02 -47.71
C ARG A 645 14.90 13.04 -46.78
N ALA A 646 14.27 13.27 -45.62
CA ALA A 646 14.67 14.25 -44.59
C ALA A 646 15.40 13.62 -43.40
N GLU A 647 15.74 12.34 -43.55
CA GLU A 647 16.55 11.60 -42.59
C GLU A 647 18.00 12.02 -42.84
N GLN A 648 18.94 11.47 -42.07
CA GLN A 648 20.33 11.94 -42.16
C GLN A 648 21.18 11.24 -43.21
N PRO A 649 22.16 11.98 -43.79
CA PRO A 649 23.04 11.41 -44.80
C PRO A 649 23.63 10.07 -44.37
N HIS A 650 24.15 9.99 -43.14
CA HIS A 650 24.76 8.75 -42.67
C HIS A 650 23.77 7.58 -42.67
N GLN A 651 22.51 7.87 -42.37
CA GLN A 651 21.53 6.79 -42.43
C GLN A 651 20.95 6.52 -43.82
N HIS A 652 20.99 7.51 -44.70
CA HIS A 652 20.77 7.25 -46.13
C HIS A 652 21.83 6.29 -46.63
N ALA A 653 23.09 6.58 -46.34
CA ALA A 653 24.19 5.72 -46.75
C ALA A 653 23.95 4.28 -46.33
N MET A 654 23.61 4.10 -45.05
CA MET A 654 23.40 2.77 -44.47
C MET A 654 22.30 1.99 -45.18
N TYR A 655 21.25 2.72 -45.53
CA TYR A 655 20.08 2.20 -46.21
C TYR A 655 20.41 1.75 -47.63
N TYR A 656 20.97 2.67 -48.41
CA TYR A 656 21.37 2.38 -49.77
C TYR A 656 22.21 1.11 -49.84
N LEU A 657 23.13 0.95 -48.91
CA LEU A 657 24.00 -0.21 -48.97
C LEU A 657 23.28 -1.50 -48.56
N ARG A 658 22.38 -1.39 -47.58
CA ARG A 658 21.53 -2.51 -47.18
C ARG A 658 20.78 -3.01 -48.43
N LEU A 659 20.30 -2.06 -49.25
CA LEU A 659 19.62 -2.37 -50.51
C LEU A 659 20.54 -3.05 -51.51
N LEU A 660 21.74 -2.51 -51.67
CA LEU A 660 22.69 -3.03 -52.65
C LEU A 660 23.14 -4.43 -52.35
N MET A 661 23.12 -4.79 -51.08
CA MET A 661 23.82 -5.98 -50.64
C MET A 661 22.91 -7.16 -50.34
N THR A 662 21.59 -6.93 -50.35
CA THR A 662 20.60 -7.97 -50.06
C THR A 662 19.90 -8.44 -51.33
N GLU A 663 19.87 -9.77 -51.50
CA GLU A 663 19.28 -10.43 -52.68
C GLU A 663 18.01 -9.74 -53.13
N VAL A 664 17.02 -9.71 -52.23
CA VAL A 664 15.74 -9.05 -52.47
C VAL A 664 15.52 -7.97 -51.41
N ALA A 665 15.31 -6.74 -51.88
CA ALA A 665 14.99 -5.61 -51.01
C ALA A 665 14.19 -4.59 -51.82
N TRP A 666 13.07 -4.13 -51.26
CA TRP A 666 12.22 -3.16 -51.94
C TRP A 666 12.57 -1.76 -51.51
N THR A 667 12.75 -0.85 -52.47
CA THR A 667 13.11 0.53 -52.15
C THR A 667 11.90 1.28 -51.64
N LYS A 668 12.14 2.46 -51.05
CA LYS A 668 11.05 3.23 -50.50
C LYS A 668 10.20 3.87 -51.60
N ASP A 669 10.84 4.19 -52.73
CA ASP A 669 10.13 4.63 -53.92
C ASP A 669 9.19 3.55 -54.47
N GLU A 670 9.68 2.33 -54.53
CA GLU A 670 8.90 1.19 -55.02
C GLU A 670 7.70 0.94 -54.12
N LEU A 671 7.90 1.05 -52.81
CA LEU A 671 6.82 0.90 -51.84
C LEU A 671 5.87 2.07 -51.95
N LYS A 672 6.41 3.26 -52.19
CA LYS A 672 5.60 4.46 -52.26
C LYS A 672 4.66 4.44 -53.45
N GLU A 673 5.17 3.98 -54.60
CA GLU A 673 4.40 3.93 -55.84
C GLU A 673 3.31 2.86 -55.77
N ALA A 674 3.67 1.68 -55.27
CA ALA A 674 2.75 0.54 -55.11
C ALA A 674 1.69 0.79 -54.04
N LEU A 675 1.88 1.81 -53.21
CA LEU A 675 0.95 2.11 -52.13
C LEU A 675 -0.38 2.66 -52.64
N ASP A 676 -0.34 3.39 -53.75
CA ASP A 676 -1.56 3.94 -54.33
C ASP A 676 -2.57 2.87 -54.75
N ASP A 677 -2.09 1.66 -55.02
CA ASP A 677 -2.94 0.56 -55.46
C ASP A 677 -3.56 -0.30 -54.35
N VAL A 678 -3.06 -0.14 -53.12
CA VAL A 678 -3.61 -0.85 -51.96
C VAL A 678 -4.98 -0.27 -51.66
N THR A 679 -6.02 -1.01 -51.99
CA THR A 679 -7.38 -0.58 -51.74
C THR A 679 -7.97 -1.45 -50.64
N LEU A 680 -9.08 -1.02 -50.07
CA LEU A 680 -9.70 -1.76 -48.98
C LEU A 680 -9.93 -3.26 -49.29
N PRO A 681 -10.65 -3.57 -50.40
CA PRO A 681 -10.88 -4.97 -50.73
C PRO A 681 -9.62 -5.77 -51.00
N ARG A 682 -8.64 -5.14 -51.64
CA ARG A 682 -7.41 -5.84 -51.97
C ARG A 682 -6.65 -6.26 -50.70
N LEU A 683 -6.93 -5.54 -49.60
CA LEU A 683 -6.37 -5.86 -48.28
C LEU A 683 -7.16 -6.95 -47.56
N LYS A 684 -8.50 -6.84 -47.56
CA LYS A 684 -9.38 -7.87 -46.97
C LYS A 684 -9.02 -9.23 -47.54
N ALA A 685 -8.86 -9.27 -48.87
CA ALA A 685 -8.40 -10.46 -49.57
C ALA A 685 -7.00 -10.87 -49.14
N PHE A 686 -6.11 -9.90 -48.93
CA PHE A 686 -4.71 -10.18 -48.57
C PHE A 686 -4.52 -10.99 -47.31
N ILE A 687 -5.31 -10.69 -46.28
CA ILE A 687 -5.07 -11.23 -44.94
C ILE A 687 -5.22 -12.75 -44.84
N PRO A 688 -6.40 -13.30 -45.18
CA PRO A 688 -6.53 -14.77 -45.14
C PRO A 688 -5.52 -15.47 -46.04
N GLN A 689 -5.15 -14.80 -47.12
CA GLN A 689 -4.13 -15.28 -48.05
C GLN A 689 -2.78 -15.37 -47.34
N LEU A 690 -2.44 -14.34 -46.57
CA LEU A 690 -1.20 -14.32 -45.80
C LEU A 690 -1.21 -15.38 -44.70
N LEU A 691 -2.35 -15.50 -44.04
CA LEU A 691 -2.49 -16.41 -42.92
C LEU A 691 -2.62 -17.90 -43.28
N SER A 692 -3.08 -18.20 -44.50
CA SER A 692 -3.39 -19.59 -44.89
C SER A 692 -2.22 -20.59 -44.84
N ARG A 693 -1.01 -20.12 -45.10
CA ARG A 693 0.18 -20.99 -45.03
C ARG A 693 1.32 -20.32 -44.28
N LEU A 694 1.67 -20.90 -43.13
CA LEU A 694 2.68 -20.37 -42.24
C LEU A 694 3.59 -21.45 -41.66
N HIS A 695 4.77 -21.02 -41.24
CA HIS A 695 5.59 -21.77 -40.30
C HIS A 695 5.85 -20.81 -39.15
N ILE A 696 5.86 -21.33 -37.92
CA ILE A 696 6.09 -20.52 -36.74
C ILE A 696 7.31 -21.01 -36.01
N GLU A 697 8.33 -20.17 -35.90
CA GLU A 697 9.46 -20.49 -35.03
C GLU A 697 9.38 -19.60 -33.79
N ALA A 698 9.56 -20.20 -32.61
CA ALA A 698 9.35 -19.49 -31.34
C ALA A 698 10.43 -19.73 -30.30
N LEU A 699 10.68 -18.70 -29.50
CA LEU A 699 11.44 -18.82 -28.26
C LEU A 699 10.57 -18.35 -27.11
N LEU A 700 10.26 -19.26 -26.20
CA LEU A 700 9.56 -18.91 -24.99
C LEU A 700 10.55 -19.08 -23.87
N HIS A 701 10.83 -17.98 -23.21
CA HIS A 701 11.89 -17.95 -22.21
C HIS A 701 11.46 -17.15 -20.99
N GLY A 702 11.55 -17.76 -19.82
CA GLY A 702 11.24 -17.07 -18.58
C GLY A 702 10.70 -17.96 -17.46
N ASN A 703 9.79 -17.39 -16.69
CA ASN A 703 9.17 -18.06 -15.57
C ASN A 703 8.00 -18.94 -16.04
N ILE A 704 8.31 -19.95 -16.83
CA ILE A 704 7.32 -20.92 -17.28
C ILE A 704 7.93 -22.30 -17.41
N THR A 705 7.10 -23.31 -17.23
CA THR A 705 7.51 -24.69 -17.35
C THR A 705 7.38 -25.16 -18.79
N LYS A 706 8.12 -26.23 -19.09
CA LYS A 706 8.21 -26.78 -20.43
C LYS A 706 6.88 -27.30 -20.95
N GLN A 707 5.87 -27.29 -20.08
CA GLN A 707 4.61 -27.87 -20.47
C GLN A 707 3.56 -26.79 -20.54
N ALA A 708 3.89 -25.64 -19.96
CA ALA A 708 3.07 -24.47 -20.09
C ALA A 708 3.50 -23.86 -21.40
N ALA A 709 4.75 -24.10 -21.77
CA ALA A 709 5.30 -23.64 -23.04
C ALA A 709 4.63 -24.36 -24.20
N LEU A 710 4.56 -25.68 -24.11
CA LEU A 710 3.86 -26.50 -25.09
C LEU A 710 2.39 -26.07 -25.16
N GLY A 711 1.83 -25.75 -23.99
CA GLY A 711 0.48 -25.22 -23.89
C GLY A 711 0.29 -23.90 -24.61
N ILE A 712 1.33 -23.05 -24.58
CA ILE A 712 1.30 -21.77 -25.30
C ILE A 712 1.33 -21.98 -26.82
N MET A 713 2.33 -22.70 -27.31
CA MET A 713 2.39 -23.04 -28.73
C MET A 713 1.07 -23.63 -29.24
N GLN A 714 0.55 -24.60 -28.50
CA GLN A 714 -0.66 -25.30 -28.91
C GLN A 714 -1.85 -24.35 -29.07
N MET A 715 -2.03 -23.40 -28.15
CA MET A 715 -3.13 -22.44 -28.31
C MET A 715 -2.87 -21.43 -29.44
N VAL A 716 -1.60 -21.10 -29.69
CA VAL A 716 -1.24 -20.25 -30.83
C VAL A 716 -1.62 -20.93 -32.15
N GLU A 717 -1.13 -22.16 -32.36
CA GLU A 717 -1.50 -22.99 -33.50
C GLU A 717 -3.00 -23.18 -33.59
N ASP A 718 -3.60 -23.64 -32.49
CA ASP A 718 -5.04 -23.95 -32.45
C ASP A 718 -5.90 -22.76 -32.85
N THR A 719 -5.54 -21.56 -32.41
CA THR A 719 -6.27 -20.36 -32.82
C THR A 719 -6.10 -20.08 -34.30
N LEU A 720 -4.89 -20.31 -34.83
CA LEU A 720 -4.66 -20.07 -36.24
C LEU A 720 -5.39 -21.08 -37.14
N ILE A 721 -5.18 -22.37 -36.89
CA ILE A 721 -5.94 -23.46 -37.54
C ILE A 721 -7.44 -23.21 -37.49
N GLU A 722 -7.93 -22.79 -36.33
CA GLU A 722 -9.37 -22.69 -36.08
C GLU A 722 -10.05 -21.48 -36.74
N HIS A 723 -9.36 -20.35 -36.81
CA HIS A 723 -9.97 -19.14 -37.38
C HIS A 723 -9.44 -18.74 -38.76
N ALA A 724 -8.22 -19.15 -39.07
CA ALA A 724 -7.60 -18.78 -40.34
C ALA A 724 -7.28 -19.99 -41.23
N HIS A 725 -7.71 -21.17 -40.79
CA HIS A 725 -7.52 -22.42 -41.55
C HIS A 725 -6.06 -22.61 -42.00
N THR A 726 -5.13 -22.18 -41.16
CA THR A 726 -3.70 -22.24 -41.44
C THR A 726 -3.21 -23.68 -41.61
N LYS A 727 -2.51 -23.93 -42.71
CA LYS A 727 -1.82 -25.21 -42.92
C LYS A 727 -0.29 -24.96 -43.02
N PRO A 728 0.54 -26.00 -42.80
CA PRO A 728 2.02 -25.90 -42.85
C PRO A 728 2.59 -25.44 -44.20
N LEU A 729 3.82 -24.90 -44.16
CA LEU A 729 4.57 -24.60 -45.39
C LEU A 729 5.43 -25.81 -45.74
N LEU A 730 6.12 -25.74 -46.87
CA LEU A 730 7.04 -26.80 -47.25
C LEU A 730 8.47 -26.43 -46.88
N PRO A 731 9.29 -27.43 -46.50
CA PRO A 731 10.68 -27.10 -46.15
C PRO A 731 11.32 -26.18 -47.20
N SER A 732 11.16 -26.54 -48.48
CA SER A 732 11.69 -25.79 -49.62
C SER A 732 11.18 -24.35 -49.81
N GLN A 733 10.09 -24.01 -49.13
CA GLN A 733 9.54 -22.64 -49.20
C GLN A 733 10.22 -21.68 -48.23
N LEU A 734 10.87 -22.23 -47.20
CA LEU A 734 11.51 -21.43 -46.15
C LEU A 734 12.87 -20.84 -46.57
N VAL A 735 12.92 -20.09 -47.67
CA VAL A 735 14.20 -19.51 -48.13
C VAL A 735 14.60 -18.23 -47.38
N ARG A 736 15.87 -18.18 -46.98
CA ARG A 736 16.47 -16.96 -46.48
C ARG A 736 17.14 -16.22 -47.63
N TYR A 737 17.43 -14.93 -47.46
CA TYR A 737 18.08 -14.16 -48.51
C TYR A 737 19.60 -14.21 -48.42
N ARG A 738 20.24 -14.12 -49.58
CA ARG A 738 21.70 -14.18 -49.66
C ARG A 738 22.31 -12.80 -49.79
N GLU A 739 23.60 -12.69 -49.50
CA GLU A 739 24.29 -11.43 -49.73
C GLU A 739 25.05 -11.46 -51.06
N VAL A 740 24.95 -10.36 -51.80
CA VAL A 740 25.72 -10.13 -53.01
C VAL A 740 27.20 -10.46 -52.76
N GLN A 741 27.80 -11.23 -53.67
CA GLN A 741 29.19 -11.65 -53.49
C GLN A 741 30.17 -10.86 -54.36
N LEU A 742 30.98 -10.03 -53.70
CA LEU A 742 31.87 -9.12 -54.40
C LEU A 742 33.13 -9.82 -54.90
N PRO A 743 33.62 -9.41 -56.06
CA PRO A 743 34.82 -9.99 -56.66
C PRO A 743 36.09 -9.51 -55.98
N ASP A 744 37.11 -10.38 -55.91
CA ASP A 744 38.46 -10.01 -55.49
C ASP A 744 38.92 -8.77 -56.27
N ARG A 745 39.47 -7.78 -55.57
CA ARG A 745 40.02 -6.53 -56.15
C ARG A 745 38.99 -5.54 -56.71
N GLY A 746 37.69 -5.85 -56.57
CA GLY A 746 36.66 -4.97 -57.11
C GLY A 746 36.34 -3.78 -56.23
N TRP A 747 36.00 -2.65 -56.83
CA TRP A 747 35.54 -1.50 -56.05
C TRP A 747 34.36 -0.79 -56.69
N PHE A 748 33.24 -0.78 -55.96
CA PHE A 748 32.01 -0.16 -56.46
C PHE A 748 31.57 1.02 -55.59
N VAL A 749 31.09 2.07 -56.24
CA VAL A 749 30.59 3.26 -55.59
C VAL A 749 29.16 3.49 -56.06
N TYR A 750 28.22 3.59 -55.13
CA TYR A 750 26.89 4.06 -55.45
C TYR A 750 26.78 5.47 -54.90
N GLN A 751 26.26 6.40 -55.70
CA GLN A 751 26.24 7.80 -55.33
C GLN A 751 24.85 8.37 -55.43
N GLN A 752 24.51 9.23 -54.48
CA GLN A 752 23.16 9.75 -54.37
C GLN A 752 23.28 11.05 -53.58
N ARG A 753 22.27 11.91 -53.66
CA ARG A 753 22.32 13.13 -52.85
C ARG A 753 21.17 13.21 -51.85
N ASN A 754 21.44 13.86 -50.72
CA ASN A 754 20.44 14.12 -49.70
C ASN A 754 19.89 15.51 -49.95
N GLU A 755 18.59 15.61 -50.25
CA GLU A 755 18.03 16.90 -50.64
C GLU A 755 17.70 17.81 -49.45
N VAL A 756 18.06 17.39 -48.24
CA VAL A 756 17.64 18.15 -47.06
C VAL A 756 18.78 18.67 -46.20
N HIS A 757 19.80 17.86 -45.97
CA HIS A 757 20.89 18.27 -45.09
C HIS A 757 22.08 18.73 -45.91
N ASN A 758 22.68 19.86 -45.51
CA ASN A 758 23.91 20.26 -46.17
C ASN A 758 25.15 19.63 -45.53
N ASN A 759 25.14 18.31 -45.43
CA ASN A 759 26.27 17.52 -44.95
C ASN A 759 26.29 16.27 -45.80
N SER A 760 27.42 15.57 -45.85
CA SER A 760 27.49 14.35 -46.63
C SER A 760 27.60 13.14 -45.73
N GLY A 761 27.19 11.98 -46.25
CA GLY A 761 27.34 10.72 -45.53
C GLY A 761 28.12 9.73 -46.35
N ILE A 762 28.65 8.69 -45.70
CA ILE A 762 29.39 7.66 -46.39
C ILE A 762 29.34 6.37 -45.59
N GLU A 763 29.27 5.24 -46.28
CA GLU A 763 29.53 3.96 -45.65
C GLU A 763 30.54 3.22 -46.51
N ILE A 764 31.55 2.67 -45.85
CA ILE A 764 32.55 1.89 -46.55
C ILE A 764 32.50 0.49 -46.01
N TYR A 765 32.50 -0.46 -46.93
CA TYR A 765 32.33 -1.85 -46.59
C TYR A 765 33.38 -2.68 -47.29
N TYR A 766 34.16 -3.36 -46.47
CA TYR A 766 35.11 -4.35 -46.90
C TYR A 766 34.53 -5.68 -46.49
N GLN A 767 33.87 -6.32 -47.44
CA GLN A 767 33.30 -7.62 -47.25
C GLN A 767 34.46 -8.59 -47.11
N THR A 768 34.42 -9.44 -46.09
CA THR A 768 35.43 -10.47 -46.00
C THR A 768 34.88 -11.77 -46.54
N ASP A 769 34.17 -12.51 -45.69
CA ASP A 769 33.68 -13.83 -46.03
C ASP A 769 32.55 -14.25 -45.09
N MET A 770 31.94 -15.38 -45.42
CA MET A 770 30.97 -16.07 -44.61
C MET A 770 31.41 -16.14 -43.15
N GLN A 771 30.47 -15.92 -42.24
CA GLN A 771 30.72 -16.10 -40.81
C GLN A 771 31.12 -17.54 -40.50
N SER A 772 32.22 -17.68 -39.77
CA SER A 772 32.69 -18.95 -39.22
C SER A 772 33.50 -18.56 -37.98
N THR A 773 33.59 -19.43 -36.98
CA THR A 773 34.36 -19.13 -35.76
C THR A 773 35.62 -18.31 -36.05
N SER A 774 36.43 -18.77 -36.99
CA SER A 774 37.69 -18.11 -37.36
C SER A 774 37.51 -16.72 -37.99
N GLU A 775 36.91 -16.66 -39.19
CA GLU A 775 36.69 -15.38 -39.88
C GLU A 775 35.95 -14.37 -39.01
N ASN A 776 35.07 -14.88 -38.15
CA ASN A 776 34.33 -14.07 -37.17
C ASN A 776 35.24 -13.30 -36.23
N MET A 777 36.29 -13.97 -35.75
CA MET A 777 37.14 -13.46 -34.68
C MET A 777 38.35 -12.68 -35.19
N PHE A 778 38.81 -13.03 -36.39
CA PHE A 778 39.80 -12.21 -37.07
C PHE A 778 39.25 -10.79 -37.18
N LEU A 779 38.05 -10.67 -37.76
CA LEU A 779 37.36 -9.38 -37.92
C LEU A 779 37.08 -8.68 -36.58
N GLU A 780 36.51 -9.42 -35.62
CA GLU A 780 36.21 -8.86 -34.32
C GLU A 780 37.44 -8.35 -33.57
N LEU A 781 38.60 -9.02 -33.75
CA LEU A 781 39.84 -8.58 -33.10
C LEU A 781 40.40 -7.31 -33.72
N PHE A 782 40.46 -7.30 -35.04
CA PHE A 782 40.90 -6.14 -35.79
C PHE A 782 40.03 -4.93 -35.44
N ALA A 783 38.72 -5.14 -35.51
CA ALA A 783 37.75 -4.10 -35.17
C ALA A 783 38.05 -3.53 -33.79
N GLN A 784 38.46 -4.41 -32.87
CA GLN A 784 38.83 -4.01 -31.53
C GLN A 784 40.11 -3.17 -31.57
N ILE A 785 41.14 -3.70 -32.21
CA ILE A 785 42.41 -3.02 -32.28
C ILE A 785 42.32 -1.62 -32.90
N ILE A 786 41.50 -1.49 -33.94
CA ILE A 786 41.40 -0.22 -34.67
C ILE A 786 40.32 0.73 -34.13
N SER A 787 39.38 0.19 -33.34
CA SER A 787 38.20 0.94 -32.87
C SER A 787 38.53 2.32 -32.34
N GLU A 788 39.38 2.34 -31.32
CA GLU A 788 39.78 3.56 -30.64
C GLU A 788 40.59 4.51 -31.55
N PRO A 789 41.71 4.01 -32.15
CA PRO A 789 42.47 4.84 -33.06
C PRO A 789 41.61 5.47 -34.16
N ALA A 790 40.59 4.75 -34.63
CA ALA A 790 39.70 5.24 -35.69
C ALA A 790 38.94 6.48 -35.27
N PHE A 791 38.39 6.45 -34.06
CA PHE A 791 37.65 7.59 -33.53
C PHE A 791 38.60 8.76 -33.30
N ASN A 792 39.78 8.45 -32.75
CA ASN A 792 40.77 9.48 -32.42
C ASN A 792 41.39 10.14 -33.65
N THR A 793 41.65 9.35 -34.69
CA THR A 793 42.29 9.89 -35.90
C THR A 793 41.32 10.73 -36.75
N LEU A 794 40.12 10.21 -36.99
CA LEU A 794 39.21 10.84 -37.96
C LEU A 794 38.28 11.88 -37.35
N ARG A 795 37.88 11.65 -36.11
CA ARG A 795 37.05 12.60 -35.37
C ARG A 795 37.90 13.55 -34.54
N THR A 796 38.76 13.00 -33.68
CA THR A 796 39.48 13.85 -32.73
C THR A 796 40.65 14.61 -33.37
N LYS A 797 41.55 13.92 -34.07
CA LYS A 797 42.63 14.61 -34.78
C LYS A 797 42.10 15.40 -35.97
N GLU A 798 41.51 14.70 -36.94
CA GLU A 798 41.21 15.30 -38.25
C GLU A 798 39.89 16.05 -38.30
N GLN A 799 39.03 15.82 -37.30
CA GLN A 799 37.75 16.52 -37.17
C GLN A 799 36.90 16.50 -38.44
N LEU A 800 36.61 15.30 -38.93
CA LEU A 800 35.81 15.15 -40.15
C LEU A 800 34.33 15.38 -39.88
N GLY A 801 33.86 14.90 -38.72
CA GLY A 801 32.48 15.14 -38.30
C GLY A 801 32.20 14.56 -36.92
N TYR A 802 31.05 14.94 -36.38
CA TYR A 802 30.60 14.41 -35.08
C TYR A 802 30.39 12.90 -35.12
N ILE A 803 29.74 12.40 -36.17
CA ILE A 803 29.61 10.95 -36.35
C ILE A 803 30.79 10.39 -37.15
N VAL A 804 31.55 9.51 -36.50
CA VAL A 804 32.57 8.67 -37.12
C VAL A 804 32.42 7.32 -36.45
N PHE A 805 32.20 6.27 -37.25
CA PHE A 805 31.98 4.93 -36.70
C PHE A 805 32.85 3.92 -37.42
N SER A 806 33.13 2.81 -36.74
CA SER A 806 33.71 1.64 -37.37
C SER A 806 33.35 0.42 -36.55
N GLY A 807 33.70 -0.76 -37.06
CA GLY A 807 33.31 -2.01 -36.43
C GLY A 807 32.77 -2.97 -37.45
N PRO A 808 32.37 -4.18 -37.00
CA PRO A 808 31.86 -5.23 -37.87
C PRO A 808 30.53 -4.89 -38.56
N ARG A 809 30.30 -5.46 -39.74
CA ARG A 809 28.98 -5.48 -40.37
C ARG A 809 28.57 -6.93 -40.56
N ARG A 810 27.37 -7.28 -40.10
CA ARG A 810 26.87 -8.66 -40.21
C ARG A 810 25.48 -8.69 -40.84
N ALA A 811 25.36 -9.26 -42.03
CA ALA A 811 24.06 -9.38 -42.70
C ALA A 811 23.96 -10.68 -43.50
N ASN A 812 22.82 -11.36 -43.37
CA ASN A 812 22.51 -12.58 -44.13
C ASN A 812 23.61 -13.64 -44.08
N GLY A 813 24.34 -13.68 -42.97
CA GLY A 813 25.38 -14.69 -42.77
C GLY A 813 26.78 -14.30 -43.19
N ILE A 814 26.90 -13.13 -43.82
CA ILE A 814 28.19 -12.64 -44.31
C ILE A 814 28.69 -11.53 -43.37
N GLN A 815 29.94 -11.14 -43.51
CA GLN A 815 30.50 -10.10 -42.65
C GLN A 815 31.62 -9.30 -43.32
N GLY A 816 32.03 -8.24 -42.64
CA GLY A 816 33.12 -7.38 -43.09
C GLY A 816 33.29 -6.13 -42.26
N LEU A 817 34.28 -5.32 -42.62
CA LEU A 817 34.57 -4.11 -41.87
C LEU A 817 33.86 -2.93 -42.50
N ARG A 818 33.29 -2.09 -41.64
CA ARG A 818 32.64 -0.88 -42.11
C ARG A 818 33.07 0.41 -41.42
N PHE A 819 32.93 1.50 -42.17
CA PHE A 819 33.17 2.84 -41.66
C PHE A 819 31.99 3.69 -42.03
N ILE A 820 31.43 4.40 -41.06
CA ILE A 820 30.39 5.36 -41.32
C ILE A 820 30.87 6.75 -40.91
N ILE A 821 30.77 7.71 -41.81
CA ILE A 821 31.12 9.08 -41.47
C ILE A 821 30.10 10.07 -42.01
N GLN A 822 29.77 11.06 -41.19
CA GLN A 822 29.00 12.20 -41.67
C GLN A 822 29.83 13.47 -41.53
N SER A 823 29.95 14.20 -42.63
CA SER A 823 30.95 15.25 -42.70
C SER A 823 30.52 16.49 -43.48
N GLU A 824 31.29 17.57 -43.30
CA GLU A 824 31.14 18.81 -44.07
C GLU A 824 31.89 18.62 -45.38
N LYS A 825 32.96 17.83 -45.31
CA LYS A 825 33.79 17.47 -46.47
C LYS A 825 33.03 16.51 -47.40
N PRO A 826 33.36 16.52 -48.70
CA PRO A 826 32.78 15.58 -49.65
C PRO A 826 33.34 14.17 -49.46
N PRO A 827 32.62 13.15 -49.94
CA PRO A 827 33.00 11.78 -49.63
C PRO A 827 34.24 11.28 -50.36
N HIS A 828 34.40 11.60 -51.64
CA HIS A 828 35.60 11.18 -52.39
CA HIS A 828 35.58 11.05 -52.32
C HIS A 828 36.85 11.45 -51.57
N TYR A 829 36.68 12.36 -50.62
CA TYR A 829 37.77 12.80 -49.79
C TYR A 829 37.81 11.97 -48.52
N LEU A 830 36.68 11.90 -47.81
CA LEU A 830 36.55 11.08 -46.61
C LEU A 830 37.10 9.69 -46.86
N GLU A 831 36.91 9.24 -48.10
CA GLU A 831 37.33 7.95 -48.60
C GLU A 831 38.85 7.77 -48.49
N SER A 832 39.60 8.78 -48.93
CA SER A 832 41.07 8.71 -48.91
C SER A 832 41.63 8.80 -47.50
N ARG A 833 40.88 9.46 -46.62
CA ARG A 833 41.29 9.66 -45.24
C ARG A 833 41.12 8.39 -44.41
N VAL A 834 40.06 7.62 -44.68
CA VAL A 834 39.87 6.31 -44.06
C VAL A 834 40.95 5.38 -44.57
N GLU A 835 41.26 5.52 -45.85
CA GLU A 835 42.27 4.72 -46.51
C GLU A 835 43.65 5.05 -45.95
N ALA A 836 43.86 6.35 -45.69
CA ALA A 836 45.09 6.86 -45.07
C ALA A 836 45.27 6.29 -43.68
N PHE A 837 44.18 6.26 -42.93
CA PHE A 837 44.13 5.69 -41.59
C PHE A 837 44.53 4.21 -41.56
N LEU A 838 44.18 3.48 -42.61
CA LEU A 838 44.42 2.04 -42.67
C LEU A 838 45.91 1.69 -42.73
N ILE A 839 46.68 2.39 -43.56
CA ILE A 839 48.13 2.17 -43.61
C ILE A 839 48.76 2.47 -42.23
N THR A 840 48.28 3.54 -41.61
CA THR A 840 48.68 3.94 -40.26
C THR A 840 48.43 2.86 -39.22
N MET A 841 47.30 2.16 -39.34
CA MET A 841 47.01 1.07 -38.41
C MET A 841 47.89 -0.15 -38.66
N GLU A 842 48.31 -0.34 -39.92
CA GLU A 842 49.26 -1.39 -40.25
C GLU A 842 50.60 -1.12 -39.58
N LYS A 843 51.21 0.03 -39.94
CA LYS A 843 52.47 0.46 -39.33
C LYS A 843 52.38 0.41 -37.81
N SER A 844 51.20 0.70 -37.27
CA SER A 844 50.97 0.73 -35.84
C SER A 844 50.74 -0.65 -35.22
N ILE A 845 50.43 -1.65 -36.03
CA ILE A 845 50.33 -3.03 -35.54
C ILE A 845 51.67 -3.76 -35.68
N GLU A 846 52.43 -3.43 -36.72
CA GLU A 846 53.79 -3.94 -36.86
C GLU A 846 54.56 -3.67 -35.57
N ASP A 847 54.57 -2.40 -35.16
CA ASP A 847 55.32 -1.92 -34.01
C ASP A 847 54.60 -2.17 -32.70
N MET A 848 53.31 -2.49 -32.78
CA MET A 848 52.51 -2.73 -31.58
C MET A 848 53.15 -3.80 -30.68
N THR A 849 53.31 -3.45 -29.41
CA THR A 849 53.98 -4.33 -28.46
C THR A 849 53.14 -5.56 -28.09
N GLU A 850 53.80 -6.69 -27.90
CA GLU A 850 53.14 -7.96 -27.55
C GLU A 850 52.22 -7.88 -26.31
N GLU A 851 52.50 -6.94 -25.40
CA GLU A 851 51.62 -6.79 -24.24
C GLU A 851 50.38 -5.95 -24.57
N ALA A 852 50.52 -4.98 -25.46
CA ALA A 852 49.37 -4.20 -25.94
C ALA A 852 48.40 -5.11 -26.69
N PHE A 853 48.95 -6.08 -27.43
CA PHE A 853 48.16 -7.05 -28.16
C PHE A 853 47.24 -7.88 -27.26
N GLN A 854 47.80 -8.46 -26.19
CA GLN A 854 46.98 -9.28 -25.28
C GLN A 854 45.96 -8.43 -24.54
N LYS A 855 46.31 -7.16 -24.30
CA LYS A 855 45.43 -6.21 -23.63
C LYS A 855 44.12 -6.10 -24.41
N HIS A 856 44.23 -6.02 -25.74
CA HIS A 856 43.10 -5.97 -26.68
C HIS A 856 42.32 -7.29 -26.71
N ILE A 857 43.03 -8.40 -27.00
CA ILE A 857 42.47 -9.75 -26.89
C ILE A 857 41.66 -9.90 -25.59
N GLN A 858 42.17 -9.35 -24.50
CA GLN A 858 41.47 -9.38 -23.21
C GLN A 858 40.22 -8.51 -23.19
N ALA A 859 40.28 -7.36 -23.86
CA ALA A 859 39.13 -6.44 -23.89
C ALA A 859 37.99 -7.01 -24.73
N LEU A 860 38.33 -7.68 -25.83
CA LEU A 860 37.33 -8.37 -26.62
C LEU A 860 36.70 -9.48 -25.77
N ALA A 861 37.57 -10.27 -25.14
CA ALA A 861 37.16 -11.36 -24.26
C ALA A 861 36.10 -10.92 -23.26
N ILE A 862 36.40 -9.93 -22.43
CA ILE A 862 35.46 -9.48 -21.40
C ILE A 862 34.13 -8.96 -22.00
N ARG A 863 34.23 -8.29 -23.15
CA ARG A 863 33.07 -7.75 -23.85
C ARG A 863 32.11 -8.84 -24.29
N ARG A 864 32.68 -9.89 -24.85
CA ARG A 864 31.90 -11.00 -25.37
C ARG A 864 31.37 -11.85 -24.25
N LEU A 865 32.20 -12.10 -23.25
CA LEU A 865 31.82 -12.96 -22.13
C LEU A 865 31.04 -12.22 -21.06
N ASP A 866 30.68 -10.98 -21.37
CA ASP A 866 29.86 -10.18 -20.47
C ASP A 866 28.52 -10.86 -20.23
N LYS A 867 28.19 -11.10 -18.96
CA LYS A 867 26.93 -11.75 -18.58
C LYS A 867 25.72 -10.83 -18.75
N PRO A 868 24.58 -11.39 -19.18
CA PRO A 868 23.31 -10.65 -19.22
C PRO A 868 22.73 -10.30 -17.84
N LYS A 869 22.37 -9.03 -17.64
CA LYS A 869 21.86 -8.54 -16.36
C LYS A 869 20.38 -8.85 -16.13
N LYS A 870 19.58 -8.78 -17.21
CA LYS A 870 18.13 -9.04 -17.16
C LYS A 870 17.71 -10.11 -18.15
N LEU A 871 16.45 -10.54 -18.06
CA LEU A 871 15.92 -11.60 -18.91
C LEU A 871 16.03 -11.27 -20.39
N SER A 872 15.58 -10.07 -20.77
CA SER A 872 15.53 -9.63 -22.17
C SER A 872 16.87 -9.60 -22.90
N ALA A 873 17.95 -9.31 -22.17
CA ALA A 873 19.28 -9.30 -22.77
C ALA A 873 19.69 -10.72 -23.13
N GLU A 874 19.24 -11.67 -22.31
CA GLU A 874 19.52 -13.08 -22.52
C GLU A 874 18.69 -13.61 -23.68
N SER A 875 17.38 -13.31 -23.65
CA SER A 875 16.48 -13.64 -24.75
C SER A 875 17.00 -13.14 -26.09
N ALA A 876 17.48 -11.90 -26.11
CA ALA A 876 17.94 -11.27 -27.35
C ALA A 876 19.15 -12.02 -27.89
N LYS A 877 20.01 -12.47 -26.99
CA LYS A 877 21.18 -13.25 -27.37
C LYS A 877 20.81 -14.57 -28.04
N TYR A 878 19.79 -15.26 -27.51
CA TYR A 878 19.30 -16.52 -28.10
C TYR A 878 18.48 -16.26 -29.35
N TRP A 879 17.67 -15.19 -29.31
CA TRP A 879 16.82 -14.82 -30.43
C TRP A 879 17.66 -14.47 -31.66
N GLY A 880 18.80 -13.83 -31.43
CA GLY A 880 19.76 -13.53 -32.49
C GLY A 880 20.22 -14.82 -33.13
N GLU A 881 20.43 -15.83 -32.28
CA GLU A 881 20.92 -17.14 -32.70
C GLU A 881 19.87 -17.93 -33.50
N ILE A 882 18.59 -17.69 -33.22
CA ILE A 882 17.45 -18.35 -33.87
C ILE A 882 17.04 -17.69 -35.19
N ILE A 883 16.84 -16.37 -35.19
CA ILE A 883 16.50 -15.66 -36.42
C ILE A 883 17.60 -15.76 -37.46
N SER A 884 18.86 -15.81 -37.01
CA SER A 884 19.99 -15.88 -37.94
C SER A 884 20.21 -17.32 -38.36
N GLN A 885 19.45 -18.22 -37.75
CA GLN A 885 19.47 -19.64 -38.08
C GLN A 885 20.86 -20.28 -37.92
N GLN A 886 21.57 -19.92 -36.85
CA GLN A 886 22.89 -20.50 -36.59
C GLN A 886 22.89 -21.33 -35.33
N TYR A 887 22.05 -20.96 -34.37
CA TYR A 887 21.71 -21.83 -33.25
C TYR A 887 22.89 -22.14 -32.32
N ASN A 888 23.99 -21.42 -32.51
CA ASN A 888 25.19 -21.58 -31.70
C ASN A 888 25.02 -20.85 -30.36
N PHE A 889 24.36 -21.49 -29.41
CA PHE A 889 24.00 -20.86 -28.13
C PHE A 889 25.16 -20.66 -27.17
N ASP A 890 26.23 -21.43 -27.38
CA ASP A 890 27.43 -21.40 -26.56
C ASP A 890 28.53 -20.65 -27.34
N ARG A 891 28.09 -19.77 -28.22
CA ARG A 891 28.96 -19.06 -29.17
C ARG A 891 30.10 -18.33 -28.48
N ASP A 892 29.74 -17.61 -27.42
CA ASP A 892 30.68 -16.79 -26.67
C ASP A 892 31.90 -17.60 -26.24
N ASN A 893 31.64 -18.72 -25.56
CA ASN A 893 32.71 -19.57 -25.03
C ASN A 893 33.69 -20.10 -26.08
N THR A 894 33.18 -20.75 -27.13
CA THR A 894 34.05 -21.34 -28.14
C THR A 894 34.85 -20.27 -28.92
N GLU A 895 34.19 -19.16 -29.24
CA GLU A 895 34.83 -18.08 -30.01
C GLU A 895 35.83 -17.26 -29.20
N VAL A 896 35.52 -17.05 -27.91
CA VAL A 896 36.47 -16.38 -27.02
C VAL A 896 37.65 -17.32 -26.78
N ALA A 897 37.35 -18.59 -26.50
CA ALA A 897 38.37 -19.62 -26.37
C ALA A 897 39.26 -19.69 -27.62
N TYR A 898 38.66 -19.61 -28.81
CA TYR A 898 39.47 -19.60 -30.03
C TYR A 898 40.21 -18.27 -30.25
N LEU A 899 39.57 -17.15 -29.90
CA LEU A 899 40.19 -15.82 -29.97
C LEU A 899 41.54 -15.75 -29.27
N LYS A 900 41.63 -16.40 -28.10
CA LYS A 900 42.85 -16.37 -27.29
C LYS A 900 44.05 -17.01 -27.98
N THR A 901 43.81 -18.02 -28.82
CA THR A 901 44.92 -18.70 -29.50
C THR A 901 45.54 -17.82 -30.61
N LEU A 902 44.83 -16.75 -30.97
CA LEU A 902 45.21 -15.89 -32.11
C LEU A 902 46.47 -15.10 -31.87
N THR A 903 47.41 -15.22 -32.80
CA THR A 903 48.70 -14.53 -32.72
C THR A 903 48.61 -13.16 -33.39
N LYS A 904 49.63 -12.34 -33.14
CA LYS A 904 49.71 -10.99 -33.71
C LYS A 904 49.90 -11.02 -35.23
N GLU A 905 50.49 -12.10 -35.75
CA GLU A 905 50.78 -12.15 -37.18
C GLU A 905 49.65 -12.79 -37.97
N ASP A 906 48.77 -13.51 -37.27
CA ASP A 906 47.50 -13.94 -37.82
C ASP A 906 46.74 -12.71 -38.25
N ILE A 907 46.60 -11.76 -37.32
CA ILE A 907 45.95 -10.49 -37.61
C ILE A 907 46.62 -9.76 -38.77
N ILE A 908 47.94 -9.76 -38.82
CA ILE A 908 48.64 -9.12 -39.94
C ILE A 908 48.41 -9.86 -41.27
N LYS A 909 48.51 -11.19 -41.24
CA LYS A 909 48.25 -12.01 -42.44
C LYS A 909 46.88 -11.67 -43.01
N PHE A 910 45.89 -11.70 -42.12
CA PHE A 910 44.48 -11.45 -42.41
C PHE A 910 44.22 -10.05 -42.96
N TYR A 911 44.82 -9.04 -42.33
CA TYR A 911 44.75 -7.67 -42.85
C TYR A 911 45.35 -7.59 -44.27
N LYS A 912 46.52 -8.22 -44.44
CA LYS A 912 47.31 -8.14 -45.66
C LYS A 912 46.58 -8.79 -46.82
N GLU A 913 45.90 -9.91 -46.54
CA GLU A 913 45.15 -10.68 -47.53
C GLU A 913 43.75 -10.12 -47.88
N MET A 914 43.06 -9.53 -46.91
CA MET A 914 41.66 -9.08 -47.07
C MET A 914 41.43 -7.58 -47.17
N LEU A 915 42.09 -6.82 -46.30
CA LEU A 915 41.73 -5.43 -46.04
C LEU A 915 42.63 -4.38 -46.67
N ALA A 916 43.92 -4.70 -46.81
CA ALA A 916 44.91 -3.74 -47.31
C ALA A 916 44.57 -3.24 -48.72
N VAL A 917 45.05 -2.04 -49.05
CA VAL A 917 44.76 -1.39 -50.34
C VAL A 917 45.02 -2.28 -51.56
N ASP A 918 46.07 -3.09 -51.48
CA ASP A 918 46.45 -4.02 -52.55
C ASP A 918 46.37 -5.49 -52.11
N ALA A 919 45.35 -5.81 -51.31
CA ALA A 919 45.05 -7.19 -50.92
C ALA A 919 44.54 -7.96 -52.13
N PRO A 920 44.96 -9.24 -52.27
CA PRO A 920 44.48 -10.00 -53.44
C PRO A 920 42.96 -10.25 -53.37
N ARG A 921 42.40 -10.15 -52.17
CA ARG A 921 41.01 -10.52 -51.93
C ARG A 921 40.14 -9.39 -51.36
N ARG A 922 40.50 -8.14 -51.68
CA ARG A 922 39.80 -6.96 -51.18
C ARG A 922 38.47 -6.74 -51.89
N HIS A 923 37.41 -6.59 -51.11
CA HIS A 923 36.04 -6.51 -51.61
C HIS A 923 35.38 -5.24 -51.11
N LYS A 924 35.57 -4.13 -51.83
CA LYS A 924 35.13 -2.84 -51.34
C LYS A 924 33.90 -2.27 -52.06
N VAL A 925 32.89 -1.89 -51.29
CA VAL A 925 31.74 -1.12 -51.78
C VAL A 925 31.59 0.15 -50.97
N SER A 926 31.36 1.27 -51.64
CA SER A 926 31.17 2.53 -50.95
C SER A 926 29.86 3.20 -51.34
N VAL A 927 29.13 3.70 -50.35
CA VAL A 927 27.95 4.52 -50.63
C VAL A 927 28.22 5.98 -50.27
N HIS A 928 28.17 6.84 -51.28
CA HIS A 928 28.45 8.26 -51.10
C HIS A 928 27.15 9.02 -51.17
N VAL A 929 26.76 9.67 -50.08
CA VAL A 929 25.58 10.52 -50.10
C VAL A 929 26.03 11.97 -50.01
N LEU A 930 25.80 12.71 -51.09
CA LEU A 930 26.26 14.09 -51.20
C LEU A 930 25.34 15.04 -50.45
N ALA A 931 25.92 16.13 -49.94
CA ALA A 931 25.17 17.19 -49.27
C ALA A 931 24.15 17.81 -50.19
N ARG A 932 23.22 18.58 -49.62
CA ARG A 932 22.21 19.29 -50.40
C ARG A 932 22.79 20.06 -51.60
N GLU A 933 24.09 20.38 -51.57
CA GLU A 933 24.68 21.28 -52.59
C GLU A 933 26.10 20.97 -53.10
N MET A 934 26.30 19.82 -53.73
CA MET A 934 27.62 19.49 -54.26
C MET A 934 27.57 19.15 -55.75
N SER A 952 49.03 13.61 -42.91
CA SER A 952 49.30 12.17 -43.02
C SER A 952 48.87 11.60 -44.39
N GLN A 953 49.82 10.99 -45.10
CA GLN A 953 49.65 10.66 -46.54
C GLN A 953 48.68 9.51 -46.86
N ALA A 954 47.79 9.76 -47.83
CA ALA A 954 46.84 8.77 -48.34
C ALA A 954 47.38 8.03 -49.57
N PRO A 955 47.10 6.71 -49.70
CA PRO A 955 47.55 5.87 -50.83
C PRO A 955 46.79 6.16 -52.12
N ALA A 956 47.33 5.75 -53.28
CA ALA A 956 46.63 5.94 -54.56
C ALA A 956 45.57 4.85 -54.76
N LEU A 957 44.38 5.29 -55.20
CA LEU A 957 43.21 4.41 -55.29
C LEU A 957 42.78 4.15 -56.75
N PRO A 958 42.32 2.91 -57.04
CA PRO A 958 41.81 2.57 -58.37
C PRO A 958 40.59 3.43 -58.77
N GLN A 959 40.35 3.55 -60.07
CA GLN A 959 39.09 4.07 -60.57
C GLN A 959 38.00 3.07 -60.16
N PRO A 960 36.91 3.52 -59.49
CA PRO A 960 35.88 2.55 -59.11
C PRO A 960 34.85 2.37 -60.21
N GLU A 961 34.14 1.24 -60.19
CA GLU A 961 33.00 1.06 -61.08
C GLU A 961 31.78 1.71 -60.44
N VAL A 962 31.14 2.60 -61.20
CA VAL A 962 30.03 3.39 -60.69
C VAL A 962 28.70 2.71 -60.96
N ILE A 963 28.07 2.27 -59.89
CA ILE A 963 26.75 1.66 -59.96
C ILE A 963 25.73 2.67 -60.48
N GLN A 964 25.08 2.33 -61.59
CA GLN A 964 24.01 3.17 -62.16
C GLN A 964 22.67 2.63 -61.72
N ASN A 965 22.60 1.32 -61.53
CA ASN A 965 21.33 0.66 -61.29
C ASN A 965 21.47 -0.44 -60.26
N MET A 966 20.67 -0.37 -59.21
CA MET A 966 20.79 -1.34 -58.12
C MET A 966 20.48 -2.76 -58.57
N THR A 967 19.54 -2.89 -59.50
CA THR A 967 19.14 -4.20 -60.01
C THR A 967 20.22 -4.76 -60.94
N GLU A 968 20.70 -3.94 -61.87
CA GLU A 968 21.78 -4.33 -62.79
C GLU A 968 23.02 -4.81 -62.04
N PHE A 969 23.38 -4.07 -61.00
CA PHE A 969 24.52 -4.41 -60.16
C PHE A 969 24.35 -5.78 -59.49
N LYS A 970 23.22 -5.98 -58.81
CA LYS A 970 22.89 -7.26 -58.16
C LYS A 970 22.90 -8.45 -59.13
N ARG A 971 22.36 -8.25 -60.32
CA ARG A 971 22.33 -9.29 -61.36
C ARG A 971 23.72 -9.59 -61.90
N GLY A 972 24.58 -8.58 -61.94
CA GLY A 972 25.92 -8.70 -62.50
C GLY A 972 26.91 -9.54 -61.71
N LEU A 973 26.56 -9.94 -60.49
CA LEU A 973 27.47 -10.78 -59.71
C LEU A 973 26.80 -11.90 -58.88
N PRO A 974 27.62 -12.81 -58.32
CA PRO A 974 27.10 -13.97 -57.61
C PRO A 974 26.46 -13.64 -56.27
N LEU A 975 25.84 -14.64 -55.65
CA LEU A 975 25.30 -14.50 -54.30
C LEU A 975 25.92 -15.59 -53.44
N PHE A 976 26.31 -15.24 -52.22
CA PHE A 976 26.93 -16.18 -51.28
C PHE A 976 26.00 -17.35 -50.95
N PRO A 977 26.56 -18.45 -50.42
CA PRO A 977 25.65 -19.43 -49.82
C PRO A 977 24.95 -18.81 -48.60
N LEU A 978 24.11 -19.60 -47.94
CA LEU A 978 23.54 -19.23 -46.66
C LEU A 978 24.32 -20.00 -45.62
N VAL A 979 24.39 -19.50 -44.40
CA VAL A 979 25.17 -20.19 -43.36
C VAL A 979 24.58 -21.55 -43.00
N LYS A 980 25.46 -22.48 -42.66
CA LYS A 980 25.10 -23.84 -42.26
C LYS A 980 24.69 -23.81 -40.75
N PRO A 981 23.51 -24.38 -40.39
CA PRO A 981 23.02 -24.30 -38.99
C PRO A 981 23.79 -25.21 -38.01
N HIS A 982 24.68 -24.62 -37.19
CA HIS A 982 25.43 -25.35 -36.14
C HIS A 982 24.51 -26.28 -35.34
N PRO B 16 -31.67 17.63 -5.47
CA PRO B 16 -30.78 16.81 -6.29
C PRO B 16 -30.98 15.30 -6.07
N ALA B 17 -30.11 14.71 -5.25
CA ALA B 17 -30.08 13.26 -4.93
C ALA B 17 -30.40 13.03 -3.45
N ILE B 18 -31.02 14.06 -2.86
CA ILE B 18 -31.48 14.09 -1.50
C ILE B 18 -33.00 14.06 -1.57
N LYS B 19 -33.64 13.08 -0.94
CA LYS B 19 -35.11 13.05 -0.95
C LYS B 19 -35.71 14.03 0.04
N ARG B 20 -34.91 14.44 1.03
CA ARG B 20 -35.43 15.22 2.13
C ARG B 20 -34.36 15.57 3.13
N ILE B 21 -34.57 16.67 3.85
CA ILE B 21 -33.64 17.13 4.87
C ILE B 21 -34.41 17.30 6.17
N GLY B 22 -33.74 17.06 7.29
CA GLY B 22 -34.42 17.02 8.57
C GLY B 22 -34.37 18.35 9.30
N ASN B 23 -35.54 18.76 9.79
CA ASN B 23 -35.64 19.93 10.63
C ASN B 23 -34.76 19.70 11.86
N HIS B 24 -34.51 20.75 12.62
CA HIS B 24 -33.71 20.65 13.84
C HIS B 24 -33.76 19.30 14.52
N ILE B 25 -32.58 18.70 14.70
CA ILE B 25 -32.44 17.47 15.45
C ILE B 25 -32.37 17.85 16.93
N THR B 26 -33.35 17.40 17.71
CA THR B 26 -33.38 17.71 19.13
C THR B 26 -32.17 17.10 19.81
N LYS B 27 -31.36 17.95 20.43
CA LYS B 27 -30.20 17.49 21.15
C LYS B 27 -30.23 18.03 22.58
N SER B 28 -29.28 17.55 23.39
CA SER B 28 -29.11 18.08 24.74
C SER B 28 -28.62 19.51 24.61
N PRO B 29 -28.96 20.38 25.58
CA PRO B 29 -28.49 21.77 25.47
C PRO B 29 -27.00 21.95 25.76
N GLU B 30 -26.40 20.93 26.37
CA GLU B 30 -24.97 20.92 26.67
C GLU B 30 -24.20 20.36 25.49
N ASP B 31 -24.91 19.74 24.56
CA ASP B 31 -24.29 19.13 23.40
C ASP B 31 -23.92 20.23 22.41
N LYS B 32 -22.63 20.34 22.14
CA LYS B 32 -22.10 21.40 21.30
C LYS B 32 -21.82 20.94 19.88
N ARG B 33 -21.90 19.64 19.65
CA ARG B 33 -21.80 19.10 18.30
C ARG B 33 -23.03 19.56 17.50
N GLU B 34 -22.92 19.55 16.18
CA GLU B 34 -24.04 19.97 15.35
C GLU B 34 -24.51 18.87 14.43
N TYR B 35 -25.81 18.81 14.20
CA TYR B 35 -26.39 17.67 13.49
C TYR B 35 -27.29 18.04 12.33
N ARG B 36 -27.41 17.10 11.41
CA ARG B 36 -28.34 17.20 10.31
C ARG B 36 -28.75 15.80 9.87
N GLY B 37 -30.05 15.58 9.80
CA GLY B 37 -30.58 14.34 9.27
C GLY B 37 -31.03 14.59 7.85
N LEU B 38 -30.94 13.56 7.02
CA LEU B 38 -31.52 13.60 5.69
C LEU B 38 -31.78 12.21 5.20
N GLU B 39 -32.45 12.11 4.07
CA GLU B 39 -32.75 10.83 3.47
C GLU B 39 -32.39 10.96 2.01
N LEU B 40 -31.52 10.07 1.54
CA LEU B 40 -31.08 10.11 0.16
C LEU B 40 -32.18 9.62 -0.79
N ALA B 41 -32.01 9.91 -2.08
CA ALA B 41 -32.95 9.49 -3.13
C ALA B 41 -33.15 7.98 -3.19
N ASN B 42 -32.10 7.22 -2.87
CA ASN B 42 -32.18 5.76 -2.86
C ASN B 42 -32.73 5.20 -1.54
N GLY B 43 -33.06 6.10 -0.62
CA GLY B 43 -33.73 5.72 0.63
C GLY B 43 -32.86 5.53 1.86
N ILE B 44 -31.56 5.80 1.74
CA ILE B 44 -30.66 5.70 2.89
C ILE B 44 -30.96 6.83 3.86
N LYS B 45 -31.13 6.48 5.13
CA LYS B 45 -31.27 7.46 6.20
C LYS B 45 -29.88 7.84 6.72
N VAL B 46 -29.65 9.14 6.88
CA VAL B 46 -28.32 9.61 7.22
C VAL B 46 -28.35 10.63 8.34
N LEU B 47 -27.51 10.44 9.36
CA LEU B 47 -27.26 11.49 10.32
C LEU B 47 -25.85 12.04 10.14
N LEU B 48 -25.74 13.36 10.13
CA LEU B 48 -24.45 14.02 10.00
C LEU B 48 -24.11 14.73 11.29
N ILE B 49 -22.97 14.38 11.86
CA ILE B 49 -22.51 14.97 13.09
C ILE B 49 -21.24 15.78 12.82
N SER B 50 -21.27 17.06 13.16
CA SER B 50 -20.14 17.95 12.95
C SER B 50 -19.58 18.39 14.29
N ASP B 51 -18.36 17.97 14.59
CA ASP B 51 -17.70 18.34 15.82
C ASP B 51 -16.29 18.84 15.49
N PRO B 52 -16.14 20.17 15.29
CA PRO B 52 -14.86 20.77 14.89
C PRO B 52 -13.70 20.52 15.85
N THR B 53 -14.00 20.09 17.08
CA THR B 53 -12.97 19.83 18.09
C THR B 53 -12.47 18.38 18.12
N THR B 54 -13.09 17.48 17.37
CA THR B 54 -12.81 16.04 17.51
C THR B 54 -11.46 15.63 16.95
N ASP B 55 -10.80 14.70 17.62
CA ASP B 55 -9.51 14.18 17.16
C ASP B 55 -9.69 13.08 16.15
N LYS B 56 -10.68 12.23 16.37
CA LYS B 56 -10.98 11.15 15.45
C LYS B 56 -12.29 11.42 14.75
N SER B 57 -12.39 10.95 13.52
CA SER B 57 -13.63 11.00 12.79
C SER B 57 -14.15 9.58 12.68
N SER B 58 -15.42 9.43 12.33
CA SER B 58 -16.06 8.13 12.41
C SER B 58 -17.23 8.01 11.47
N ALA B 59 -17.49 6.79 11.02
CA ALA B 59 -18.69 6.51 10.24
C ALA B 59 -19.17 5.13 10.55
N ALA B 60 -20.47 4.93 10.39
CA ALA B 60 -21.07 3.64 10.60
C ALA B 60 -22.19 3.46 9.61
N LEU B 61 -22.37 2.23 9.15
CA LEU B 61 -23.51 1.89 8.34
C LEU B 61 -24.18 0.69 8.99
N ASP B 62 -25.50 0.73 9.02
CA ASP B 62 -26.30 -0.36 9.56
C ASP B 62 -27.29 -0.81 8.49
N VAL B 63 -27.23 -2.08 8.13
CA VAL B 63 -28.16 -2.64 7.15
C VAL B 63 -29.19 -3.39 7.97
N HIS B 64 -30.47 -3.15 7.67
CA HIS B 64 -31.52 -3.81 8.44
C HIS B 64 -31.68 -5.27 8.00
N ILE B 65 -30.57 -6.00 7.95
CA ILE B 65 -30.60 -7.40 7.53
C ILE B 65 -29.66 -8.18 8.41
N GLY B 66 -30.08 -9.37 8.84
CA GLY B 66 -29.24 -10.16 9.72
C GLY B 66 -29.42 -11.66 9.62
N SER B 67 -28.87 -12.36 10.61
CA SER B 67 -28.90 -13.83 10.62
C SER B 67 -30.30 -14.45 10.60
N LEU B 68 -31.35 -13.66 10.84
CA LEU B 68 -32.71 -14.20 10.72
C LEU B 68 -33.10 -14.42 9.25
N SER B 69 -32.38 -13.76 8.36
CA SER B 69 -32.55 -13.91 6.93
C SER B 69 -31.56 -14.89 6.30
N ASP B 70 -30.80 -15.61 7.12
CA ASP B 70 -29.90 -16.64 6.59
C ASP B 70 -30.73 -17.67 5.80
N PRO B 71 -30.23 -18.12 4.63
CA PRO B 71 -30.95 -19.20 3.97
C PRO B 71 -30.98 -20.43 4.87
N PRO B 72 -32.15 -21.10 4.99
CA PRO B 72 -32.27 -22.25 5.89
C PRO B 72 -31.14 -23.28 5.73
N ASN B 73 -30.60 -23.39 4.51
CA ASN B 73 -29.60 -24.40 4.22
C ASN B 73 -28.14 -23.97 4.38
N ILE B 74 -27.90 -22.69 4.70
CA ILE B 74 -26.54 -22.21 4.92
C ILE B 74 -26.49 -21.31 6.16
N ALA B 75 -26.42 -21.94 7.33
CA ALA B 75 -26.48 -21.23 8.59
C ALA B 75 -25.27 -20.31 8.76
N GLY B 76 -25.54 -19.05 9.09
CA GLY B 76 -24.49 -18.09 9.39
C GLY B 76 -23.96 -17.35 8.19
N LEU B 77 -24.67 -17.43 7.06
CA LEU B 77 -24.25 -16.79 5.82
C LEU B 77 -24.06 -15.29 5.98
N SER B 78 -24.99 -14.62 6.66
CA SER B 78 -24.88 -13.17 6.84
C SER B 78 -23.74 -12.77 7.77
N HIS B 79 -23.46 -13.59 8.78
CA HIS B 79 -22.29 -13.37 9.64
C HIS B 79 -21.00 -13.56 8.86
N PHE B 80 -21.00 -14.54 7.96
CA PHE B 80 -19.84 -14.77 7.11
C PHE B 80 -19.63 -13.61 6.14
N LEU B 81 -20.71 -13.16 5.52
CA LEU B 81 -20.67 -12.03 4.61
C LEU B 81 -20.07 -10.84 5.33
N GLN B 82 -20.49 -10.63 6.57
CA GLN B 82 -19.97 -9.56 7.40
C GLN B 82 -18.44 -9.61 7.47
N HIS B 83 -17.90 -10.80 7.72
CA HIS B 83 -16.46 -11.00 7.80
C HIS B 83 -15.74 -10.73 6.48
N MET B 84 -16.42 -11.02 5.37
CA MET B 84 -15.81 -10.99 4.03
C MET B 84 -15.70 -9.58 3.47
N LEU B 85 -16.65 -8.72 3.80
CA LEU B 85 -16.65 -7.35 3.27
C LEU B 85 -15.34 -6.59 3.52
N PHE B 86 -14.64 -6.94 4.60
CA PHE B 86 -13.37 -6.30 4.94
C PHE B 86 -12.24 -6.74 4.00
N LEU B 87 -12.39 -7.89 3.37
CA LEU B 87 -11.28 -8.52 2.69
C LEU B 87 -11.12 -8.18 1.21
N GLY B 88 -11.63 -7.03 0.79
CA GLY B 88 -11.39 -6.57 -0.58
C GLY B 88 -12.62 -6.19 -1.39
N THR B 89 -12.51 -5.06 -2.10
CA THR B 89 -13.57 -4.60 -2.97
C THR B 89 -13.04 -4.31 -4.38
N LYS B 90 -13.95 -4.03 -5.32
CA LYS B 90 -13.58 -3.78 -6.72
C LYS B 90 -12.53 -2.68 -6.85
N LYS B 91 -12.77 -1.52 -6.25
CA LYS B 91 -11.81 -0.43 -6.42
C LYS B 91 -10.67 -0.32 -5.42
N TYR B 92 -10.70 -1.17 -4.40
CA TYR B 92 -9.56 -1.35 -3.50
C TYR B 92 -9.37 -2.83 -3.27
N PRO B 93 -8.84 -3.54 -4.29
CA PRO B 93 -8.74 -5.01 -4.33
C PRO B 93 -7.77 -5.62 -3.33
N LYS B 94 -6.89 -4.79 -2.76
CA LYS B 94 -5.87 -5.28 -1.83
C LYS B 94 -6.56 -5.89 -0.63
N GLU B 95 -6.36 -7.18 -0.41
CA GLU B 95 -7.09 -7.90 0.63
C GLU B 95 -7.24 -7.12 1.94
N ASN B 96 -6.17 -6.46 2.36
CA ASN B 96 -6.17 -5.73 3.62
C ASN B 96 -6.04 -4.22 3.47
N GLU B 97 -6.31 -3.69 2.27
CA GLU B 97 -6.23 -2.25 2.01
C GLU B 97 -6.97 -1.42 3.07
N TYR B 98 -8.17 -1.87 3.42
CA TYR B 98 -9.01 -1.20 4.41
C TYR B 98 -8.38 -1.22 5.79
N SER B 99 -8.15 -2.43 6.30
CA SER B 99 -7.56 -2.65 7.60
C SER B 99 -6.24 -1.86 7.77
N GLN B 100 -5.37 -1.94 6.76
CA GLN B 100 -4.07 -1.26 6.77
C GLN B 100 -4.17 0.26 6.68
N PHE B 101 -5.10 0.76 5.85
CA PHE B 101 -5.32 2.20 5.78
C PHE B 101 -5.68 2.80 7.13
N LEU B 102 -6.56 2.12 7.86
CA LEU B 102 -6.97 2.59 9.17
C LEU B 102 -5.81 2.55 10.15
N SER B 103 -5.10 1.42 10.19
CA SER B 103 -3.99 1.27 11.10
C SER B 103 -2.96 2.39 10.94
N GLU B 104 -2.72 2.76 9.69
CA GLU B 104 -1.75 3.79 9.33
C GLU B 104 -2.25 5.21 9.54
N HIS B 105 -3.52 5.37 9.87
CA HIS B 105 -4.08 6.71 10.14
C HIS B 105 -4.78 6.83 11.48
N ALA B 106 -4.24 6.10 12.46
CA ALA B 106 -4.77 6.01 13.82
C ALA B 106 -6.24 5.61 13.85
N GLY B 107 -6.57 4.56 13.10
CA GLY B 107 -7.95 4.11 13.01
C GLY B 107 -8.16 2.71 13.52
N SER B 108 -9.43 2.38 13.72
CA SER B 108 -9.83 1.03 14.09
C SER B 108 -11.18 0.76 13.46
N SER B 109 -11.49 -0.51 13.27
CA SER B 109 -12.77 -0.88 12.68
C SER B 109 -13.30 -2.17 13.27
N ASN B 110 -14.62 -2.32 13.27
CA ASN B 110 -15.23 -3.58 13.63
C ASN B 110 -16.66 -3.66 13.12
N ALA B 111 -17.22 -4.86 13.09
CA ALA B 111 -18.62 -5.03 12.75
C ALA B 111 -19.22 -6.09 13.66
N PHE B 112 -20.55 -6.21 13.67
CA PHE B 112 -21.23 -7.32 14.33
C PHE B 112 -22.52 -7.65 13.57
N THR B 113 -23.02 -8.86 13.75
CA THR B 113 -24.28 -9.28 13.11
C THR B 113 -25.26 -9.78 14.17
N SER B 114 -26.42 -9.14 14.27
CA SER B 114 -27.50 -9.63 15.15
C SER B 114 -28.58 -10.27 14.31
N GLY B 115 -29.69 -10.64 14.94
CA GLY B 115 -30.81 -11.26 14.23
C GLY B 115 -31.26 -10.46 13.01
N GLU B 116 -31.35 -9.14 13.15
CA GLU B 116 -31.86 -8.32 12.05
C GLU B 116 -31.08 -7.06 11.69
N HIS B 117 -29.80 -7.02 12.06
CA HIS B 117 -28.91 -5.95 11.64
C HIS B 117 -27.52 -6.44 11.37
N THR B 118 -26.87 -5.72 10.46
CA THR B 118 -25.43 -5.85 10.30
C THR B 118 -24.87 -4.44 10.31
N ASN B 119 -23.99 -4.22 11.27
CA ASN B 119 -23.55 -2.88 11.64
C ASN B 119 -22.05 -2.82 11.48
N TYR B 120 -21.60 -1.84 10.69
CA TYR B 120 -20.20 -1.66 10.38
C TYR B 120 -19.80 -0.28 10.86
N TYR B 121 -18.62 -0.17 11.46
CA TYR B 121 -18.18 1.10 11.98
C TYR B 121 -16.67 1.17 11.95
N PHE B 122 -16.17 2.38 11.86
CA PHE B 122 -14.74 2.62 11.87
C PHE B 122 -14.41 3.99 12.47
N ASP B 123 -13.11 4.22 12.57
CA ASP B 123 -12.48 5.19 13.43
C ASP B 123 -11.22 5.64 12.70
N VAL B 124 -11.00 6.94 12.53
CA VAL B 124 -9.78 7.36 11.84
C VAL B 124 -9.39 8.78 12.23
N SER B 125 -8.14 9.15 12.01
CA SER B 125 -7.66 10.51 12.30
C SER B 125 -8.53 11.54 11.61
N HIS B 126 -8.89 12.60 12.32
CA HIS B 126 -9.94 13.50 11.88
C HIS B 126 -9.84 14.02 10.45
N GLU B 127 -8.62 14.11 9.91
CA GLU B 127 -8.53 14.52 8.51
C GLU B 127 -8.07 13.42 7.53
N HIS B 128 -8.57 12.21 7.75
CA HIS B 128 -8.51 11.16 6.76
C HIS B 128 -9.87 10.49 6.69
N LEU B 129 -10.90 11.27 6.98
CA LEU B 129 -12.27 10.81 6.91
C LEU B 129 -12.57 10.33 5.49
N GLU B 130 -12.44 11.24 4.52
CA GLU B 130 -12.64 10.95 3.09
C GLU B 130 -12.05 9.63 2.61
N GLY B 131 -10.76 9.45 2.86
CA GLY B 131 -10.04 8.26 2.43
C GLY B 131 -10.63 7.03 3.08
N ALA B 132 -10.83 7.11 4.39
CA ALA B 132 -11.42 6.03 5.16
C ALA B 132 -12.82 5.72 4.65
N LEU B 133 -13.64 6.76 4.48
CA LEU B 133 -15.02 6.60 4.08
C LEU B 133 -15.16 6.06 2.65
N ASP B 134 -14.24 6.44 1.76
CA ASP B 134 -14.28 5.96 0.38
C ASP B 134 -14.01 4.46 0.35
N ARG B 135 -12.96 4.01 1.04
CA ARG B 135 -12.67 2.58 1.17
C ARG B 135 -13.84 1.81 1.79
N PHE B 136 -14.60 2.49 2.65
CA PHE B 136 -15.66 1.90 3.45
C PHE B 136 -16.93 1.71 2.62
N ALA B 137 -17.30 2.76 1.89
CA ALA B 137 -18.49 2.72 1.03
C ALA B 137 -18.40 1.55 0.04
N GLN B 138 -17.18 1.22 -0.38
CA GLN B 138 -16.96 0.14 -1.34
C GLN B 138 -17.46 -1.20 -0.85
N PHE B 139 -17.59 -1.35 0.46
CA PHE B 139 -18.13 -2.59 1.04
C PHE B 139 -19.52 -2.88 0.51
N PHE B 140 -20.27 -1.82 0.24
CA PHE B 140 -21.69 -1.93 -0.05
C PHE B 140 -21.98 -1.68 -1.52
N LEU B 141 -20.90 -1.46 -2.26
CA LEU B 141 -20.97 -1.20 -3.67
C LEU B 141 -20.59 -2.44 -4.45
N SER B 142 -19.38 -2.93 -4.22
CA SER B 142 -18.82 -4.00 -5.05
C SER B 142 -17.76 -4.78 -4.28
N PRO B 143 -18.18 -5.58 -3.29
CA PRO B 143 -17.27 -6.44 -2.55
C PRO B 143 -16.67 -7.43 -3.53
N LEU B 144 -15.70 -8.23 -3.09
CA LEU B 144 -15.00 -9.09 -4.04
C LEU B 144 -15.33 -10.53 -3.74
N PHE B 145 -15.59 -10.81 -2.47
CA PHE B 145 -15.66 -12.17 -1.97
C PHE B 145 -14.66 -13.03 -2.72
N ASP B 146 -13.37 -12.69 -2.61
CA ASP B 146 -12.31 -13.46 -3.24
C ASP B 146 -12.47 -14.91 -2.79
N GLU B 147 -12.12 -15.83 -3.68
CA GLU B 147 -12.34 -17.26 -3.45
C GLU B 147 -11.30 -17.84 -2.50
N SER B 148 -10.08 -17.34 -2.61
CA SER B 148 -8.95 -17.72 -1.76
C SER B 148 -9.12 -17.15 -0.34
N ALA B 149 -9.63 -15.92 -0.26
CA ALA B 149 -9.95 -15.24 1.00
C ALA B 149 -11.11 -15.91 1.72
N LYS B 150 -12.12 -16.32 0.97
CA LYS B 150 -13.27 -17.06 1.51
C LYS B 150 -12.84 -18.36 2.20
N ASP B 151 -11.90 -19.08 1.58
CA ASP B 151 -11.44 -20.36 2.13
C ASP B 151 -10.74 -20.20 3.46
N ARG B 152 -10.05 -19.08 3.63
CA ARG B 152 -9.29 -18.85 4.84
C ARG B 152 -10.17 -18.27 5.92
N GLU B 153 -10.90 -17.20 5.58
CA GLU B 153 -11.75 -16.53 6.55
C GLU B 153 -12.87 -17.42 7.13
N VAL B 154 -13.13 -18.57 6.51
CA VAL B 154 -14.12 -19.49 7.07
C VAL B 154 -13.63 -20.10 8.40
N ASN B 155 -12.32 -20.25 8.55
CA ASN B 155 -11.75 -20.74 9.80
C ASN B 155 -11.91 -19.75 10.93
N ALA B 156 -11.92 -18.47 10.58
CA ALA B 156 -12.09 -17.42 11.56
C ALA B 156 -13.46 -17.53 12.22
N VAL B 157 -14.51 -17.66 11.40
CA VAL B 157 -15.86 -17.89 11.90
C VAL B 157 -15.94 -19.14 12.78
N ASP B 158 -15.36 -20.25 12.28
CA ASP B 158 -15.26 -21.50 13.04
C ASP B 158 -14.62 -21.33 14.42
N SER B 159 -13.51 -20.60 14.49
CA SER B 159 -12.84 -20.28 15.76
C SER B 159 -13.71 -19.43 16.67
N GLU B 160 -14.43 -18.49 16.07
CA GLU B 160 -15.35 -17.65 16.80
C GLU B 160 -16.42 -18.54 17.43
N HIS B 161 -16.95 -19.50 16.67
CA HIS B 161 -17.94 -20.40 17.24
C HIS B 161 -17.32 -21.29 18.32
N GLU B 162 -16.12 -21.79 18.06
CA GLU B 162 -15.42 -22.67 18.98
C GLU B 162 -15.22 -22.02 20.35
N LYS B 163 -14.82 -20.75 20.36
CA LYS B 163 -14.67 -20.03 21.61
C LYS B 163 -16.01 -19.86 22.36
N ASN B 164 -17.12 -19.89 21.62
CA ASN B 164 -18.45 -19.82 22.23
C ASN B 164 -18.96 -21.15 22.77
N VAL B 165 -18.61 -22.24 22.09
CA VAL B 165 -19.18 -23.56 22.37
C VAL B 165 -19.32 -23.88 23.86
N MET B 166 -18.25 -23.69 24.62
CA MET B 166 -18.22 -24.07 26.04
C MET B 166 -18.59 -22.91 26.98
N ASN B 167 -19.28 -21.91 26.44
CA ASN B 167 -19.71 -20.74 27.20
C ASN B 167 -21.19 -20.83 27.57
N ASP B 168 -21.46 -20.88 28.87
CA ASP B 168 -22.82 -21.07 29.39
C ASP B 168 -23.85 -20.07 28.85
N ALA B 169 -23.42 -18.83 28.63
CA ALA B 169 -24.30 -17.79 28.10
C ALA B 169 -24.78 -18.10 26.68
N TRP B 170 -23.85 -18.45 25.79
CA TRP B 170 -24.18 -18.76 24.39
C TRP B 170 -25.03 -20.03 24.26
N ARG B 171 -24.66 -21.07 25.00
CA ARG B 171 -25.41 -22.32 25.05
C ARG B 171 -26.88 -22.08 25.41
N LEU B 172 -27.12 -21.20 26.38
CA LEU B 172 -28.48 -20.86 26.79
C LEU B 172 -29.22 -20.03 25.76
N PHE B 173 -28.56 -19.00 25.25
CA PHE B 173 -29.05 -18.20 24.14
C PHE B 173 -29.61 -19.11 23.03
N GLN B 174 -28.82 -20.11 22.64
CA GLN B 174 -29.19 -21.02 21.54
C GLN B 174 -30.23 -22.06 21.95
N LEU B 175 -30.18 -22.51 23.20
CA LEU B 175 -31.17 -23.46 23.69
C LEU B 175 -32.57 -22.87 23.69
N GLU B 176 -32.67 -21.58 23.99
CA GLU B 176 -33.95 -20.93 23.94
C GLU B 176 -34.52 -20.99 22.54
N LYS B 177 -33.66 -20.89 21.52
CA LYS B 177 -34.12 -20.92 20.14
C LYS B 177 -34.50 -22.33 19.69
N ALA B 178 -33.76 -23.32 20.17
CA ALA B 178 -33.99 -24.71 19.79
C ALA B 178 -35.26 -25.31 20.43
N THR B 179 -35.90 -24.56 21.32
CA THR B 179 -37.08 -25.07 22.06
C THR B 179 -38.39 -24.37 21.72
N GLY B 180 -38.33 -23.39 20.82
CA GLY B 180 -39.54 -22.80 20.24
C GLY B 180 -39.87 -23.46 18.91
N ASN B 181 -40.74 -22.85 18.13
CA ASN B 181 -41.15 -23.41 16.83
C ASN B 181 -39.95 -23.62 15.90
N PRO B 182 -39.65 -24.89 15.56
CA PRO B 182 -38.48 -25.10 14.70
C PRO B 182 -38.68 -24.50 13.30
N LYS B 183 -39.92 -24.21 12.94
CA LYS B 183 -40.25 -23.64 11.63
C LYS B 183 -40.00 -22.13 11.55
N HIS B 184 -39.85 -21.51 12.72
CA HIS B 184 -39.57 -20.08 12.87
C HIS B 184 -38.09 -19.77 12.67
N PRO B 185 -37.77 -18.67 11.96
CA PRO B 185 -36.37 -18.23 11.83
C PRO B 185 -35.64 -18.02 13.16
N PHE B 186 -36.37 -17.71 14.23
CA PHE B 186 -35.77 -17.61 15.56
C PHE B 186 -34.90 -18.83 15.90
N SER B 187 -35.29 -20.01 15.41
CA SER B 187 -34.58 -21.25 15.72
C SER B 187 -33.23 -21.38 15.01
N LYS B 188 -32.92 -20.43 14.13
CA LYS B 188 -31.72 -20.48 13.31
C LYS B 188 -30.43 -20.27 14.11
N PHE B 189 -29.34 -20.84 13.59
CA PHE B 189 -28.04 -20.74 14.20
C PHE B 189 -27.27 -19.61 13.53
N GLY B 190 -27.22 -18.46 14.23
CA GLY B 190 -26.65 -17.21 13.70
C GLY B 190 -25.17 -17.19 13.36
N THR B 191 -24.35 -17.84 14.18
CA THR B 191 -22.90 -17.75 14.05
C THR B 191 -22.37 -18.42 12.78
N GLY B 192 -22.73 -19.67 12.57
CA GLY B 192 -22.11 -20.43 11.50
C GLY B 192 -20.89 -21.17 12.02
N ASN B 193 -20.18 -21.79 11.08
CA ASN B 193 -19.37 -22.95 11.36
C ASN B 193 -18.47 -23.27 10.18
N LYS B 194 -17.43 -24.06 10.39
CA LYS B 194 -16.74 -24.65 9.25
C LYS B 194 -17.69 -25.65 8.59
N TYR B 195 -18.43 -26.40 9.42
CA TYR B 195 -19.41 -27.34 8.90
C TYR B 195 -20.49 -26.67 8.05
N THR B 196 -21.11 -25.61 8.57
CA THR B 196 -22.27 -25.00 7.89
C THR B 196 -21.92 -24.11 6.70
N LEU B 197 -20.71 -23.56 6.71
CA LEU B 197 -20.31 -22.60 5.67
C LEU B 197 -19.33 -23.19 4.65
N GLU B 198 -18.90 -24.43 4.86
CA GLU B 198 -18.00 -25.04 3.89
C GLU B 198 -18.29 -26.53 3.66
N THR B 199 -18.08 -27.34 4.70
CA THR B 199 -18.26 -28.79 4.60
C THR B 199 -19.61 -29.15 3.98
N ARG B 200 -20.69 -28.79 4.68
CA ARG B 200 -22.05 -29.10 4.23
C ARG B 200 -22.36 -28.49 2.85
N PRO B 201 -22.04 -27.19 2.63
CA PRO B 201 -22.27 -26.61 1.31
C PRO B 201 -21.56 -27.31 0.14
N ASN B 202 -20.35 -27.79 0.39
CA ASN B 202 -19.61 -28.59 -0.61
C ASN B 202 -20.37 -29.86 -0.93
N GLN B 203 -20.75 -30.59 0.12
CA GLN B 203 -21.55 -31.81 -0.03
C GLN B 203 -22.85 -31.59 -0.80
N GLU B 204 -23.48 -30.43 -0.60
CA GLU B 204 -24.77 -30.16 -1.23
C GLU B 204 -24.55 -29.33 -2.49
N GLY B 205 -23.32 -29.36 -2.99
CA GLY B 205 -22.92 -28.75 -4.26
C GLY B 205 -23.19 -27.26 -4.40
N ILE B 206 -22.95 -26.50 -3.32
CA ILE B 206 -23.18 -25.05 -3.33
C ILE B 206 -21.87 -24.32 -3.58
N ASP B 207 -21.90 -23.36 -4.51
CA ASP B 207 -20.81 -22.41 -4.67
C ASP B 207 -21.10 -21.22 -3.75
N VAL B 208 -20.42 -21.23 -2.61
CA VAL B 208 -20.65 -20.26 -1.55
C VAL B 208 -20.34 -18.85 -2.03
N ARG B 209 -19.29 -18.70 -2.83
CA ARG B 209 -18.95 -17.37 -3.32
C ARG B 209 -20.11 -16.75 -4.13
N GLN B 210 -21.08 -17.59 -4.50
CA GLN B 210 -22.22 -17.08 -5.30
C GLN B 210 -23.34 -16.67 -4.37
N GLU B 211 -23.56 -17.52 -3.37
CA GLU B 211 -24.54 -17.30 -2.32
C GLU B 211 -24.24 -16.01 -1.56
N LEU B 212 -22.96 -15.77 -1.29
CA LEU B 212 -22.50 -14.50 -0.76
C LEU B 212 -22.84 -13.37 -1.72
N LEU B 213 -22.49 -13.55 -3.00
CA LEU B 213 -22.86 -12.57 -4.04
C LEU B 213 -24.38 -12.42 -4.17
N LYS B 214 -25.11 -13.53 -4.16
CA LYS B 214 -26.59 -13.52 -4.21
C LYS B 214 -27.22 -12.75 -3.05
N PHE B 215 -26.83 -13.08 -1.82
CA PHE B 215 -27.36 -12.48 -0.59
C PHE B 215 -27.06 -10.99 -0.48
N HIS B 216 -25.82 -10.60 -0.80
CA HIS B 216 -25.41 -9.19 -0.81
C HIS B 216 -26.22 -8.40 -1.82
N SER B 217 -26.39 -9.00 -3.00
CA SER B 217 -27.15 -8.43 -4.10
C SER B 217 -28.63 -8.25 -3.77
N ALA B 218 -29.23 -9.28 -3.17
CA ALA B 218 -30.65 -9.29 -2.81
C ALA B 218 -30.94 -8.39 -1.61
N TYR B 219 -30.12 -8.51 -0.58
CA TYR B 219 -30.41 -7.89 0.71
C TYR B 219 -29.65 -6.62 1.06
N TYR B 220 -28.49 -6.40 0.47
CA TYR B 220 -27.77 -5.17 0.79
C TYR B 220 -28.30 -4.01 -0.05
N SER B 221 -29.59 -3.73 0.11
CA SER B 221 -30.27 -2.68 -0.64
C SER B 221 -30.26 -1.35 0.10
N SER B 222 -30.09 -0.26 -0.65
CA SER B 222 -30.03 1.07 -0.07
C SER B 222 -31.27 1.43 0.78
N ASN B 223 -32.44 0.86 0.45
CA ASN B 223 -33.65 1.20 1.22
C ASN B 223 -33.61 0.68 2.65
N LEU B 224 -32.74 -0.30 2.91
CA LEU B 224 -32.59 -0.91 4.23
C LEU B 224 -31.30 -0.47 4.93
N MET B 225 -30.78 0.68 4.53
CA MET B 225 -29.51 1.18 5.08
C MET B 225 -29.65 2.51 5.78
N ALA B 226 -28.88 2.65 6.86
CA ALA B 226 -28.72 3.92 7.54
C ALA B 226 -27.23 4.15 7.79
N VAL B 227 -26.80 5.39 7.57
CA VAL B 227 -25.40 5.76 7.72
C VAL B 227 -25.25 6.98 8.63
N VAL B 228 -24.23 6.97 9.49
CA VAL B 228 -23.89 8.14 10.31
C VAL B 228 -22.44 8.54 10.11
N VAL B 229 -22.21 9.82 9.82
CA VAL B 229 -20.86 10.33 9.64
C VAL B 229 -20.57 11.48 10.60
N LEU B 230 -19.47 11.32 11.34
CA LEU B 230 -19.06 12.29 12.33
C LEU B 230 -17.64 12.76 11.98
N GLY B 231 -17.50 14.07 11.77
CA GLY B 231 -16.20 14.65 11.43
C GLY B 231 -16.09 16.13 11.74
N ARG B 232 -14.92 16.70 11.44
CA ARG B 232 -14.70 18.11 11.70
C ARG B 232 -15.38 19.03 10.68
N GLU B 233 -15.59 18.50 9.48
CA GLU B 233 -16.19 19.26 8.39
C GLU B 233 -17.50 19.92 8.79
N SER B 234 -17.84 21.02 8.11
CA SER B 234 -19.15 21.66 8.25
C SER B 234 -20.25 20.65 7.91
N LEU B 235 -21.49 20.97 8.25
CA LEU B 235 -22.62 20.12 7.88
C LEU B 235 -22.81 20.02 6.36
N ASP B 236 -22.66 21.15 5.66
CA ASP B 236 -22.72 21.18 4.18
C ASP B 236 -21.65 20.30 3.53
N ASP B 237 -20.40 20.45 3.98
CA ASP B 237 -19.32 19.58 3.51
C ASP B 237 -19.66 18.10 3.71
N LEU B 238 -20.11 17.75 4.91
CA LEU B 238 -20.46 16.37 5.22
C LEU B 238 -21.58 15.84 4.32
N THR B 239 -22.58 16.68 4.09
CA THR B 239 -23.69 16.37 3.17
C THR B 239 -23.17 15.98 1.79
N ASN B 240 -22.38 16.86 1.18
CA ASN B 240 -21.78 16.60 -0.12
C ASN B 240 -20.98 15.33 -0.15
N LEU B 241 -20.20 15.10 0.91
CA LEU B 241 -19.36 13.93 1.03
C LEU B 241 -20.17 12.64 1.05
N VAL B 242 -21.27 12.62 1.80
CA VAL B 242 -22.13 11.43 1.87
C VAL B 242 -22.86 11.20 0.55
N VAL B 243 -23.39 12.28 -0.02
CA VAL B 243 -24.12 12.20 -1.28
C VAL B 243 -23.21 11.63 -2.37
N LYS B 244 -21.97 12.11 -2.40
CA LYS B 244 -21.03 11.70 -3.44
C LYS B 244 -20.61 10.21 -3.29
N LEU B 245 -20.47 9.72 -2.06
CA LEU B 245 -20.02 8.33 -1.87
C LEU B 245 -21.13 7.28 -1.78
N PHE B 246 -22.38 7.72 -1.57
CA PHE B 246 -23.45 6.76 -1.27
C PHE B 246 -24.69 6.80 -2.17
N SER B 247 -24.78 7.78 -3.06
CA SER B 247 -25.93 7.87 -3.98
C SER B 247 -25.93 6.72 -4.96
N GLU B 248 -24.73 6.21 -5.26
CA GLU B 248 -24.54 5.11 -6.19
C GLU B 248 -24.94 3.74 -5.64
N VAL B 249 -25.36 3.64 -4.38
CA VAL B 249 -25.80 2.34 -3.84
C VAL B 249 -27.18 2.01 -4.39
N GLU B 250 -27.34 0.82 -4.96
CA GLU B 250 -28.61 0.46 -5.61
C GLU B 250 -29.79 0.27 -4.66
N ASN B 251 -30.93 0.80 -5.09
CA ASN B 251 -32.20 0.58 -4.42
C ASN B 251 -32.91 -0.61 -5.02
N LYS B 252 -32.91 -1.72 -4.29
CA LYS B 252 -33.57 -2.94 -4.76
C LYS B 252 -34.95 -3.12 -4.12
N ASN B 253 -35.40 -2.07 -3.43
CA ASN B 253 -36.75 -1.96 -2.87
C ASN B 253 -37.22 -3.15 -2.03
N VAL B 254 -36.31 -3.74 -1.25
CA VAL B 254 -36.58 -4.93 -0.46
C VAL B 254 -37.59 -4.65 0.65
N PRO B 255 -38.63 -5.49 0.78
CA PRO B 255 -39.51 -5.35 1.94
C PRO B 255 -38.78 -5.76 3.23
N LEU B 256 -38.96 -4.96 4.27
CA LEU B 256 -38.37 -5.22 5.57
C LEU B 256 -39.00 -6.47 6.19
N PRO B 257 -38.16 -7.47 6.58
CA PRO B 257 -38.70 -8.70 7.18
C PRO B 257 -39.53 -8.45 8.44
N GLU B 258 -40.64 -9.18 8.54
CA GLU B 258 -41.56 -9.10 9.67
C GLU B 258 -41.71 -10.50 10.24
N PHE B 259 -41.89 -10.61 11.55
CA PHE B 259 -42.07 -11.90 12.18
C PHE B 259 -43.23 -11.81 13.16
N PRO B 260 -44.47 -11.68 12.63
CA PRO B 260 -45.59 -11.29 13.49
C PRO B 260 -46.01 -12.41 14.44
N GLU B 261 -45.62 -13.64 14.10
CA GLU B 261 -46.04 -14.81 14.83
C GLU B 261 -44.95 -15.25 15.79
N HIS B 262 -45.28 -15.36 17.08
CA HIS B 262 -44.30 -15.62 18.12
C HIS B 262 -43.63 -16.99 18.00
N PRO B 263 -42.30 -17.07 18.23
CA PRO B 263 -41.60 -18.36 18.20
C PRO B 263 -42.11 -19.33 19.25
N PHE B 264 -42.68 -18.78 20.32
CA PHE B 264 -43.29 -19.57 21.37
C PHE B 264 -44.80 -19.52 21.22
N GLN B 265 -45.31 -20.56 20.59
CA GLN B 265 -46.74 -20.76 20.45
C GLN B 265 -47.22 -21.54 21.66
N GLU B 266 -48.40 -22.14 21.59
CA GLU B 266 -49.00 -22.67 22.80
C GLU B 266 -48.30 -23.89 23.40
N GLU B 267 -47.87 -24.84 22.58
CA GLU B 267 -47.18 -26.03 23.10
C GLU B 267 -45.82 -25.69 23.67
N HIS B 268 -45.34 -24.49 23.35
CA HIS B 268 -44.07 -24.02 23.84
C HIS B 268 -44.20 -23.36 25.21
N LEU B 269 -45.45 -23.15 25.64
CA LEU B 269 -45.71 -22.60 26.96
C LEU B 269 -46.00 -23.68 28.00
N LYS B 270 -45.88 -23.28 29.26
CA LYS B 270 -46.03 -24.18 30.42
C LYS B 270 -45.00 -25.32 30.42
N GLN B 271 -43.81 -25.01 29.91
CA GLN B 271 -42.73 -25.98 29.80
C GLN B 271 -41.66 -25.71 30.87
N LEU B 272 -41.03 -26.77 31.35
CA LEU B 272 -39.91 -26.67 32.31
C LEU B 272 -38.65 -27.26 31.71
N TYR B 273 -37.54 -26.55 31.82
CA TYR B 273 -36.28 -27.02 31.27
C TYR B 273 -35.24 -27.21 32.35
N LYS B 274 -34.61 -28.37 32.36
CA LYS B 274 -33.57 -28.68 33.33
C LYS B 274 -32.28 -28.80 32.57
N ILE B 275 -31.34 -27.89 32.84
CA ILE B 275 -30.15 -27.74 32.00
C ILE B 275 -28.87 -27.95 32.78
N VAL B 276 -27.94 -28.67 32.16
CA VAL B 276 -26.59 -28.91 32.70
C VAL B 276 -25.61 -27.85 32.17
N PRO B 277 -25.05 -27.05 33.10
CA PRO B 277 -24.10 -26.01 32.73
C PRO B 277 -22.67 -26.54 32.61
N ILE B 278 -21.76 -25.68 32.16
CA ILE B 278 -20.33 -26.00 32.14
C ILE B 278 -19.73 -25.55 33.46
N LYS B 279 -19.94 -24.27 33.80
CA LYS B 279 -19.52 -23.78 35.10
C LYS B 279 -20.45 -24.38 36.16
N ASP B 280 -20.05 -24.26 37.42
CA ASP B 280 -20.91 -24.67 38.52
C ASP B 280 -21.72 -23.46 38.95
N ILE B 281 -22.79 -23.22 38.21
CA ILE B 281 -23.71 -22.13 38.49
C ILE B 281 -25.10 -22.72 38.72
N ARG B 282 -25.93 -21.97 39.45
CA ARG B 282 -27.31 -22.35 39.69
C ARG B 282 -28.20 -21.17 39.35
N ASN B 283 -28.92 -21.28 38.23
CA ASN B 283 -29.81 -20.19 37.81
C ASN B 283 -31.22 -20.65 37.44
N LEU B 284 -32.15 -19.70 37.57
CA LEU B 284 -33.53 -19.90 37.18
C LEU B 284 -33.96 -18.80 36.20
N TYR B 285 -34.45 -19.19 35.04
CA TYR B 285 -34.90 -18.24 34.02
C TYR B 285 -36.38 -18.39 33.82
N VAL B 286 -37.10 -17.32 34.08
CA VAL B 286 -38.53 -17.26 33.87
C VAL B 286 -38.82 -16.35 32.69
N THR B 287 -39.52 -16.88 31.70
CA THR B 287 -39.79 -16.14 30.46
C THR B 287 -41.28 -16.08 30.16
N PHE B 288 -41.70 -14.95 29.61
CA PHE B 288 -43.06 -14.73 29.14
C PHE B 288 -43.01 -14.16 27.74
N PRO B 289 -43.73 -14.79 26.79
CA PRO B 289 -43.86 -14.21 25.48
C PRO B 289 -44.73 -12.97 25.55
N ILE B 290 -44.29 -11.92 24.88
CA ILE B 290 -45.09 -10.70 24.75
C ILE B 290 -45.04 -10.18 23.31
N PRO B 291 -46.02 -9.35 22.91
CA PRO B 291 -45.93 -8.73 21.59
C PRO B 291 -44.81 -7.69 21.52
N ASP B 292 -44.44 -7.31 20.30
CA ASP B 292 -43.37 -6.35 20.06
C ASP B 292 -43.77 -4.98 20.59
N LEU B 293 -43.20 -4.58 21.72
CA LEU B 293 -43.55 -3.30 22.38
C LEU B 293 -42.90 -2.04 21.79
N GLN B 294 -42.01 -2.23 20.83
CA GLN B 294 -41.27 -1.15 20.19
C GLN B 294 -42.08 0.12 19.85
N LYS B 295 -43.28 -0.03 19.27
CA LYS B 295 -44.12 1.11 18.85
C LYS B 295 -44.43 2.05 20.00
N TYR B 296 -44.52 1.47 21.19
CA TYR B 296 -44.96 2.20 22.37
C TYR B 296 -43.81 2.91 23.07
N TYR B 297 -42.77 3.25 22.33
CA TYR B 297 -41.54 3.76 22.91
C TYR B 297 -41.74 5.08 23.67
N LYS B 298 -42.76 5.84 23.30
CA LYS B 298 -43.08 7.08 24.01
C LYS B 298 -43.61 6.87 25.43
N SER B 299 -44.34 5.77 25.65
CA SER B 299 -44.84 5.42 27.00
C SER B 299 -43.96 4.35 27.64
N ASN B 300 -43.66 3.31 26.87
CA ASN B 300 -42.68 2.30 27.26
C ASN B 300 -43.14 1.48 28.44
N PRO B 301 -44.23 0.71 28.27
CA PRO B 301 -44.82 -0.05 29.36
C PRO B 301 -43.91 -1.14 29.93
N GLY B 302 -43.08 -1.73 29.08
CA GLY B 302 -42.11 -2.74 29.54
C GLY B 302 -41.05 -2.16 30.46
N HIS B 303 -40.65 -0.91 30.24
CA HIS B 303 -39.69 -0.22 31.11
C HIS B 303 -40.27 -0.02 32.51
N TYR B 304 -41.54 0.41 32.56
CA TYR B 304 -42.25 0.62 33.81
C TYR B 304 -42.29 -0.67 34.63
N LEU B 305 -42.65 -1.77 33.99
CA LEU B 305 -42.71 -3.05 34.68
C LEU B 305 -41.34 -3.67 34.88
N GLY B 306 -40.36 -3.20 34.11
CA GLY B 306 -38.98 -3.60 34.30
C GLY B 306 -38.45 -3.01 35.57
N HIS B 307 -38.67 -1.70 35.73
CA HIS B 307 -38.25 -0.93 36.88
C HIS B 307 -38.81 -1.46 38.20
N LEU B 308 -40.07 -1.89 38.18
CA LEU B 308 -40.72 -2.35 39.39
C LEU B 308 -40.35 -3.78 39.74
N ILE B 309 -40.54 -4.70 38.79
CA ILE B 309 -40.15 -6.09 39.04
C ILE B 309 -38.64 -6.20 39.24
N GLY B 310 -37.88 -5.36 38.53
CA GLY B 310 -36.44 -5.34 38.69
C GLY B 310 -35.93 -4.68 39.96
N HIS B 311 -36.80 -3.99 40.70
CA HIS B 311 -36.36 -3.20 41.86
C HIS B 311 -35.66 -4.03 42.92
N GLU B 312 -34.71 -3.41 43.62
CA GLU B 312 -33.89 -4.07 44.63
C GLU B 312 -33.98 -3.37 46.00
N GLY B 313 -34.75 -2.29 46.06
CA GLY B 313 -34.94 -1.55 47.31
C GLY B 313 -35.88 -2.25 48.29
N PRO B 314 -36.12 -1.62 49.47
CA PRO B 314 -37.03 -2.16 50.48
C PRO B 314 -38.40 -2.45 49.89
N GLY B 315 -38.93 -3.63 50.20
CA GLY B 315 -40.26 -4.03 49.74
C GLY B 315 -40.25 -4.69 48.38
N SER B 316 -39.08 -4.74 47.73
CA SER B 316 -38.96 -5.30 46.39
C SER B 316 -39.10 -6.82 46.43
N LEU B 317 -39.33 -7.40 45.25
CA LEU B 317 -39.30 -8.85 45.08
C LEU B 317 -37.95 -9.46 45.48
N LEU B 318 -36.85 -8.90 44.94
CA LEU B 318 -35.52 -9.40 45.25
C LEU B 318 -35.27 -9.44 46.75
N SER B 319 -35.74 -8.43 47.46
CA SER B 319 -35.55 -8.32 48.91
C SER B 319 -36.05 -9.55 49.67
N GLU B 320 -37.29 -9.93 49.40
CA GLU B 320 -37.88 -11.08 50.08
C GLU B 320 -37.20 -12.40 49.69
N LEU B 321 -36.97 -12.59 48.39
CA LEU B 321 -36.28 -13.78 47.92
C LEU B 321 -34.87 -13.91 48.51
N LYS B 322 -34.29 -12.77 48.86
CA LYS B 322 -32.96 -12.73 49.46
C LYS B 322 -33.00 -13.09 50.95
N SER B 323 -34.04 -12.65 51.65
CA SER B 323 -34.22 -12.92 53.09
C SER B 323 -34.55 -14.38 53.37
N LYS B 324 -35.33 -14.98 52.48
CA LYS B 324 -35.59 -16.40 52.52
C LYS B 324 -34.30 -17.18 52.24
N GLY B 325 -33.24 -16.47 51.84
CA GLY B 325 -31.94 -17.08 51.54
C GLY B 325 -32.05 -17.97 50.32
N TRP B 326 -32.85 -17.52 49.35
CA TRP B 326 -33.11 -18.30 48.14
C TRP B 326 -32.39 -17.79 46.90
N VAL B 327 -32.29 -16.48 46.75
CA VAL B 327 -31.60 -15.87 45.61
C VAL B 327 -30.63 -14.80 46.10
N ASN B 328 -29.68 -14.45 45.24
CA ASN B 328 -28.72 -13.39 45.53
C ASN B 328 -28.92 -12.14 44.67
N THR B 329 -29.12 -12.36 43.37
CA THR B 329 -29.32 -11.28 42.42
C THR B 329 -30.54 -11.59 41.56
N LEU B 330 -31.11 -10.56 40.94
CA LEU B 330 -32.28 -10.72 40.07
C LEU B 330 -32.25 -9.72 38.92
N VAL B 331 -32.54 -10.20 37.72
CA VAL B 331 -32.68 -9.33 36.56
C VAL B 331 -34.11 -9.47 36.08
N GLY B 332 -34.80 -8.36 35.88
CA GLY B 332 -36.19 -8.40 35.45
C GLY B 332 -36.53 -7.33 34.44
N GLY B 333 -37.30 -7.69 33.44
CA GLY B 333 -37.80 -6.70 32.51
C GLY B 333 -37.95 -7.20 31.10
N GLN B 334 -37.84 -6.25 30.19
CA GLN B 334 -38.17 -6.39 28.81
C GLN B 334 -36.94 -6.85 28.03
N LYS B 335 -37.02 -7.97 27.34
CA LYS B 335 -35.92 -8.45 26.50
C LYS B 335 -36.44 -8.44 25.08
N GLU B 336 -35.60 -8.13 24.10
CA GLU B 336 -36.11 -8.09 22.73
C GLU B 336 -35.89 -9.37 21.91
N GLY B 337 -36.71 -9.50 20.87
CA GLY B 337 -36.68 -10.65 19.98
C GLY B 337 -36.43 -10.15 18.58
N ALA B 338 -37.50 -9.77 17.89
CA ALA B 338 -37.40 -9.11 16.58
C ALA B 338 -38.67 -8.32 16.26
N ARG B 339 -38.71 -7.68 15.10
CA ARG B 339 -39.91 -7.01 14.59
C ARG B 339 -41.09 -7.96 14.69
N GLY B 340 -41.95 -7.77 15.69
CA GLY B 340 -43.13 -8.64 15.81
C GLY B 340 -43.22 -9.48 17.08
N PHE B 341 -42.09 -9.87 17.66
CA PHE B 341 -42.11 -10.57 18.95
C PHE B 341 -41.06 -10.02 19.93
N MET B 342 -41.29 -10.30 21.20
CA MET B 342 -40.49 -9.77 22.31
C MET B 342 -40.67 -10.72 23.49
N PHE B 343 -39.87 -10.54 24.55
CA PHE B 343 -40.00 -11.40 25.72
C PHE B 343 -40.08 -10.56 26.97
N PHE B 344 -40.47 -11.19 28.06
CA PHE B 344 -40.37 -10.56 29.36
C PHE B 344 -39.77 -11.59 30.28
N ILE B 345 -38.73 -11.19 31.00
CA ILE B 345 -37.98 -12.15 31.79
C ILE B 345 -37.89 -11.75 33.25
N ILE B 346 -37.73 -12.77 34.09
CA ILE B 346 -37.32 -12.63 35.47
C ILE B 346 -36.34 -13.75 35.75
N ASN B 347 -35.06 -13.41 35.78
CA ASN B 347 -34.01 -14.40 36.00
C ASN B 347 -33.36 -14.15 37.37
N VAL B 348 -33.02 -15.22 38.07
CA VAL B 348 -32.37 -15.12 39.37
C VAL B 348 -31.26 -16.16 39.47
N ASP B 349 -30.24 -15.89 40.28
CA ASP B 349 -29.35 -16.97 40.66
C ASP B 349 -29.95 -17.70 41.86
N LEU B 350 -29.39 -18.86 42.20
CA LEU B 350 -29.98 -19.68 43.24
C LEU B 350 -28.94 -20.12 44.27
N THR B 351 -29.28 -19.97 45.54
CA THR B 351 -28.48 -20.52 46.61
C THR B 351 -28.74 -22.03 46.63
N GLU B 352 -28.02 -22.77 47.46
CA GLU B 352 -28.25 -24.20 47.61
C GLU B 352 -29.70 -24.51 48.00
N GLU B 353 -30.20 -23.70 48.93
CA GLU B 353 -31.56 -23.79 49.43
C GLU B 353 -32.59 -23.36 48.36
N GLY B 354 -32.25 -22.29 47.63
CA GLY B 354 -33.10 -21.78 46.56
C GLY B 354 -33.40 -22.78 45.46
N LEU B 355 -32.46 -23.70 45.21
CA LEU B 355 -32.59 -24.68 44.14
C LEU B 355 -33.70 -25.67 44.48
N LEU B 356 -33.88 -25.87 45.78
CA LEU B 356 -34.90 -26.78 46.29
C LEU B 356 -36.22 -26.08 46.50
N HIS B 357 -36.25 -24.77 46.30
CA HIS B 357 -37.49 -24.00 46.48
C HIS B 357 -37.93 -23.22 45.25
N VAL B 358 -37.47 -23.65 44.08
CA VAL B 358 -37.85 -23.03 42.81
C VAL B 358 -39.35 -22.76 42.73
N GLU B 359 -40.16 -23.72 43.17
CA GLU B 359 -41.61 -23.58 43.07
C GLU B 359 -42.15 -22.38 43.86
N ASP B 360 -41.70 -22.24 45.11
CA ASP B 360 -42.12 -21.11 45.95
C ASP B 360 -41.54 -19.81 45.39
N ILE B 361 -40.31 -19.87 44.89
CA ILE B 361 -39.67 -18.71 44.30
C ILE B 361 -40.58 -18.09 43.24
N ILE B 362 -41.02 -18.92 42.29
CA ILE B 362 -41.94 -18.48 41.24
C ILE B 362 -43.29 -18.04 41.80
N LEU B 363 -43.79 -18.72 42.84
CA LEU B 363 -45.02 -18.27 43.50
C LEU B 363 -44.88 -16.85 44.02
N HIS B 364 -43.77 -16.55 44.69
CA HIS B 364 -43.49 -15.18 45.13
C HIS B 364 -43.43 -14.23 43.93
N MET B 365 -42.81 -14.65 42.84
CA MET B 365 -42.79 -13.84 41.62
C MET B 365 -44.20 -13.43 41.22
N PHE B 366 -45.12 -14.39 41.22
CA PHE B 366 -46.50 -14.10 40.86
C PHE B 366 -47.28 -13.34 41.93
N GLN B 367 -46.88 -13.51 43.18
CA GLN B 367 -47.42 -12.70 44.28
C GLN B 367 -47.09 -11.21 44.08
N TYR B 368 -45.85 -10.93 43.65
CA TYR B 368 -45.43 -9.56 43.38
C TYR B 368 -46.17 -8.99 42.17
N ILE B 369 -46.19 -9.76 41.07
CA ILE B 369 -46.93 -9.34 39.89
C ILE B 369 -48.38 -9.03 40.26
N GLN B 370 -48.98 -9.89 41.08
CA GLN B 370 -50.32 -9.69 41.58
C GLN B 370 -50.46 -8.44 42.44
N LYS B 371 -49.42 -8.09 43.22
CA LYS B 371 -49.43 -6.81 43.94
C LYS B 371 -49.56 -5.66 42.95
N LEU B 372 -48.93 -5.78 41.79
CA LEU B 372 -48.97 -4.68 40.82
C LEU B 372 -50.34 -4.53 40.19
N ARG B 373 -51.02 -5.64 39.91
CA ARG B 373 -52.37 -5.60 39.35
C ARG B 373 -53.32 -4.88 40.29
N ALA B 374 -53.20 -5.18 41.57
CA ALA B 374 -54.10 -4.67 42.59
C ALA B 374 -53.85 -3.20 42.94
N GLU B 375 -52.66 -2.68 42.64
CA GLU B 375 -52.39 -1.27 42.89
C GLU B 375 -52.75 -0.44 41.69
N GLY B 376 -52.67 -1.06 40.51
CA GLY B 376 -52.83 -0.35 39.26
C GLY B 376 -51.63 0.55 38.98
N PRO B 377 -51.49 0.99 37.73
CA PRO B 377 -50.41 1.85 37.23
C PRO B 377 -50.26 3.13 38.06
N GLN B 378 -49.01 3.53 38.31
CA GLN B 378 -48.72 4.64 39.21
C GLN B 378 -48.08 5.76 38.43
N GLU B 379 -48.80 6.87 38.28
CA GLU B 379 -48.28 8.00 37.54
C GLU B 379 -47.02 8.59 38.18
N TRP B 380 -47.01 8.74 39.51
CA TRP B 380 -45.84 9.28 40.20
C TRP B 380 -44.55 8.48 39.86
N VAL B 381 -44.67 7.16 39.67
CA VAL B 381 -43.55 6.30 39.22
C VAL B 381 -43.11 6.66 37.79
N PHE B 382 -44.06 6.65 36.87
CA PHE B 382 -43.80 7.13 35.51
C PHE B 382 -43.13 8.51 35.53
N GLN B 383 -43.70 9.43 36.29
CA GLN B 383 -43.14 10.78 36.42
C GLN B 383 -41.70 10.77 36.93
N GLU B 384 -41.43 9.89 37.90
CA GLU B 384 -40.09 9.73 38.46
C GLU B 384 -39.11 9.21 37.39
N LEU B 385 -39.55 8.21 36.63
CA LEU B 385 -38.75 7.65 35.53
C LEU B 385 -38.50 8.63 34.40
N LYS B 386 -39.54 9.40 34.05
CA LYS B 386 -39.46 10.41 32.99
C LYS B 386 -38.46 11.50 33.35
N ASP B 387 -38.49 11.93 34.61
CA ASP B 387 -37.60 12.97 35.14
C ASP B 387 -36.15 12.52 35.21
N LEU B 388 -35.92 11.30 35.70
CA LEU B 388 -34.58 10.74 35.73
C LEU B 388 -33.99 10.67 34.33
N ASN B 389 -34.76 10.19 33.36
CA ASN B 389 -34.35 10.22 31.97
C ASN B 389 -34.04 11.61 31.42
N ALA B 390 -34.86 12.60 31.75
CA ALA B 390 -34.65 13.97 31.28
C ALA B 390 -33.31 14.52 31.77
N VAL B 391 -33.00 14.23 33.03
CA VAL B 391 -31.73 14.60 33.63
C VAL B 391 -30.60 13.80 32.99
N ALA B 392 -30.75 12.48 32.91
CA ALA B 392 -29.77 11.62 32.26
C ALA B 392 -29.40 12.18 30.89
N PHE B 393 -30.40 12.65 30.16
CA PHE B 393 -30.17 13.12 28.79
C PHE B 393 -29.47 14.47 28.76
N ARG B 394 -29.98 15.41 29.56
CA ARG B 394 -29.44 16.76 29.63
C ARG B 394 -27.95 16.72 29.90
N PHE B 395 -27.53 15.81 30.78
CA PHE B 395 -26.14 15.81 31.24
C PHE B 395 -25.33 14.61 30.84
N LYS B 396 -25.74 13.89 29.80
CA LYS B 396 -25.00 12.68 29.46
C LYS B 396 -23.60 13.01 28.97
N ASP B 397 -22.66 12.14 29.32
CA ASP B 397 -21.27 12.25 28.91
C ASP B 397 -21.18 12.25 27.41
N LYS B 398 -20.22 12.98 26.87
CA LYS B 398 -19.95 12.92 25.46
C LYS B 398 -19.27 11.57 25.14
N GLU B 399 -19.78 10.89 24.12
CA GLU B 399 -19.34 9.53 23.81
C GLU B 399 -18.21 9.51 22.78
N ARG B 400 -17.42 8.43 22.78
CA ARG B 400 -16.41 8.17 21.76
C ARG B 400 -17.10 8.16 20.40
N PRO B 401 -16.52 8.83 19.39
CA PRO B 401 -17.20 8.93 18.08
C PRO B 401 -17.60 7.59 17.45
N ARG B 402 -16.71 6.59 17.56
CA ARG B 402 -16.94 5.27 16.97
C ARG B 402 -18.20 4.58 17.50
N GLY B 403 -18.27 4.39 18.81
CA GLY B 403 -19.44 3.79 19.44
C GLY B 403 -20.70 4.59 19.20
N TYR B 404 -20.57 5.92 19.15
CA TYR B 404 -21.69 6.82 18.96
C TYR B 404 -22.32 6.71 17.56
N THR B 405 -21.49 6.70 16.52
CA THR B 405 -21.99 6.53 15.15
C THR B 405 -22.63 5.15 14.96
N SER B 406 -22.01 4.12 15.52
CA SER B 406 -22.53 2.76 15.41
C SER B 406 -23.91 2.65 16.04
N LYS B 407 -24.07 3.26 17.21
CA LYS B 407 -25.34 3.18 17.93
C LYS B 407 -26.46 3.93 17.20
N ILE B 408 -26.16 5.11 16.68
CA ILE B 408 -27.15 5.90 15.95
C ILE B 408 -27.52 5.28 14.60
N ALA B 409 -26.55 4.65 13.93
CA ALA B 409 -26.82 3.98 12.64
C ALA B 409 -27.91 2.94 12.81
N GLY B 410 -27.86 2.23 13.93
CA GLY B 410 -28.89 1.28 14.32
C GLY B 410 -30.23 1.91 14.64
N ILE B 411 -30.26 3.01 15.38
CA ILE B 411 -31.54 3.54 15.82
C ILE B 411 -32.21 4.45 14.80
N LEU B 412 -31.49 4.78 13.72
CA LEU B 412 -32.08 5.47 12.59
C LEU B 412 -33.20 4.63 11.94
N HIS B 413 -33.17 3.33 12.20
CA HIS B 413 -34.15 2.43 11.60
C HIS B 413 -35.50 2.43 12.31
N TYR B 414 -35.56 3.12 13.44
CA TYR B 414 -36.72 3.01 14.33
C TYR B 414 -37.35 4.33 14.69
N TYR B 415 -36.63 5.44 14.49
CA TYR B 415 -37.15 6.72 14.92
C TYR B 415 -37.03 7.76 13.82
N PRO B 416 -38.01 8.68 13.73
CA PRO B 416 -37.84 9.79 12.79
C PRO B 416 -36.54 10.55 13.07
N LEU B 417 -35.90 11.03 12.01
CA LEU B 417 -34.56 11.65 12.11
C LEU B 417 -34.44 12.63 13.28
N GLU B 418 -35.45 13.47 13.42
CA GLU B 418 -35.50 14.53 14.42
C GLU B 418 -35.49 14.01 15.86
N GLU B 419 -35.86 12.73 16.04
CA GLU B 419 -35.97 12.13 17.36
C GLU B 419 -34.85 11.14 17.74
N VAL B 420 -33.91 10.87 16.82
CA VAL B 420 -32.93 9.79 17.01
C VAL B 420 -32.04 9.93 18.24
N LEU B 421 -31.73 11.16 18.61
CA LEU B 421 -30.90 11.44 19.75
C LEU B 421 -31.65 11.20 21.06
N THR B 422 -32.89 11.69 21.13
CA THR B 422 -33.68 11.65 22.36
C THR B 422 -34.58 10.43 22.44
N ALA B 423 -34.89 9.87 21.27
CA ALA B 423 -35.77 8.72 21.17
C ALA B 423 -35.59 7.80 22.35
N GLU B 424 -34.37 7.33 22.58
CA GLU B 424 -34.19 6.25 23.55
C GLU B 424 -34.16 6.70 25.02
N TYR B 425 -34.27 8.01 25.24
CA TYR B 425 -34.22 8.57 26.57
C TYR B 425 -35.54 9.11 27.08
N LEU B 426 -36.12 10.02 26.32
CA LEU B 426 -37.29 10.75 26.77
C LEU B 426 -38.57 9.91 26.62
N LEU B 427 -39.30 9.80 27.73
CA LEU B 427 -40.65 9.25 27.80
C LEU B 427 -41.60 10.44 27.76
N GLU B 428 -42.74 10.27 27.12
CA GLU B 428 -43.64 11.41 26.92
C GLU B 428 -45.05 11.15 27.40
N GLU B 429 -45.56 9.95 27.16
CA GLU B 429 -46.97 9.65 27.40
C GLU B 429 -47.13 8.62 28.51
N PHE B 430 -48.01 8.90 29.46
CA PHE B 430 -48.33 7.94 30.51
C PHE B 430 -49.49 7.05 30.07
N ARG B 431 -49.28 5.75 30.03
CA ARG B 431 -50.31 4.90 29.45
C ARG B 431 -50.70 3.70 30.30
N PRO B 432 -51.60 3.93 31.27
CA PRO B 432 -52.08 2.90 32.19
C PRO B 432 -52.60 1.68 31.44
N ASP B 433 -53.34 1.91 30.36
CA ASP B 433 -53.90 0.83 29.56
C ASP B 433 -52.85 -0.14 29.03
N LEU B 434 -51.69 0.38 28.62
CA LEU B 434 -50.64 -0.46 28.03
C LEU B 434 -49.90 -1.22 29.10
N ILE B 435 -49.55 -0.52 30.17
CA ILE B 435 -48.96 -1.16 31.33
C ILE B 435 -49.81 -2.37 31.73
N GLU B 436 -51.10 -2.13 31.87
CA GLU B 436 -52.06 -3.17 32.24
C GLU B 436 -52.19 -4.29 31.21
N MET B 437 -52.12 -3.90 29.92
CA MET B 437 -52.15 -4.84 28.79
C MET B 437 -50.95 -5.81 28.80
N VAL B 438 -49.78 -5.31 29.18
CA VAL B 438 -48.56 -6.13 29.27
C VAL B 438 -48.58 -6.96 30.54
N LEU B 439 -48.99 -6.35 31.65
CA LEU B 439 -49.18 -7.06 32.91
C LEU B 439 -50.08 -8.26 32.75
N ASP B 440 -51.04 -8.17 31.82
CA ASP B 440 -51.98 -9.26 31.58
C ASP B 440 -51.33 -10.49 30.93
N LYS B 441 -50.14 -10.31 30.35
CA LYS B 441 -49.42 -11.43 29.74
C LYS B 441 -48.52 -12.14 30.75
N LEU B 442 -48.22 -11.46 31.86
CA LEU B 442 -47.33 -12.03 32.85
C LEU B 442 -48.09 -12.98 33.76
N ARG B 443 -48.57 -14.08 33.19
CA ARG B 443 -49.45 -15.03 33.90
C ARG B 443 -48.91 -16.46 33.81
N PRO B 444 -49.28 -17.33 34.77
CA PRO B 444 -48.82 -18.73 34.75
C PRO B 444 -49.11 -19.52 33.48
N GLU B 445 -50.23 -19.24 32.81
CA GLU B 445 -50.56 -19.95 31.56
C GLU B 445 -49.65 -19.54 30.42
N ASN B 446 -48.83 -18.52 30.65
CA ASN B 446 -47.86 -18.03 29.67
C ASN B 446 -46.43 -18.42 29.91
N VAL B 447 -46.16 -19.04 31.05
CA VAL B 447 -44.80 -19.09 31.57
C VAL B 447 -43.93 -20.22 30.99
N ARG B 448 -42.63 -19.93 30.86
CA ARG B 448 -41.62 -20.95 30.53
C ARG B 448 -40.56 -20.88 31.63
N VAL B 449 -40.17 -22.03 32.15
CA VAL B 449 -39.20 -22.10 33.23
C VAL B 449 -37.97 -22.92 32.82
N ALA B 450 -36.78 -22.38 33.09
CA ALA B 450 -35.52 -23.09 32.89
C ALA B 450 -34.70 -23.07 34.17
N ILE B 451 -34.25 -24.25 34.62
CA ILE B 451 -33.35 -24.34 35.78
C ILE B 451 -32.01 -24.87 35.32
N VAL B 452 -30.95 -24.11 35.62
CA VAL B 452 -29.59 -24.47 35.23
C VAL B 452 -28.83 -24.86 36.49
N SER B 453 -28.40 -26.12 36.54
CA SER B 453 -27.72 -26.65 37.72
C SER B 453 -26.96 -27.93 37.40
N LYS B 454 -25.82 -28.13 38.06
CA LYS B 454 -25.02 -29.35 37.88
C LYS B 454 -25.70 -30.62 38.42
N SER B 455 -26.71 -30.44 39.25
CA SER B 455 -27.47 -31.54 39.83
C SER B 455 -28.33 -32.28 38.79
N PHE B 456 -28.18 -31.94 37.51
CA PHE B 456 -28.92 -32.60 36.45
C PHE B 456 -28.01 -33.47 35.62
N GLU B 457 -26.72 -33.49 35.98
CA GLU B 457 -25.74 -34.32 35.31
C GLU B 457 -26.24 -35.76 35.37
N GLY B 458 -26.38 -36.39 34.20
CA GLY B 458 -26.87 -37.77 34.10
C GLY B 458 -28.38 -37.90 33.99
N LYS B 459 -29.11 -36.98 34.62
CA LYS B 459 -30.58 -36.98 34.65
C LYS B 459 -31.26 -36.44 33.38
N THR B 460 -30.48 -36.05 32.36
CA THR B 460 -31.06 -35.43 31.15
C THR B 460 -31.17 -36.42 30.01
N ASP B 461 -32.03 -36.15 29.04
CA ASP B 461 -32.23 -37.06 27.89
C ASP B 461 -32.23 -36.39 26.52
N ARG B 462 -32.02 -35.08 26.49
CA ARG B 462 -31.93 -34.36 25.22
C ARG B 462 -30.57 -33.68 25.04
N THR B 463 -30.30 -33.29 23.80
CA THR B 463 -29.03 -32.70 23.44
C THR B 463 -29.26 -31.64 22.38
N GLU B 464 -28.75 -30.42 22.64
CA GLU B 464 -28.81 -29.35 21.65
C GLU B 464 -27.76 -29.55 20.55
N GLU B 465 -28.23 -29.54 19.30
CA GLU B 465 -27.46 -29.77 18.09
C GLU B 465 -26.12 -28.98 17.96
N TRP B 466 -26.19 -27.66 18.09
CA TRP B 466 -25.03 -26.79 17.79
C TRP B 466 -23.97 -26.68 18.89
N TYR B 467 -24.37 -26.82 20.14
CA TYR B 467 -23.47 -26.64 21.28
C TYR B 467 -23.31 -27.92 22.09
N GLY B 468 -24.28 -28.81 21.98
CA GLY B 468 -24.24 -30.08 22.70
C GLY B 468 -24.81 -29.96 24.09
N THR B 469 -25.52 -28.86 24.34
CA THR B 469 -26.12 -28.59 25.66
C THR B 469 -27.02 -29.74 26.09
N GLN B 470 -26.82 -30.22 27.31
CA GLN B 470 -27.66 -31.31 27.79
C GLN B 470 -28.75 -30.85 28.73
N TYR B 471 -29.97 -31.27 28.42
CA TYR B 471 -31.15 -30.81 29.14
C TYR B 471 -32.27 -31.83 29.06
N LYS B 472 -33.30 -31.63 29.87
CA LYS B 472 -34.52 -32.36 29.66
C LYS B 472 -35.71 -31.40 29.70
N GLN B 473 -36.77 -31.77 28.98
CA GLN B 473 -38.01 -30.99 28.95
C GLN B 473 -39.15 -31.78 29.57
N GLU B 474 -40.06 -31.06 30.22
CA GLU B 474 -41.26 -31.66 30.78
C GLU B 474 -42.33 -30.59 30.95
N ALA B 475 -43.59 -30.99 30.80
CA ALA B 475 -44.72 -30.09 31.05
C ALA B 475 -44.80 -29.77 32.53
N ILE B 476 -45.04 -28.50 32.85
CA ILE B 476 -45.26 -28.11 34.24
C ILE B 476 -46.64 -28.64 34.65
N PRO B 477 -46.69 -29.42 35.76
CA PRO B 477 -47.95 -30.01 36.23
C PRO B 477 -49.09 -28.99 36.39
N ASP B 478 -50.27 -29.34 35.90
CA ASP B 478 -51.47 -28.46 35.93
C ASP B 478 -51.79 -27.97 37.33
N GLU B 479 -51.51 -28.83 38.30
CA GLU B 479 -51.67 -28.53 39.71
C GLU B 479 -50.74 -27.38 40.14
N VAL B 480 -49.52 -27.36 39.59
CA VAL B 480 -48.51 -26.36 39.90
C VAL B 480 -48.85 -25.00 39.28
N ILE B 481 -49.27 -25.00 38.01
CA ILE B 481 -49.74 -23.77 37.37
C ILE B 481 -50.91 -23.16 38.14
N LYS B 482 -51.87 -24.00 38.50
CA LYS B 482 -53.08 -23.56 39.21
C LYS B 482 -52.79 -22.95 40.60
N LYS B 483 -51.77 -23.43 41.31
CA LYS B 483 -51.32 -22.79 42.55
C LYS B 483 -50.76 -21.39 42.30
N TRP B 484 -50.10 -21.20 41.14
CA TRP B 484 -49.53 -19.90 40.77
C TRP B 484 -50.58 -18.89 40.34
N GLN B 485 -51.70 -19.36 39.80
CA GLN B 485 -52.80 -18.48 39.39
C GLN B 485 -53.57 -17.95 40.60
N ASN B 486 -53.50 -18.70 41.70
CA ASN B 486 -54.11 -18.32 42.97
C ASN B 486 -53.17 -17.55 43.88
N ALA B 487 -52.11 -16.98 43.31
CA ALA B 487 -51.21 -16.15 44.08
C ALA B 487 -52.07 -15.05 44.68
N ASP B 488 -52.36 -15.23 46.00
CA ASP B 488 -52.98 -14.11 46.71
C ASP B 488 -51.82 -13.20 47.09
N LEU B 489 -52.11 -12.18 47.89
CA LEU B 489 -51.13 -11.14 48.19
C LEU B 489 -50.19 -11.44 49.35
N ASN B 490 -48.93 -11.08 49.17
CA ASN B 490 -47.91 -11.21 50.20
C ASN B 490 -47.65 -9.82 50.77
N GLY B 491 -47.78 -9.70 52.09
CA GLY B 491 -47.60 -8.42 52.77
C GLY B 491 -46.16 -8.01 52.96
N LYS B 492 -45.23 -8.74 52.34
CA LYS B 492 -43.84 -8.32 52.36
C LYS B 492 -43.51 -7.48 51.13
N PHE B 493 -44.39 -7.49 50.15
CA PHE B 493 -44.18 -6.75 48.92
C PHE B 493 -44.91 -5.40 48.90
N LYS B 494 -44.14 -4.32 48.85
CA LYS B 494 -44.69 -3.00 48.53
C LYS B 494 -43.90 -2.29 47.44
N LEU B 495 -44.57 -1.34 46.79
CA LEU B 495 -43.95 -0.52 45.76
C LEU B 495 -42.83 0.31 46.36
N PRO B 496 -41.88 0.77 45.52
CA PRO B 496 -40.83 1.64 46.06
C PRO B 496 -41.44 2.93 46.56
N THR B 497 -40.76 3.60 47.48
CA THR B 497 -41.20 4.91 47.91
C THR B 497 -40.44 5.94 47.09
N LYS B 498 -40.77 7.22 47.26
CA LYS B 498 -40.10 8.28 46.53
C LYS B 498 -38.58 8.12 46.66
N ASN B 499 -37.89 8.22 45.54
CA ASN B 499 -36.44 8.12 45.53
C ASN B 499 -35.79 9.42 46.00
N GLU B 500 -35.44 9.46 47.28
CA GLU B 500 -34.78 10.62 47.90
C GLU B 500 -33.42 11.03 47.29
N PHE B 501 -32.87 10.21 46.38
CA PHE B 501 -31.51 10.43 45.83
C PHE B 501 -31.45 11.21 44.52
N ILE B 502 -32.59 11.31 43.85
CA ILE B 502 -32.74 12.11 42.64
C ILE B 502 -32.11 13.47 42.87
N PRO B 503 -31.10 13.83 42.06
CA PRO B 503 -30.41 15.09 42.31
C PRO B 503 -31.28 16.30 41.94
N THR B 504 -31.14 17.37 42.69
CA THR B 504 -31.91 18.59 42.42
C THR B 504 -31.01 19.81 42.37
N ASN B 505 -29.71 19.60 42.40
CA ASN B 505 -28.75 20.71 42.35
C ASN B 505 -27.68 20.51 41.30
N PHE B 506 -27.81 21.18 40.16
CA PHE B 506 -26.89 20.99 39.03
C PHE B 506 -26.01 22.20 38.76
N GLU B 507 -25.95 23.10 39.74
CA GLU B 507 -25.15 24.32 39.65
C GLU B 507 -23.69 23.91 39.45
N ILE B 508 -23.03 24.52 38.48
CA ILE B 508 -21.63 24.23 38.22
C ILE B 508 -20.78 25.35 38.80
N LEU B 509 -19.95 25.01 39.79
CA LEU B 509 -19.22 26.02 40.58
C LEU B 509 -18.16 26.75 39.74
N PRO B 510 -17.95 28.05 40.00
CA PRO B 510 -17.03 28.82 39.15
C PRO B 510 -15.62 28.27 39.24
N LEU B 511 -14.87 28.41 38.14
CA LEU B 511 -13.49 27.96 38.11
C LEU B 511 -12.66 28.79 39.08
N GLU B 512 -12.18 28.16 40.15
CA GLU B 512 -11.38 28.85 41.19
C GLU B 512 -10.14 29.52 40.62
N LYS B 513 -9.67 30.55 41.31
CA LYS B 513 -8.44 31.26 40.94
C LYS B 513 -7.20 30.36 41.01
N GLU B 514 -7.13 29.52 42.05
CA GLU B 514 -5.97 28.64 42.25
C GLU B 514 -6.02 27.33 41.44
N ALA B 515 -7.05 27.14 40.61
CA ALA B 515 -7.23 25.90 39.82
C ALA B 515 -6.03 25.57 38.92
N THR B 516 -5.70 24.28 38.83
CA THR B 516 -4.57 23.79 38.04
C THR B 516 -5.05 22.95 36.84
N PRO B 517 -4.24 22.85 35.75
CA PRO B 517 -4.66 21.98 34.64
C PRO B 517 -4.49 20.47 34.91
N TYR B 518 -3.69 20.10 35.91
CA TYR B 518 -3.51 18.69 36.34
C TYR B 518 -3.81 18.52 37.84
N PRO B 519 -4.03 17.27 38.31
CA PRO B 519 -4.30 17.12 39.74
C PRO B 519 -3.15 17.68 40.58
N ALA B 520 -3.49 18.50 41.56
CA ALA B 520 -2.52 19.02 42.50
C ALA B 520 -2.56 18.19 43.77
N LEU B 521 -1.41 18.04 44.41
CA LEU B 521 -1.31 17.32 45.66
C LEU B 521 -1.68 18.28 46.78
N ILE B 522 -2.91 18.18 47.28
CA ILE B 522 -3.37 19.20 48.22
C ILE B 522 -3.29 18.75 49.68
N LYS B 523 -2.93 17.50 49.91
CA LYS B 523 -2.76 16.99 51.26
C LYS B 523 -1.74 15.86 51.25
N ASP B 524 -0.74 15.97 52.13
CA ASP B 524 0.31 14.96 52.21
C ASP B 524 0.65 14.59 53.65
N THR B 525 -0.35 14.08 54.37
CA THR B 525 -0.16 13.63 55.74
C THR B 525 0.24 12.15 55.75
N ALA B 526 0.44 11.60 56.95
CA ALA B 526 0.83 10.20 57.11
C ALA B 526 -0.34 9.29 56.81
N MET B 527 -1.55 9.80 57.03
CA MET B 527 -2.78 9.05 56.83
C MET B 527 -3.26 9.11 55.38
N SER B 528 -2.98 10.23 54.72
CA SER B 528 -3.68 10.62 53.52
C SER B 528 -2.81 11.36 52.54
N LYS B 529 -2.98 11.04 51.26
CA LYS B 529 -2.37 11.80 50.21
C LYS B 529 -3.48 12.11 49.18
N LEU B 530 -3.95 13.36 49.18
CA LEU B 530 -5.09 13.76 48.37
C LEU B 530 -4.68 14.50 47.11
N TRP B 531 -5.06 13.94 45.96
CA TRP B 531 -4.89 14.58 44.65
C TRP B 531 -6.21 15.23 44.24
N PHE B 532 -6.15 16.47 43.78
CA PHE B 532 -7.40 17.16 43.46
C PHE B 532 -7.28 17.95 42.17
N LYS B 533 -8.39 18.01 41.43
CA LYS B 533 -8.50 18.87 40.27
C LYS B 533 -9.95 19.16 39.98
N GLN B 534 -10.26 20.44 39.89
CA GLN B 534 -11.58 20.89 39.51
C GLN B 534 -11.71 20.76 37.99
N ASP B 535 -12.88 20.34 37.54
CA ASP B 535 -13.13 20.15 36.12
C ASP B 535 -13.02 21.47 35.37
N ASP B 536 -12.09 21.54 34.42
CA ASP B 536 -11.93 22.71 33.55
C ASP B 536 -12.27 22.36 32.09
N LYS B 537 -13.07 21.33 31.89
CA LYS B 537 -13.29 20.80 30.54
C LYS B 537 -14.75 20.54 30.18
N PHE B 538 -15.45 19.76 31.00
CA PHE B 538 -16.74 19.19 30.59
C PHE B 538 -17.96 19.90 31.14
N PHE B 539 -17.81 20.47 32.33
CA PHE B 539 -18.83 21.30 32.99
C PHE B 539 -20.20 20.63 33.16
N LEU B 540 -20.20 19.43 33.71
CA LEU B 540 -21.44 18.74 34.06
C LEU B 540 -21.47 18.58 35.57
N PRO B 541 -22.68 18.53 36.17
CA PRO B 541 -22.78 18.45 37.64
C PRO B 541 -22.40 17.09 38.20
N LYS B 542 -21.18 16.65 37.90
CA LYS B 542 -20.69 15.33 38.30
C LYS B 542 -19.29 15.38 38.90
N ALA B 543 -18.96 14.34 39.66
CA ALA B 543 -17.63 14.19 40.22
C ALA B 543 -17.20 12.73 40.24
N ASN B 544 -15.89 12.52 40.28
CA ASN B 544 -15.32 11.20 40.51
C ASN B 544 -14.48 11.21 41.77
N LEU B 545 -14.80 10.31 42.68
CA LEU B 545 -14.15 10.25 43.98
C LEU B 545 -13.45 8.91 44.13
N ASN B 546 -12.15 8.90 43.91
CA ASN B 546 -11.36 7.67 43.98
C ASN B 546 -10.53 7.57 45.24
N PHE B 547 -10.53 6.40 45.88
CA PHE B 547 -9.76 6.16 47.09
C PHE B 547 -9.09 4.80 47.07
N GLU B 548 -7.76 4.80 47.18
CA GLU B 548 -6.99 3.58 47.34
C GLU B 548 -6.63 3.45 48.84
N PHE B 549 -7.04 2.35 49.47
CA PHE B 549 -6.74 2.09 50.89
C PHE B 549 -5.67 1.03 51.01
N PHE B 550 -4.52 1.37 51.61
CA PHE B 550 -3.44 0.39 51.77
C PHE B 550 -3.44 -0.27 53.13
N SER B 551 -3.36 -1.59 53.13
CA SER B 551 -3.12 -2.34 54.36
C SER B 551 -2.24 -3.53 54.01
N PRO B 552 -1.19 -3.79 54.81
CA PRO B 552 -0.36 -4.97 54.52
C PRO B 552 -1.18 -6.25 54.71
N PHE B 553 -2.28 -6.12 55.43
CA PHE B 553 -3.09 -7.24 55.87
C PHE B 553 -4.09 -7.78 54.89
N ALA B 554 -4.28 -7.06 53.79
CA ALA B 554 -5.27 -7.47 52.80
C ALA B 554 -4.73 -8.56 51.88
N TYR B 555 -3.41 -8.71 51.83
CA TYR B 555 -2.83 -9.71 50.96
C TYR B 555 -1.72 -10.52 51.63
N VAL B 556 -1.54 -10.34 52.94
CA VAL B 556 -0.45 -10.99 53.65
C VAL B 556 -0.34 -12.49 53.32
N ASP B 557 -1.49 -13.17 53.22
CA ASP B 557 -1.52 -14.60 52.87
C ASP B 557 -2.85 -14.99 52.20
N PRO B 558 -2.93 -16.21 51.62
CA PRO B 558 -4.18 -16.63 50.97
C PRO B 558 -5.44 -16.46 51.83
N LEU B 559 -5.39 -16.90 53.08
CA LEU B 559 -6.53 -16.74 53.99
C LEU B 559 -6.96 -15.27 54.14
N HIS B 560 -5.98 -14.38 54.29
CA HIS B 560 -6.28 -12.97 54.48
C HIS B 560 -6.81 -12.32 53.23
N SER B 561 -6.36 -12.84 52.09
CA SER B 561 -6.85 -12.38 50.81
C SER B 561 -8.32 -12.74 50.68
N ASN B 562 -8.66 -13.99 51.02
CA ASN B 562 -10.03 -14.46 51.05
C ASN B 562 -10.94 -13.61 51.93
N MET B 563 -10.44 -13.24 53.10
CA MET B 563 -11.24 -12.48 54.04
C MET B 563 -11.44 -11.05 53.56
N ALA B 564 -10.42 -10.47 52.96
CA ALA B 564 -10.52 -9.12 52.40
C ALA B 564 -11.65 -9.11 51.37
N TYR B 565 -11.66 -10.13 50.51
CA TYR B 565 -12.68 -10.31 49.51
C TYR B 565 -14.05 -10.44 50.18
N LEU B 566 -14.22 -11.48 51.00
CA LEU B 566 -15.49 -11.75 51.64
C LEU B 566 -16.06 -10.56 52.42
N TYR B 567 -15.20 -9.88 53.16
CA TYR B 567 -15.60 -8.69 53.89
C TYR B 567 -16.31 -7.72 52.95
N LEU B 568 -15.64 -7.34 51.87
CA LEU B 568 -16.20 -6.39 50.92
C LEU B 568 -17.44 -6.88 50.18
N GLU B 569 -17.52 -8.17 49.87
CA GLU B 569 -18.73 -8.71 49.28
C GLU B 569 -19.92 -8.60 50.23
N LEU B 570 -19.67 -8.88 51.50
CA LEU B 570 -20.69 -8.82 52.54
C LEU B 570 -21.18 -7.40 52.78
N LEU B 571 -20.25 -6.46 52.69
CA LEU B 571 -20.56 -5.05 52.86
C LEU B 571 -21.46 -4.55 51.74
N LYS B 572 -21.11 -4.89 50.50
CA LYS B 572 -21.89 -4.49 49.34
C LYS B 572 -23.28 -5.09 49.39
N ASP B 573 -23.34 -6.38 49.66
CA ASP B 573 -24.61 -7.07 49.77
C ASP B 573 -25.49 -6.39 50.81
N SER B 574 -24.92 -6.10 51.98
CA SER B 574 -25.66 -5.46 53.06
C SER B 574 -26.15 -4.07 52.66
N LEU B 575 -25.36 -3.36 51.87
CA LEU B 575 -25.63 -1.99 51.49
C LEU B 575 -26.45 -1.84 50.20
N ASN B 576 -26.70 -2.98 49.54
CA ASN B 576 -27.34 -3.01 48.23
C ASN B 576 -28.69 -2.30 48.20
N GLU B 577 -29.56 -2.63 49.16
CA GLU B 577 -30.90 -2.07 49.23
C GLU B 577 -30.90 -0.56 49.30
N TYR B 578 -29.97 -0.01 50.06
CA TYR B 578 -29.86 1.43 50.22
C TYR B 578 -29.28 2.04 48.95
N ALA B 579 -28.24 1.39 48.43
CA ALA B 579 -27.47 1.91 47.31
C ALA B 579 -28.19 1.84 45.97
N TYR B 580 -29.16 0.93 45.85
CA TYR B 580 -29.89 0.76 44.60
C TYR B 580 -30.59 2.05 44.19
N ALA B 581 -31.30 2.66 45.14
CA ALA B 581 -31.95 3.95 44.91
C ALA B 581 -30.98 5.01 44.38
N ALA B 582 -29.78 5.09 44.95
CA ALA B 582 -28.77 6.04 44.47
C ALA B 582 -28.32 5.72 43.06
N GLU B 583 -28.14 4.44 42.79
CA GLU B 583 -27.71 3.97 41.48
C GLU B 583 -28.67 4.34 40.34
N LEU B 584 -29.98 4.23 40.58
CA LEU B 584 -30.98 4.71 39.62
C LEU B 584 -30.93 6.22 39.43
N ALA B 585 -30.46 6.92 40.44
CA ALA B 585 -30.38 8.36 40.39
C ALA B 585 -29.01 8.82 39.87
N GLY B 586 -28.30 7.92 39.19
CA GLY B 586 -27.00 8.26 38.59
C GLY B 586 -25.89 8.52 39.58
N LEU B 587 -25.88 7.77 40.67
CA LEU B 587 -24.86 7.88 41.69
C LEU B 587 -24.35 6.48 41.99
N SER B 588 -23.18 6.15 41.46
CA SER B 588 -22.65 4.80 41.54
C SER B 588 -21.46 4.66 42.46
N TYR B 589 -21.31 3.47 43.03
CA TYR B 589 -20.10 3.14 43.73
C TYR B 589 -19.55 1.80 43.31
N ASP B 590 -18.24 1.68 43.47
CA ASP B 590 -17.54 0.49 43.09
C ASP B 590 -16.53 0.21 44.19
N LEU B 591 -16.60 -0.96 44.79
CA LEU B 591 -15.78 -1.28 45.95
C LEU B 591 -15.27 -2.70 45.88
N GLN B 592 -13.97 -2.85 45.63
CA GLN B 592 -13.36 -4.17 45.54
C GLN B 592 -12.01 -4.18 46.23
N ASN B 593 -11.55 -5.37 46.59
CA ASN B 593 -10.26 -5.55 47.24
C ASN B 593 -9.16 -5.67 46.20
N THR B 594 -7.95 -5.29 46.59
CA THR B 594 -6.80 -5.33 45.70
C THR B 594 -5.68 -6.08 46.42
N ILE B 595 -4.54 -6.24 45.75
CA ILE B 595 -3.40 -6.93 46.35
C ILE B 595 -2.66 -6.02 47.35
N TYR B 596 -3.13 -4.79 47.48
CA TYR B 596 -2.56 -3.83 48.43
C TYR B 596 -3.55 -3.40 49.51
N GLY B 597 -4.78 -3.90 49.44
CA GLY B 597 -5.84 -3.45 50.32
C GLY B 597 -7.13 -3.27 49.55
N MET B 598 -7.78 -2.12 49.75
CA MET B 598 -9.10 -1.85 49.16
C MET B 598 -9.11 -0.70 48.15
N TYR B 599 -10.09 -0.75 47.25
CA TYR B 599 -10.33 0.32 46.29
C TYR B 599 -11.78 0.76 46.36
N LEU B 600 -11.99 2.08 46.39
CA LEU B 600 -13.35 2.61 46.42
C LEU B 600 -13.50 3.79 45.47
N SER B 601 -14.49 3.68 44.59
CA SER B 601 -14.79 4.73 43.63
C SER B 601 -16.22 5.14 43.78
N VAL B 602 -16.46 6.44 43.76
CA VAL B 602 -17.82 6.98 43.80
C VAL B 602 -17.94 7.97 42.63
N LYS B 603 -18.82 7.64 41.69
CA LYS B 603 -18.97 8.37 40.43
C LYS B 603 -20.43 8.81 40.25
N GLY B 604 -20.66 9.95 39.62
CA GLY B 604 -22.02 10.42 39.35
C GLY B 604 -22.25 11.88 39.67
N TYR B 605 -23.53 12.26 39.77
CA TYR B 605 -23.90 13.62 40.14
C TYR B 605 -23.45 13.93 41.55
N ASN B 606 -22.71 15.02 41.68
CA ASN B 606 -22.11 15.43 42.94
C ASN B 606 -23.08 15.85 44.03
N ASP B 607 -24.31 16.24 43.66
CA ASP B 607 -25.32 16.69 44.63
C ASP B 607 -25.32 15.85 45.89
N LYS B 608 -25.54 14.54 45.75
CA LYS B 608 -25.65 13.70 46.95
C LYS B 608 -24.50 12.72 47.14
N GLN B 609 -23.36 12.97 46.49
CA GLN B 609 -22.20 12.10 46.67
C GLN B 609 -21.76 11.99 48.12
N PRO B 610 -21.63 13.13 48.84
CA PRO B 610 -21.22 13.03 50.24
C PRO B 610 -22.10 12.10 51.05
N ILE B 611 -23.40 12.07 50.76
CA ILE B 611 -24.31 11.24 51.55
C ILE B 611 -24.00 9.74 51.41
N LEU B 612 -23.80 9.29 50.17
CA LEU B 612 -23.49 7.89 49.90
C LEU B 612 -22.12 7.51 50.45
N LEU B 613 -21.12 8.32 50.12
CA LEU B 613 -19.74 8.09 50.56
C LEU B 613 -19.66 7.86 52.07
N LYS B 614 -20.31 8.76 52.82
CA LYS B 614 -20.32 8.68 54.28
C LYS B 614 -20.98 7.41 54.75
N LYS B 615 -22.08 7.03 54.11
CA LYS B 615 -22.79 5.81 54.48
C LYS B 615 -21.90 4.59 54.27
N ILE B 616 -21.19 4.57 53.15
CA ILE B 616 -20.29 3.46 52.83
C ILE B 616 -19.22 3.35 53.91
N ILE B 617 -18.53 4.46 54.19
CA ILE B 617 -17.47 4.45 55.19
C ILE B 617 -18.01 4.11 56.58
N GLU B 618 -19.13 4.70 56.98
CA GLU B 618 -19.78 4.30 58.24
C GLU B 618 -20.05 2.79 58.33
N LYS B 619 -20.50 2.19 57.23
CA LYS B 619 -20.77 0.76 57.20
C LYS B 619 -19.50 -0.04 57.33
N MET B 620 -18.45 0.38 56.63
CA MET B 620 -17.16 -0.30 56.70
C MET B 620 -16.69 -0.47 58.12
N ALA B 621 -16.76 0.63 58.88
CA ALA B 621 -16.07 0.74 60.15
C ALA B 621 -16.84 0.20 61.34
N THR B 622 -18.09 -0.20 61.11
CA THR B 622 -18.96 -0.67 62.17
C THR B 622 -19.76 -1.83 61.61
N PHE B 623 -19.15 -2.56 60.69
CA PHE B 623 -19.85 -3.62 59.97
C PHE B 623 -20.22 -4.77 60.88
N GLU B 624 -21.46 -5.23 60.73
CA GLU B 624 -22.02 -6.30 61.54
C GLU B 624 -22.51 -7.42 60.63
N ILE B 625 -21.68 -8.45 60.47
CA ILE B 625 -21.95 -9.54 59.54
C ILE B 625 -23.20 -10.33 59.94
N ASP B 626 -24.14 -10.47 59.03
CA ASP B 626 -25.24 -11.41 59.26
C ASP B 626 -24.74 -12.81 58.92
N GLU B 627 -24.82 -13.72 59.88
CA GLU B 627 -24.26 -15.07 59.71
C GLU B 627 -24.74 -15.80 58.46
N LYS B 628 -26.05 -15.74 58.19
CA LYS B 628 -26.62 -16.47 57.05
C LYS B 628 -26.08 -15.99 55.70
N ARG B 629 -25.82 -14.68 55.60
CA ARG B 629 -25.30 -14.12 54.36
C ARG B 629 -23.83 -14.42 54.15
N PHE B 630 -23.10 -14.57 55.26
CA PHE B 630 -21.73 -15.07 55.25
C PHE B 630 -21.62 -16.46 54.61
N GLU B 631 -22.45 -17.40 55.07
CA GLU B 631 -22.42 -18.77 54.58
C GLU B 631 -22.76 -18.88 53.10
N ILE B 632 -23.72 -18.06 52.67
CA ILE B 632 -24.16 -18.00 51.28
C ILE B 632 -23.08 -17.42 50.37
N ILE B 633 -22.60 -16.23 50.71
CA ILE B 633 -21.56 -15.56 49.92
C ILE B 633 -20.26 -16.37 49.85
N LYS B 634 -19.91 -17.03 50.95
CA LYS B 634 -18.76 -17.90 50.98
C LYS B 634 -18.87 -19.03 49.95
N GLU B 635 -20.00 -19.72 49.91
CA GLU B 635 -20.18 -20.81 48.94
C GLU B 635 -20.18 -20.34 47.47
N ALA B 636 -20.70 -19.13 47.22
CA ALA B 636 -20.70 -18.57 45.87
C ALA B 636 -19.28 -18.28 45.41
N TYR B 637 -18.43 -17.92 46.37
CA TYR B 637 -17.03 -17.59 46.14
C TYR B 637 -16.21 -18.86 45.90
N MET B 638 -16.51 -19.90 46.65
CA MET B 638 -15.94 -21.23 46.45
C MET B 638 -16.15 -21.67 45.00
N ARG B 639 -17.39 -21.61 44.52
CA ARG B 639 -17.72 -21.94 43.15
C ARG B 639 -17.01 -21.01 42.17
N SER B 640 -17.04 -19.72 42.47
CA SER B 640 -16.43 -18.71 41.63
C SER B 640 -14.96 -19.02 41.37
N LEU B 641 -14.24 -19.37 42.43
CA LEU B 641 -12.87 -19.86 42.34
C LEU B 641 -12.74 -21.13 41.51
N ASN B 642 -13.56 -22.14 41.81
CA ASN B 642 -13.56 -23.36 41.02
C ASN B 642 -13.88 -23.12 39.56
N ASN B 643 -14.70 -22.12 39.29
CA ASN B 643 -15.20 -21.86 37.94
C ASN B 643 -14.19 -21.20 37.03
N PHE B 644 -13.02 -20.86 37.58
CA PHE B 644 -11.93 -20.39 36.76
C PHE B 644 -11.45 -21.52 35.84
N ARG B 645 -11.57 -22.75 36.32
CA ARG B 645 -11.30 -23.95 35.53
C ARG B 645 -11.96 -23.90 34.13
N ALA B 646 -13.07 -23.18 34.03
CA ALA B 646 -13.86 -23.12 32.81
C ALA B 646 -13.63 -21.89 31.94
N GLU B 647 -12.70 -21.02 32.32
CA GLU B 647 -12.40 -19.85 31.50
C GLU B 647 -11.66 -20.23 30.22
N GLN B 648 -11.55 -19.26 29.32
CA GLN B 648 -10.93 -19.46 28.03
C GLN B 648 -9.43 -19.70 28.16
N PRO B 649 -8.86 -20.55 27.26
CA PRO B 649 -7.43 -20.90 27.28
C PRO B 649 -6.48 -19.72 27.29
N HIS B 650 -6.80 -18.68 26.52
CA HIS B 650 -5.96 -17.50 26.49
C HIS B 650 -6.03 -16.71 27.82
N GLN B 651 -7.15 -16.78 28.52
CA GLN B 651 -7.30 -16.14 29.84
C GLN B 651 -6.49 -16.89 30.89
N HIS B 652 -6.34 -18.19 30.68
CA HIS B 652 -5.51 -19.02 31.54
C HIS B 652 -4.06 -18.61 31.34
N ALA B 653 -3.65 -18.47 30.09
CA ALA B 653 -2.29 -18.09 29.75
C ALA B 653 -1.92 -16.74 30.38
N MET B 654 -2.81 -15.75 30.24
CA MET B 654 -2.59 -14.42 30.81
C MET B 654 -2.52 -14.49 32.33
N TYR B 655 -3.38 -15.30 32.92
CA TYR B 655 -3.40 -15.46 34.37
C TYR B 655 -2.09 -16.07 34.87
N TYR B 656 -1.66 -17.18 34.26
CA TYR B 656 -0.42 -17.82 34.66
C TYR B 656 0.78 -16.89 34.53
N LEU B 657 0.84 -16.11 33.45
CA LEU B 657 1.92 -15.14 33.31
C LEU B 657 1.94 -14.10 34.44
N ARG B 658 0.76 -13.63 34.88
CA ARG B 658 0.69 -12.74 36.04
C ARG B 658 1.28 -13.38 37.30
N LEU B 659 0.88 -14.62 37.56
CA LEU B 659 1.37 -15.40 38.70
C LEU B 659 2.87 -15.61 38.63
N LEU B 660 3.39 -15.76 37.41
CA LEU B 660 4.80 -16.05 37.20
C LEU B 660 5.71 -14.85 37.33
N MET B 661 5.22 -13.66 36.97
CA MET B 661 6.07 -12.47 36.89
C MET B 661 5.88 -11.48 38.02
N THR B 662 5.05 -11.83 39.00
CA THR B 662 4.80 -10.96 40.16
C THR B 662 5.42 -11.54 41.41
N GLU B 663 6.12 -10.67 42.12
CA GLU B 663 6.83 -11.00 43.35
C GLU B 663 5.97 -11.86 44.27
N VAL B 664 4.82 -11.33 44.69
CA VAL B 664 3.86 -12.08 45.49
C VAL B 664 2.54 -12.20 44.73
N ALA B 665 2.00 -13.41 44.65
CA ALA B 665 0.69 -13.66 44.05
C ALA B 665 0.16 -15.01 44.52
N TRP B 666 -1.10 -15.02 44.94
CA TRP B 666 -1.71 -16.24 45.45
C TRP B 666 -2.52 -16.92 44.35
N THR B 667 -2.25 -18.19 44.10
CA THR B 667 -2.96 -18.93 43.06
C THR B 667 -4.40 -19.23 43.47
N LYS B 668 -5.27 -19.44 42.47
CA LYS B 668 -6.65 -19.86 42.70
C LYS B 668 -6.74 -21.10 43.59
N ASP B 669 -5.87 -22.09 43.35
CA ASP B 669 -5.81 -23.30 44.17
C ASP B 669 -5.54 -22.97 45.64
N GLU B 670 -4.62 -22.04 45.87
CA GLU B 670 -4.22 -21.68 47.22
C GLU B 670 -5.35 -20.99 47.97
N LEU B 671 -6.03 -20.08 47.28
CA LEU B 671 -7.19 -19.39 47.84
C LEU B 671 -8.31 -20.37 48.17
N LYS B 672 -8.56 -21.31 47.26
CA LYS B 672 -9.55 -22.38 47.46
C LYS B 672 -9.29 -23.16 48.73
N GLU B 673 -8.08 -23.70 48.84
CA GLU B 673 -7.70 -24.53 49.97
C GLU B 673 -7.81 -23.76 51.29
N ALA B 674 -7.41 -22.49 51.28
CA ALA B 674 -7.46 -21.61 52.45
C ALA B 674 -8.88 -21.19 52.83
N LEU B 675 -9.82 -21.32 51.91
CA LEU B 675 -11.18 -20.84 52.12
C LEU B 675 -12.01 -21.66 53.12
N ASP B 676 -11.66 -22.93 53.33
CA ASP B 676 -12.36 -23.72 54.35
C ASP B 676 -12.05 -23.24 55.76
N ASP B 677 -10.90 -22.59 55.94
CA ASP B 677 -10.46 -22.17 57.26
C ASP B 677 -11.04 -20.82 57.66
N VAL B 678 -11.76 -20.17 56.75
CA VAL B 678 -12.42 -18.88 57.00
C VAL B 678 -13.75 -19.11 57.72
N THR B 679 -13.73 -18.96 59.04
CA THR B 679 -14.93 -19.11 59.87
C THR B 679 -15.46 -17.73 60.23
N LEU B 680 -16.73 -17.65 60.61
CA LEU B 680 -17.33 -16.38 61.02
C LEU B 680 -16.57 -15.66 62.15
N PRO B 681 -16.17 -16.39 63.23
CA PRO B 681 -15.31 -15.73 64.23
C PRO B 681 -14.01 -15.14 63.66
N ARG B 682 -13.35 -15.86 62.77
CA ARG B 682 -12.08 -15.41 62.20
C ARG B 682 -12.21 -14.12 61.38
N LEU B 683 -13.36 -13.97 60.72
CA LEU B 683 -13.63 -12.78 59.90
C LEU B 683 -14.04 -11.58 60.75
N LYS B 684 -14.90 -11.79 61.75
CA LYS B 684 -15.23 -10.73 62.71
C LYS B 684 -13.97 -10.08 63.29
N ALA B 685 -12.97 -10.91 63.62
CA ALA B 685 -11.69 -10.42 64.16
C ALA B 685 -10.81 -9.72 63.11
N PHE B 686 -10.86 -10.24 61.88
CA PHE B 686 -10.07 -9.72 60.77
C PHE B 686 -10.40 -8.26 60.43
N ILE B 687 -11.68 -7.91 60.41
CA ILE B 687 -12.11 -6.57 59.99
C ILE B 687 -11.42 -5.43 60.77
N PRO B 688 -11.53 -5.42 62.13
CA PRO B 688 -10.88 -4.33 62.89
C PRO B 688 -9.37 -4.33 62.71
N GLN B 689 -8.80 -5.53 62.54
CA GLN B 689 -7.39 -5.69 62.27
C GLN B 689 -7.02 -4.95 60.99
N LEU B 690 -7.71 -5.27 59.89
CA LEU B 690 -7.47 -4.67 58.58
C LEU B 690 -7.56 -3.15 58.61
N LEU B 691 -8.55 -2.65 59.34
CA LEU B 691 -8.84 -1.23 59.42
C LEU B 691 -7.98 -0.45 60.43
N SER B 692 -7.25 -1.15 61.30
CA SER B 692 -6.56 -0.48 62.42
C SER B 692 -5.43 0.47 62.02
N ARG B 693 -4.76 0.16 60.91
CA ARG B 693 -3.78 1.08 60.33
C ARG B 693 -3.81 1.04 58.80
N LEU B 694 -3.95 2.22 58.20
CA LEU B 694 -4.07 2.38 56.76
C LEU B 694 -3.38 3.63 56.27
N HIS B 695 -3.20 3.68 54.96
CA HIS B 695 -2.85 4.89 54.26
C HIS B 695 -3.84 5.01 53.10
N ILE B 696 -4.36 6.21 52.87
CA ILE B 696 -5.34 6.44 51.81
C ILE B 696 -4.79 7.44 50.82
N GLU B 697 -4.63 7.00 49.57
CA GLU B 697 -4.37 7.92 48.48
C GLU B 697 -5.66 8.06 47.70
N ALA B 698 -6.05 9.30 47.41
CA ALA B 698 -7.29 9.58 46.69
C ALA B 698 -7.07 10.57 45.58
N LEU B 699 -7.87 10.43 44.53
CA LEU B 699 -8.04 11.46 43.52
C LEU B 699 -9.49 11.94 43.57
N LEU B 700 -9.67 13.24 43.80
CA LEU B 700 -11.01 13.84 43.78
C LEU B 700 -11.09 14.79 42.61
N HIS B 701 -11.91 14.44 41.62
CA HIS B 701 -11.90 15.12 40.32
C HIS B 701 -13.31 15.32 39.81
N GLY B 702 -13.68 16.57 39.54
CA GLY B 702 -15.00 16.86 38.98
C GLY B 702 -15.54 18.24 39.25
N ASN B 703 -16.84 18.32 39.53
CA ASN B 703 -17.47 19.57 39.93
C ASN B 703 -17.42 19.78 41.44
N ILE B 704 -16.22 20.02 41.96
CA ILE B 704 -16.01 20.35 43.38
C ILE B 704 -14.85 21.31 43.59
N THR B 705 -14.91 22.04 44.70
CA THR B 705 -13.88 23.01 45.07
C THR B 705 -12.84 22.38 45.97
N LYS B 706 -11.68 23.05 46.04
CA LYS B 706 -10.55 22.59 46.84
C LYS B 706 -11.00 22.25 48.25
N GLN B 707 -11.78 23.13 48.86
CA GLN B 707 -12.20 22.92 50.24
C GLN B 707 -13.31 21.88 50.39
N ALA B 708 -14.14 21.75 49.37
CA ALA B 708 -15.15 20.68 49.34
C ALA B 708 -14.40 19.35 49.36
N ALA B 709 -13.32 19.29 48.58
CA ALA B 709 -12.51 18.09 48.44
C ALA B 709 -11.81 17.71 49.74
N LEU B 710 -11.21 18.71 50.38
CA LEU B 710 -10.53 18.51 51.65
C LEU B 710 -11.52 18.08 52.72
N GLY B 711 -12.74 18.64 52.66
CA GLY B 711 -13.80 18.25 53.57
C GLY B 711 -14.16 16.79 53.37
N ILE B 712 -14.27 16.38 52.11
CA ILE B 712 -14.64 15.03 51.76
C ILE B 712 -13.60 14.03 52.24
N MET B 713 -12.32 14.35 52.05
CA MET B 713 -11.23 13.51 52.51
C MET B 713 -11.18 13.41 54.03
N GLN B 714 -11.31 14.56 54.70
CA GLN B 714 -11.23 14.60 56.16
C GLN B 714 -12.38 13.82 56.79
N MET B 715 -13.54 13.85 56.14
CA MET B 715 -14.70 13.11 56.62
C MET B 715 -14.44 11.61 56.55
N VAL B 716 -13.87 11.17 55.42
CA VAL B 716 -13.55 9.76 55.26
C VAL B 716 -12.65 9.31 56.41
N GLU B 717 -11.58 10.07 56.67
CA GLU B 717 -10.65 9.78 57.76
C GLU B 717 -11.31 9.78 59.13
N ASP B 718 -11.96 10.90 59.46
CA ASP B 718 -12.64 11.08 60.75
C ASP B 718 -13.59 9.93 61.08
N THR B 719 -14.27 9.40 60.07
CA THR B 719 -15.19 8.29 60.28
C THR B 719 -14.43 7.02 60.65
N LEU B 720 -13.31 6.79 59.97
CA LEU B 720 -12.45 5.65 60.26
C LEU B 720 -11.80 5.76 61.64
N ILE B 721 -11.21 6.92 61.93
CA ILE B 721 -10.66 7.18 63.27
C ILE B 721 -11.75 6.97 64.31
N GLU B 722 -12.89 7.64 64.12
CA GLU B 722 -13.93 7.61 65.14
C GLU B 722 -14.56 6.24 65.33
N HIS B 723 -14.58 5.39 64.30
CA HIS B 723 -15.26 4.10 64.45
C HIS B 723 -14.37 2.87 64.48
N ALA B 724 -13.16 2.97 63.92
CA ALA B 724 -12.27 1.81 63.84
C ALA B 724 -10.89 2.12 64.42
N HIS B 725 -10.75 3.30 65.01
CA HIS B 725 -9.52 3.74 65.67
C HIS B 725 -8.29 3.68 64.76
N THR B 726 -8.50 3.89 63.47
CA THR B 726 -7.45 3.81 62.46
C THR B 726 -6.30 4.73 62.79
N LYS B 727 -5.07 4.21 62.70
CA LYS B 727 -3.87 5.05 62.79
C LYS B 727 -3.10 5.02 61.47
N PRO B 728 -2.16 5.97 61.28
CA PRO B 728 -1.38 5.93 60.04
C PRO B 728 -0.52 4.68 59.88
N LEU B 729 -0.01 4.49 58.68
CA LEU B 729 0.90 3.41 58.35
C LEU B 729 2.27 4.05 58.15
N LEU B 730 3.34 3.27 58.32
CA LEU B 730 4.69 3.81 58.14
C LEU B 730 5.08 3.87 56.66
N PRO B 731 5.94 4.85 56.28
CA PRO B 731 6.40 4.93 54.88
C PRO B 731 7.05 3.64 54.35
N SER B 732 7.96 3.07 55.14
CA SER B 732 8.61 1.80 54.81
C SER B 732 7.63 0.64 54.64
N GLN B 733 6.40 0.82 55.13
CA GLN B 733 5.35 -0.19 55.04
C GLN B 733 4.59 -0.18 53.72
N LEU B 734 4.58 0.97 53.06
CA LEU B 734 3.94 1.17 51.76
C LEU B 734 4.71 0.42 50.66
N VAL B 735 4.82 -0.90 50.86
CA VAL B 735 5.61 -1.76 49.98
C VAL B 735 4.85 -2.05 48.70
N ARG B 736 5.55 -1.96 47.57
CA ARG B 736 5.01 -2.29 46.27
C ARG B 736 5.66 -3.57 45.77
N TYR B 737 4.96 -4.35 44.97
CA TYR B 737 5.54 -5.59 44.42
C TYR B 737 6.31 -5.31 43.14
N ARG B 738 7.25 -6.19 42.82
CA ARG B 738 8.08 -5.99 41.64
C ARG B 738 8.07 -7.16 40.67
N GLU B 739 8.54 -6.92 39.45
CA GLU B 739 8.52 -7.96 38.43
C GLU B 739 9.82 -8.76 38.40
N VAL B 740 9.67 -10.07 38.21
CA VAL B 740 10.78 -11.00 38.07
C VAL B 740 11.70 -10.56 36.91
N GLN B 741 13.00 -10.52 37.18
CA GLN B 741 13.96 -10.10 36.16
C GLN B 741 14.53 -11.32 35.41
N LEU B 742 14.19 -11.41 34.13
CA LEU B 742 14.62 -12.54 33.30
C LEU B 742 16.04 -12.32 32.78
N PRO B 743 16.83 -13.41 32.67
CA PRO B 743 18.23 -13.27 32.26
C PRO B 743 18.40 -13.10 30.76
N ASP B 744 19.45 -12.40 30.37
CA ASP B 744 19.83 -12.29 28.96
C ASP B 744 19.88 -13.66 28.29
N ARG B 745 19.32 -13.74 27.08
CA ARG B 745 19.28 -14.96 26.25
C ARG B 745 18.51 -16.14 26.82
N GLY B 746 17.84 -15.92 27.96
CA GLY B 746 17.01 -16.95 28.56
C GLY B 746 15.68 -17.10 27.84
N TRP B 747 15.13 -18.31 27.91
CA TRP B 747 13.77 -18.58 27.43
C TRP B 747 13.14 -19.65 28.30
N PHE B 748 12.09 -19.28 29.01
CA PHE B 748 11.38 -20.20 29.90
C PHE B 748 10.00 -20.47 29.36
N VAL B 749 9.49 -21.67 29.65
CA VAL B 749 8.14 -22.07 29.27
C VAL B 749 7.43 -22.74 30.43
N TYR B 750 6.30 -22.17 30.83
CA TYR B 750 5.39 -22.82 31.78
C TYR B 750 4.28 -23.48 30.98
N GLN B 751 3.98 -24.73 31.31
CA GLN B 751 2.97 -25.49 30.57
C GLN B 751 1.86 -26.01 31.46
N GLN B 752 0.63 -25.84 31.00
CA GLN B 752 -0.54 -26.27 31.74
C GLN B 752 -1.64 -26.70 30.76
N ARG B 753 -2.60 -27.48 31.26
CA ARG B 753 -3.71 -27.98 30.43
C ARG B 753 -5.02 -27.31 30.81
N ASN B 754 -5.83 -26.96 29.81
CA ASN B 754 -7.19 -26.47 30.03
C ASN B 754 -8.17 -27.63 29.86
N GLU B 755 -8.95 -27.90 30.91
CA GLU B 755 -9.78 -29.11 31.00
C GLU B 755 -11.17 -29.02 30.40
N VAL B 756 -11.54 -27.84 29.92
CA VAL B 756 -12.90 -27.63 29.44
C VAL B 756 -12.88 -27.38 27.94
N HIS B 757 -12.00 -26.49 27.49
CA HIS B 757 -12.03 -26.01 26.12
C HIS B 757 -11.12 -26.80 25.21
N ASN B 758 -11.59 -27.12 24.01
CA ASN B 758 -10.72 -27.83 23.07
C ASN B 758 -9.96 -26.89 22.14
N ASN B 759 -9.26 -25.95 22.75
CA ASN B 759 -8.36 -25.04 22.05
C ASN B 759 -7.16 -24.84 22.95
N SER B 760 -6.04 -24.47 22.35
CA SER B 760 -4.89 -24.09 23.14
C SER B 760 -4.79 -22.58 23.18
N GLY B 761 -4.11 -22.07 24.21
CA GLY B 761 -3.87 -20.64 24.34
C GLY B 761 -2.40 -20.42 24.56
N ILE B 762 -1.93 -19.21 24.23
CA ILE B 762 -0.53 -18.91 24.43
C ILE B 762 -0.35 -17.44 24.78
N GLU B 763 0.64 -17.16 25.62
CA GLU B 763 1.16 -15.82 25.75
C GLU B 763 2.66 -15.86 25.64
N ILE B 764 3.19 -15.03 24.76
CA ILE B 764 4.63 -14.87 24.64
C ILE B 764 4.95 -13.48 25.11
N TYR B 765 5.96 -13.39 25.97
CA TYR B 765 6.35 -12.13 26.53
C TYR B 765 7.84 -11.89 26.35
N TYR B 766 8.15 -10.83 25.62
CA TYR B 766 9.51 -10.37 25.47
C TYR B 766 9.70 -9.18 26.40
N GLN B 767 10.24 -9.45 27.58
CA GLN B 767 10.53 -8.43 28.56
C GLN B 767 11.63 -7.53 28.02
N THR B 768 11.55 -6.24 28.27
CA THR B 768 12.60 -5.32 27.82
C THR B 768 13.31 -4.67 29.00
N ASP B 769 12.76 -3.59 29.54
CA ASP B 769 13.40 -2.87 30.64
C ASP B 769 12.35 -2.06 31.38
N MET B 770 12.72 -1.53 32.54
CA MET B 770 11.88 -0.57 33.24
C MET B 770 11.30 0.48 32.31
N GLN B 771 10.11 0.97 32.67
CA GLN B 771 9.50 2.08 31.94
C GLN B 771 10.32 3.35 32.09
N SER B 772 10.34 4.13 31.02
CA SER B 772 11.34 5.13 30.78
C SER B 772 10.88 5.81 29.49
N THR B 773 10.83 7.13 29.47
CA THR B 773 10.41 7.85 28.26
C THR B 773 10.92 7.20 26.96
N SER B 774 12.18 6.81 26.93
CA SER B 774 12.75 6.13 25.77
C SER B 774 12.24 4.69 25.63
N GLU B 775 12.55 3.83 26.61
CA GLU B 775 12.10 2.43 26.56
C GLU B 775 10.62 2.33 26.22
N ASN B 776 9.83 3.28 26.71
CA ASN B 776 8.39 3.32 26.45
C ASN B 776 8.06 3.46 24.99
N MET B 777 8.63 4.50 24.38
CA MET B 777 8.37 4.84 22.99
C MET B 777 9.00 3.89 21.98
N PHE B 778 10.16 3.32 22.31
CA PHE B 778 10.73 2.28 21.46
C PHE B 778 9.71 1.17 21.30
N LEU B 779 9.22 0.65 22.41
CA LEU B 779 8.24 -0.43 22.43
C LEU B 779 6.94 -0.05 21.73
N GLU B 780 6.40 1.11 22.10
CA GLU B 780 5.09 1.55 21.57
C GLU B 780 5.11 1.79 20.07
N LEU B 781 6.23 2.29 19.54
CA LEU B 781 6.35 2.52 18.11
C LEU B 781 6.55 1.21 17.35
N PHE B 782 7.29 0.30 17.97
CA PHE B 782 7.48 -1.00 17.36
C PHE B 782 6.14 -1.71 17.28
N ALA B 783 5.37 -1.61 18.36
CA ALA B 783 4.07 -2.27 18.47
C ALA B 783 3.07 -1.73 17.47
N GLN B 784 3.19 -0.43 17.18
CA GLN B 784 2.34 0.24 16.22
C GLN B 784 2.62 -0.30 14.82
N ILE B 785 3.91 -0.35 14.47
CA ILE B 785 4.38 -0.83 13.17
C ILE B 785 3.95 -2.27 12.89
N ILE B 786 3.97 -3.11 13.93
CA ILE B 786 3.63 -4.53 13.78
C ILE B 786 2.17 -4.84 14.14
N SER B 787 1.41 -3.83 14.54
CA SER B 787 0.03 -4.02 15.00
C SER B 787 -0.85 -4.70 13.97
N GLU B 788 -1.05 -4.03 12.84
CA GLU B 788 -1.85 -4.57 11.75
C GLU B 788 -1.18 -5.79 11.09
N PRO B 789 0.12 -5.69 10.73
CA PRO B 789 0.77 -6.85 10.11
C PRO B 789 0.66 -8.16 10.90
N ALA B 790 0.67 -8.10 12.23
CA ALA B 790 0.56 -9.31 13.06
C ALA B 790 -0.81 -9.95 12.88
N PHE B 791 -1.85 -9.14 13.04
CA PHE B 791 -3.22 -9.58 12.79
C PHE B 791 -3.37 -10.12 11.36
N ASN B 792 -2.87 -9.38 10.38
CA ASN B 792 -2.99 -9.81 9.00
C ASN B 792 -2.29 -11.13 8.71
N THR B 793 -1.10 -11.32 9.29
CA THR B 793 -0.31 -12.52 9.03
C THR B 793 -0.86 -13.72 9.77
N LEU B 794 -0.95 -13.60 11.09
CA LEU B 794 -1.28 -14.74 11.94
C LEU B 794 -2.76 -15.11 11.92
N ARG B 795 -3.62 -14.16 11.55
CA ARG B 795 -5.05 -14.45 11.41
C ARG B 795 -5.51 -14.51 9.96
N THR B 796 -5.61 -13.36 9.29
CA THR B 796 -6.12 -13.30 7.92
C THR B 796 -5.45 -14.28 6.97
N LYS B 797 -4.11 -14.33 6.99
CA LYS B 797 -3.37 -15.23 6.11
C LYS B 797 -3.27 -16.65 6.67
N GLU B 798 -2.57 -16.83 7.78
CA GLU B 798 -2.28 -18.16 8.31
C GLU B 798 -3.42 -18.79 9.11
N GLN B 799 -4.41 -17.97 9.44
CA GLN B 799 -5.64 -18.40 10.13
C GLN B 799 -5.42 -19.30 11.34
N LEU B 800 -4.58 -18.83 12.28
CA LEU B 800 -4.25 -19.60 13.46
C LEU B 800 -5.39 -19.66 14.47
N GLY B 801 -6.23 -18.64 14.48
CA GLY B 801 -7.40 -18.61 15.37
C GLY B 801 -8.13 -17.30 15.23
N TYR B 802 -9.25 -17.16 15.94
CA TYR B 802 -10.05 -15.93 15.95
C TYR B 802 -9.33 -14.84 16.76
N ILE B 803 -8.83 -15.23 17.92
CA ILE B 803 -8.13 -14.34 18.83
C ILE B 803 -6.64 -14.31 18.48
N VAL B 804 -6.19 -13.14 18.00
CA VAL B 804 -4.78 -12.88 17.72
C VAL B 804 -4.50 -11.45 18.17
N PHE B 805 -3.65 -11.32 19.18
CA PHE B 805 -3.37 -10.03 19.78
C PHE B 805 -1.87 -9.84 19.98
N SER B 806 -1.43 -8.60 19.81
CA SER B 806 -0.11 -8.19 20.21
C SER B 806 -0.17 -6.75 20.71
N GLY B 807 0.88 -6.30 21.39
CA GLY B 807 0.92 -4.94 21.90
C GLY B 807 1.77 -4.86 23.15
N PRO B 808 1.93 -3.66 23.71
CA PRO B 808 2.71 -3.49 24.94
C PRO B 808 2.14 -4.27 26.13
N ARG B 809 3.02 -4.75 27.00
CA ARG B 809 2.63 -5.26 28.30
C ARG B 809 3.29 -4.41 29.39
N ARG B 810 2.49 -3.96 30.34
CA ARG B 810 2.96 -3.12 31.43
C ARG B 810 2.50 -3.67 32.77
N ALA B 811 3.45 -3.98 33.65
CA ALA B 811 3.14 -4.41 35.01
C ALA B 811 4.27 -4.03 35.96
N ASN B 812 3.91 -3.58 37.15
CA ASN B 812 4.87 -3.20 38.21
C ASN B 812 6.05 -2.37 37.74
N GLY B 813 5.80 -1.46 36.79
CA GLY B 813 6.84 -0.58 36.28
C GLY B 813 7.71 -1.16 35.17
N ILE B 814 7.58 -2.46 34.91
CA ILE B 814 8.34 -3.12 33.84
C ILE B 814 7.47 -3.26 32.59
N GLN B 815 8.06 -3.78 31.51
CA GLN B 815 7.56 -3.48 30.19
C GLN B 815 8.01 -4.50 29.16
N GLY B 816 7.18 -4.77 28.16
CA GLY B 816 7.59 -5.68 27.10
C GLY B 816 6.54 -5.86 26.02
N LEU B 817 6.89 -6.69 25.04
CA LEU B 817 6.02 -6.94 23.92
C LEU B 817 5.40 -8.29 24.14
N ARG B 818 4.11 -8.41 23.84
CA ARG B 818 3.44 -9.68 24.03
C ARG B 818 2.62 -10.11 22.83
N PHE B 819 2.44 -11.43 22.73
CA PHE B 819 1.54 -12.01 21.77
C PHE B 819 0.59 -12.90 22.55
N ILE B 820 -0.70 -12.78 22.24
CA ILE B 820 -1.68 -13.73 22.76
C ILE B 820 -2.40 -14.33 21.56
N ILE B 821 -2.44 -15.65 21.51
CA ILE B 821 -3.21 -16.36 20.50
C ILE B 821 -3.97 -17.50 21.16
N GLN B 822 -5.14 -17.79 20.62
CA GLN B 822 -5.89 -18.98 20.93
C GLN B 822 -6.18 -19.69 19.63
N SER B 823 -5.92 -20.99 19.59
CA SER B 823 -5.78 -21.70 18.34
C SER B 823 -6.07 -23.18 18.46
N GLU B 824 -6.33 -23.81 17.33
CA GLU B 824 -6.51 -25.26 17.28
C GLU B 824 -5.14 -25.96 17.29
N LYS B 825 -4.16 -25.32 16.65
CA LYS B 825 -2.78 -25.83 16.56
C LYS B 825 -2.09 -25.77 17.94
N PRO B 826 -1.10 -26.66 18.16
CA PRO B 826 -0.33 -26.73 19.43
C PRO B 826 0.46 -25.45 19.70
N PRO B 827 0.77 -25.16 20.98
CA PRO B 827 1.43 -23.89 21.28
C PRO B 827 2.84 -23.82 20.75
N HIS B 828 3.54 -24.95 20.71
CA HIS B 828 4.90 -25.02 20.19
CA HIS B 828 4.91 -24.92 20.22
C HIS B 828 4.95 -24.69 18.71
N TYR B 829 3.79 -24.78 18.07
CA TYR B 829 3.68 -24.45 16.68
C TYR B 829 3.46 -22.95 16.59
N LEU B 830 2.54 -22.45 17.40
CA LEU B 830 2.30 -21.01 17.47
C LEU B 830 3.60 -20.26 17.73
N GLU B 831 4.46 -20.80 18.59
CA GLU B 831 5.78 -20.21 18.84
C GLU B 831 6.54 -19.98 17.54
N SER B 832 6.70 -21.03 16.74
CA SER B 832 7.49 -20.93 15.53
C SER B 832 6.92 -19.92 14.55
N ARG B 833 5.59 -19.80 14.53
CA ARG B 833 4.91 -18.91 13.57
C ARG B 833 5.04 -17.43 13.93
N VAL B 834 4.99 -17.14 15.23
CA VAL B 834 5.19 -15.78 15.73
C VAL B 834 6.65 -15.41 15.49
N GLU B 835 7.54 -16.34 15.83
CA GLU B 835 8.96 -16.18 15.58
C GLU B 835 9.27 -15.93 14.11
N ALA B 836 8.58 -16.69 13.24
CA ALA B 836 8.70 -16.53 11.80
C ALA B 836 8.19 -15.17 11.38
N PHE B 837 7.14 -14.71 12.05
CA PHE B 837 6.56 -13.42 11.76
C PHE B 837 7.52 -12.28 12.12
N LEU B 838 8.25 -12.44 13.22
CA LEU B 838 9.17 -11.40 13.66
C LEU B 838 10.28 -11.11 12.65
N ILE B 839 10.70 -12.12 11.91
CA ILE B 839 11.71 -11.93 10.87
C ILE B 839 11.13 -11.18 9.68
N THR B 840 9.89 -11.53 9.32
CA THR B 840 9.14 -10.81 8.31
C THR B 840 9.02 -9.32 8.67
N MET B 841 8.95 -9.01 9.97
CA MET B 841 8.86 -7.60 10.40
C MET B 841 10.19 -6.87 10.32
N GLU B 842 11.28 -7.59 10.54
CA GLU B 842 12.62 -7.01 10.39
C GLU B 842 12.83 -6.50 8.97
N LYS B 843 12.60 -7.37 7.98
CA LYS B 843 12.76 -6.95 6.57
C LYS B 843 11.65 -6.03 6.08
N SER B 844 10.51 -6.02 6.76
CA SER B 844 9.43 -5.07 6.47
C SER B 844 9.88 -3.65 6.80
N ILE B 845 10.52 -3.48 7.94
CA ILE B 845 11.02 -2.16 8.38
C ILE B 845 12.22 -1.71 7.54
N GLU B 846 12.97 -2.66 7.00
CA GLU B 846 14.13 -2.35 6.15
C GLU B 846 13.70 -1.82 4.79
N ASP B 847 12.69 -2.47 4.22
CA ASP B 847 12.14 -2.09 2.92
C ASP B 847 11.07 -0.99 3.03
N MET B 848 10.77 -0.58 4.27
CA MET B 848 9.74 0.43 4.54
C MET B 848 10.25 1.85 4.25
N THR B 849 9.58 2.55 3.33
CA THR B 849 9.99 3.92 2.94
C THR B 849 10.03 4.89 4.12
N GLU B 850 10.81 5.97 4.01
CA GLU B 850 10.92 6.94 5.09
C GLU B 850 9.57 7.57 5.42
N GLU B 851 8.80 7.88 4.38
CA GLU B 851 7.46 8.42 4.57
C GLU B 851 6.56 7.41 5.29
N ALA B 852 6.63 6.12 4.90
CA ALA B 852 5.86 5.07 5.57
C ALA B 852 6.14 4.99 7.06
N PHE B 853 7.40 5.23 7.43
CA PHE B 853 7.81 5.26 8.84
C PHE B 853 7.14 6.42 9.58
N GLN B 854 7.18 7.61 9.00
CA GLN B 854 6.60 8.81 9.64
C GLN B 854 5.08 8.73 9.76
N LYS B 855 4.44 8.01 8.84
CA LYS B 855 3.01 7.75 8.92
C LYS B 855 2.66 7.02 10.21
N HIS B 856 3.50 6.04 10.57
CA HIS B 856 3.30 5.27 11.80
C HIS B 856 3.59 6.09 13.06
N ILE B 857 4.54 7.03 13.00
CA ILE B 857 4.82 7.91 14.13
C ILE B 857 3.60 8.78 14.38
N GLN B 858 3.15 9.43 13.31
CA GLN B 858 1.99 10.30 13.33
C GLN B 858 0.76 9.57 13.87
N ALA B 859 0.61 8.32 13.47
CA ALA B 859 -0.52 7.48 13.91
C ALA B 859 -0.45 7.21 15.41
N LEU B 860 0.71 6.78 15.91
CA LEU B 860 0.88 6.60 17.35
C LEU B 860 0.68 7.93 18.08
N ALA B 861 1.15 9.01 17.47
CA ALA B 861 1.01 10.34 18.05
C ALA B 861 -0.45 10.71 18.27
N ILE B 862 -1.26 10.51 17.23
CA ILE B 862 -2.69 10.82 17.31
C ILE B 862 -3.34 9.99 18.42
N ARG B 863 -3.01 8.70 18.49
CA ARG B 863 -3.60 7.80 19.47
C ARG B 863 -3.32 8.27 20.87
N ARG B 864 -2.04 8.54 21.12
CA ARG B 864 -1.59 8.95 22.43
C ARG B 864 -2.15 10.31 22.86
N LEU B 865 -2.35 11.20 21.89
CA LEU B 865 -2.76 12.58 22.19
C LEU B 865 -4.27 12.79 22.19
N ASP B 866 -5.04 11.74 21.88
CA ASP B 866 -6.50 11.83 21.83
C ASP B 866 -7.06 12.33 23.16
N LYS B 867 -7.73 13.48 23.13
CA LYS B 867 -8.28 14.10 24.34
C LYS B 867 -9.45 13.28 24.88
N PRO B 868 -9.48 13.03 26.20
CA PRO B 868 -10.63 12.40 26.87
C PRO B 868 -11.91 13.18 26.60
N LYS B 869 -13.00 12.48 26.31
CA LYS B 869 -14.26 13.13 25.92
C LYS B 869 -15.16 13.36 27.11
N LYS B 870 -15.00 12.54 28.15
CA LYS B 870 -15.84 12.59 29.35
C LYS B 870 -15.00 12.57 30.62
N LEU B 871 -15.58 13.07 31.71
CA LEU B 871 -14.88 13.14 32.99
C LEU B 871 -14.16 11.84 33.34
N SER B 872 -14.89 10.73 33.43
CA SER B 872 -14.28 9.50 33.93
C SER B 872 -13.11 8.99 33.08
N ALA B 873 -13.09 9.39 31.81
CA ALA B 873 -11.97 9.06 30.92
C ALA B 873 -10.72 9.83 31.34
N GLU B 874 -10.90 11.13 31.63
CA GLU B 874 -9.81 11.96 32.14
C GLU B 874 -9.32 11.42 33.50
N SER B 875 -10.26 11.10 34.40
CA SER B 875 -9.94 10.54 35.71
C SER B 875 -9.09 9.27 35.63
N ALA B 876 -9.45 8.39 34.70
CA ALA B 876 -8.77 7.11 34.54
C ALA B 876 -7.29 7.32 34.23
N LYS B 877 -7.00 8.27 33.34
CA LYS B 877 -5.63 8.62 32.99
C LYS B 877 -4.82 9.04 34.20
N TYR B 878 -5.42 9.84 35.08
CA TYR B 878 -4.76 10.34 36.28
C TYR B 878 -4.62 9.22 37.29
N TRP B 879 -5.68 8.44 37.43
CA TRP B 879 -5.67 7.32 38.34
C TRP B 879 -4.58 6.32 37.92
N GLY B 880 -4.32 6.27 36.62
CA GLY B 880 -3.24 5.45 36.09
C GLY B 880 -1.90 5.92 36.62
N GLU B 881 -1.70 7.23 36.60
CA GLU B 881 -0.48 7.84 37.09
C GLU B 881 -0.33 7.67 38.59
N ILE B 882 -1.45 7.65 39.30
CA ILE B 882 -1.44 7.61 40.76
C ILE B 882 -1.23 6.20 41.31
N ILE B 883 -2.01 5.23 40.85
CA ILE B 883 -1.82 3.87 41.35
C ILE B 883 -0.49 3.26 40.91
N SER B 884 0.02 3.70 39.76
CA SER B 884 1.34 3.24 39.31
C SER B 884 2.46 4.02 40.00
N GLN B 885 2.08 5.02 40.79
CA GLN B 885 3.03 5.89 41.50
C GLN B 885 4.09 6.52 40.61
N GLN B 886 3.75 6.76 39.35
CA GLN B 886 4.67 7.44 38.44
C GLN B 886 4.34 8.91 38.36
N TYR B 887 3.08 9.26 38.65
CA TYR B 887 2.65 10.65 38.77
C TYR B 887 3.08 11.55 37.60
N ASN B 888 2.95 11.03 36.38
CA ASN B 888 3.43 11.71 35.18
C ASN B 888 2.26 12.29 34.39
N PHE B 889 1.61 13.30 34.97
CA PHE B 889 0.37 13.86 34.41
C PHE B 889 0.54 14.53 33.06
N ASP B 890 1.77 14.84 32.68
CA ASP B 890 2.05 15.44 31.38
C ASP B 890 2.72 14.43 30.44
N ARG B 891 2.55 13.15 30.76
CA ARG B 891 3.24 12.07 30.05
C ARG B 891 3.07 12.14 28.54
N ASP B 892 1.83 12.38 28.09
CA ASP B 892 1.51 12.35 26.67
C ASP B 892 2.22 13.41 25.83
N ASN B 893 2.39 14.63 26.36
CA ASN B 893 3.14 15.64 25.62
C ASN B 893 4.62 15.35 25.55
N THR B 894 5.22 15.01 26.69
CA THR B 894 6.65 14.75 26.72
C THR B 894 6.99 13.47 25.91
N GLU B 895 6.22 12.40 26.10
CA GLU B 895 6.46 11.14 25.38
C GLU B 895 6.26 11.23 23.85
N VAL B 896 5.25 11.98 23.42
CA VAL B 896 5.02 12.19 21.99
C VAL B 896 6.09 13.11 21.39
N ALA B 897 6.45 14.15 22.14
CA ALA B 897 7.50 15.06 21.69
C ALA B 897 8.76 14.25 21.39
N TYR B 898 9.11 13.35 22.30
CA TYR B 898 10.28 12.49 22.16
C TYR B 898 10.15 11.47 21.02
N LEU B 899 8.95 10.94 20.84
CA LEU B 899 8.68 9.94 19.80
C LEU B 899 9.00 10.47 18.40
N LYS B 900 8.69 11.73 18.17
CA LYS B 900 8.91 12.37 16.87
C LYS B 900 10.39 12.47 16.44
N THR B 901 11.30 12.34 17.41
CA THR B 901 12.74 12.41 17.12
C THR B 901 13.33 11.03 16.83
N LEU B 902 12.52 9.99 16.92
CA LEU B 902 12.98 8.62 16.68
C LEU B 902 13.18 8.35 15.19
N THR B 903 14.18 7.54 14.89
CA THR B 903 14.52 7.27 13.51
C THR B 903 14.33 5.81 13.10
N LYS B 904 13.99 5.61 11.83
CA LYS B 904 13.86 4.27 11.25
C LYS B 904 14.97 3.35 11.77
N GLU B 905 16.15 3.92 12.03
CA GLU B 905 17.27 3.13 12.51
C GLU B 905 17.19 2.76 13.99
N ASP B 906 16.83 3.73 14.84
CA ASP B 906 16.65 3.51 16.29
C ASP B 906 15.83 2.27 16.58
N ILE B 907 14.81 2.05 15.76
CA ILE B 907 13.94 0.89 15.93
C ILE B 907 14.67 -0.40 15.61
N ILE B 908 15.37 -0.43 14.48
CA ILE B 908 16.14 -1.61 14.07
C ILE B 908 17.15 -2.02 15.14
N LYS B 909 17.82 -1.02 15.75
CA LYS B 909 18.81 -1.24 16.80
C LYS B 909 18.17 -1.86 18.05
N PHE B 910 17.06 -1.25 18.48
CA PHE B 910 16.22 -1.76 19.56
C PHE B 910 15.76 -3.21 19.30
N TYR B 911 15.24 -3.45 18.10
CA TYR B 911 14.77 -4.78 17.73
C TYR B 911 15.89 -5.82 17.75
N LYS B 912 17.04 -5.44 17.19
CA LYS B 912 18.22 -6.32 17.13
C LYS B 912 18.80 -6.62 18.50
N GLU B 913 18.71 -5.64 19.41
CA GLU B 913 19.29 -5.77 20.74
C GLU B 913 18.38 -6.50 21.76
N MET B 914 17.07 -6.35 21.60
CA MET B 914 16.11 -6.76 22.64
C MET B 914 15.11 -7.84 22.21
N LEU B 915 14.74 -7.81 20.93
CA LEU B 915 13.65 -8.65 20.42
C LEU B 915 14.09 -9.82 19.53
N ALA B 916 14.93 -9.57 18.53
CA ALA B 916 15.36 -10.60 17.56
C ALA B 916 15.79 -11.92 18.21
N VAL B 917 15.59 -13.03 17.49
CA VAL B 917 15.84 -14.38 18.02
C VAL B 917 17.24 -14.62 18.65
N ASP B 918 18.25 -13.95 18.12
CA ASP B 918 19.62 -14.08 18.59
C ASP B 918 20.10 -12.79 19.26
N ALA B 919 19.15 -12.04 19.81
CA ALA B 919 19.45 -10.79 20.50
C ALA B 919 20.24 -11.04 21.78
N PRO B 920 21.22 -10.17 22.07
CA PRO B 920 22.05 -10.29 23.27
C PRO B 920 21.27 -10.16 24.57
N ARG B 921 20.18 -9.37 24.55
CA ARG B 921 19.41 -9.06 25.76
C ARG B 921 17.95 -9.52 25.66
N ARG B 922 17.72 -10.53 24.82
CA ARG B 922 16.39 -11.08 24.66
C ARG B 922 15.94 -11.82 25.92
N HIS B 923 14.82 -11.38 26.49
CA HIS B 923 14.23 -12.02 27.67
C HIS B 923 12.85 -12.54 27.32
N LYS B 924 12.72 -13.86 27.21
CA LYS B 924 11.49 -14.46 26.69
C LYS B 924 10.81 -15.46 27.64
N VAL B 925 9.55 -15.18 27.98
CA VAL B 925 8.72 -16.16 28.70
C VAL B 925 7.50 -16.56 27.90
N SER B 926 7.13 -17.83 28.00
CA SER B 926 5.96 -18.36 27.32
C SER B 926 5.08 -19.14 28.27
N VAL B 927 3.77 -18.95 28.13
CA VAL B 927 2.80 -19.77 28.82
C VAL B 927 2.05 -20.58 27.76
N HIS B 928 2.20 -21.89 27.85
CA HIS B 928 1.54 -22.79 26.93
C HIS B 928 0.36 -23.42 27.65
N VAL B 929 -0.84 -23.18 27.15
CA VAL B 929 -2.03 -23.80 27.69
C VAL B 929 -2.61 -24.74 26.65
N LEU B 930 -2.38 -26.03 26.84
CA LEU B 930 -2.80 -27.05 25.89
C LEU B 930 -4.30 -27.26 25.96
N ALA B 931 -4.87 -27.63 24.81
CA ALA B 931 -6.30 -27.95 24.70
C ALA B 931 -6.70 -29.14 25.55
N ARG B 932 -8.00 -29.39 25.64
CA ARG B 932 -8.53 -30.47 26.46
C ARG B 932 -7.80 -31.81 26.24
N GLU B 933 -7.37 -32.09 25.01
CA GLU B 933 -6.69 -33.37 24.73
C GLU B 933 -5.45 -33.34 23.82
N MET B 934 -4.32 -32.90 24.36
CA MET B 934 -3.04 -32.98 23.65
C MET B 934 -1.98 -33.68 24.51
N LEU B 951 4.65 -20.05 2.79
CA LEU B 951 4.67 -19.19 4.02
C LEU B 951 6.07 -18.99 4.65
N SER B 952 6.17 -17.99 5.55
CA SER B 952 7.40 -17.61 6.25
C SER B 952 8.18 -18.76 6.86
N GLN B 953 9.48 -18.79 6.58
CA GLN B 953 10.31 -19.82 7.16
C GLN B 953 10.69 -19.47 8.59
N ALA B 954 10.39 -20.38 9.52
CA ALA B 954 10.55 -20.13 10.96
C ALA B 954 11.95 -20.44 11.47
N PRO B 955 12.58 -19.46 12.16
CA PRO B 955 13.94 -19.66 12.69
C PRO B 955 14.05 -20.85 13.65
N ALA B 956 15.23 -21.45 13.72
CA ALA B 956 15.47 -22.58 14.63
C ALA B 956 15.61 -22.07 16.05
N LEU B 957 14.92 -22.69 17.00
CA LEU B 957 14.85 -22.16 18.36
C LEU B 957 15.71 -22.90 19.40
N PRO B 958 16.18 -22.16 20.44
CA PRO B 958 16.91 -22.79 21.54
C PRO B 958 16.04 -23.78 22.31
N GLN B 959 16.67 -24.58 23.16
CA GLN B 959 15.96 -25.43 24.12
C GLN B 959 15.51 -24.53 25.29
N PRO B 960 14.19 -24.52 25.58
CA PRO B 960 13.66 -23.67 26.65
C PRO B 960 13.81 -24.33 28.01
N GLU B 961 13.96 -23.54 29.08
CA GLU B 961 13.97 -24.12 30.41
C GLU B 961 12.53 -24.23 30.95
N VAL B 962 12.04 -25.46 31.09
CA VAL B 962 10.66 -25.70 31.51
C VAL B 962 10.45 -25.45 33.00
N ILE B 963 9.59 -24.49 33.33
CA ILE B 963 9.22 -24.18 34.70
C ILE B 963 8.33 -25.28 35.27
N GLN B 964 8.80 -25.87 36.37
CA GLN B 964 8.14 -26.98 37.03
C GLN B 964 7.34 -26.48 38.22
N ASN B 965 7.82 -25.39 38.80
CA ASN B 965 7.27 -24.86 40.04
C ASN B 965 7.45 -23.35 40.07
N MET B 966 6.34 -22.65 40.23
CA MET B 966 6.34 -21.19 40.18
C MET B 966 7.14 -20.51 41.27
N THR B 967 7.05 -21.03 42.50
CA THR B 967 7.86 -20.53 43.60
C THR B 967 9.38 -20.68 43.36
N GLU B 968 9.83 -21.87 42.93
CA GLU B 968 11.25 -22.11 42.66
C GLU B 968 11.78 -21.22 41.55
N PHE B 969 10.96 -21.01 40.53
CA PHE B 969 11.32 -20.15 39.42
C PHE B 969 11.56 -18.71 39.90
N LYS B 970 10.65 -18.18 40.71
CA LYS B 970 10.76 -16.82 41.26
C LYS B 970 11.94 -16.65 42.22
N ARG B 971 12.15 -17.65 43.08
CA ARG B 971 13.28 -17.67 44.00
C ARG B 971 14.62 -17.57 43.26
N GLY B 972 14.75 -18.33 42.18
CA GLY B 972 16.01 -18.40 41.45
C GLY B 972 16.34 -17.27 40.51
N LEU B 973 15.70 -16.11 40.67
CA LEU B 973 15.91 -14.97 39.76
C LEU B 973 15.86 -13.62 40.47
N PRO B 974 16.53 -12.59 39.90
CA PRO B 974 16.45 -11.27 40.54
C PRO B 974 15.08 -10.61 40.41
N LEU B 975 14.82 -9.55 41.19
CA LEU B 975 13.63 -8.74 41.02
C LEU B 975 14.01 -7.33 40.62
N PHE B 976 13.33 -6.78 39.62
CA PHE B 976 13.59 -5.43 39.14
C PHE B 976 13.50 -4.38 40.23
N PRO B 977 14.05 -3.17 39.97
CA PRO B 977 13.72 -2.07 40.88
C PRO B 977 12.24 -1.71 40.74
N LEU B 978 11.81 -0.69 41.46
CA LEU B 978 10.48 -0.10 41.25
C LEU B 978 10.70 1.27 40.63
N VAL B 979 9.86 1.66 39.68
CA VAL B 979 10.00 2.99 39.05
C VAL B 979 9.96 4.09 40.14
N LYS B 980 10.69 5.19 39.92
CA LYS B 980 10.68 6.30 40.87
C LYS B 980 9.69 7.40 40.47
N PRO B 981 8.95 7.96 41.45
CA PRO B 981 8.04 9.08 41.23
C PRO B 981 8.61 10.25 40.41
N HIS B 982 7.85 10.74 39.43
CA HIS B 982 8.17 11.96 38.65
C HIS B 982 8.03 13.19 39.56
N SER C 1 1.67 10.43 -21.22
CA SER C 1 2.59 10.42 -20.05
C SER C 1 4.06 10.45 -20.53
N PRO C 2 4.74 11.64 -20.48
CA PRO C 2 6.10 11.69 -21.05
C PRO C 2 7.15 11.01 -20.17
N SER D 1 -33.40 -4.72 35.91
CA SER D 1 -33.83 -4.38 34.52
C SER D 1 -32.68 -4.48 33.49
N PRO D 2 -32.94 -5.13 32.33
CA PRO D 2 -31.89 -5.32 31.29
C PRO D 2 -31.74 -4.13 30.33
ZN ZN E . 28.06 17.32 -27.56
C1 DIO F . 5.13 26.08 -28.02
C2 DIO F . 5.98 27.29 -29.93
C1' DIO F . 6.07 24.91 -28.34
C2' DIO F . 6.99 26.16 -30.18
O1 DIO F . 5.67 27.31 -28.53
O1' DIO F . 6.43 24.93 -29.74
C1 DIO G . -33.14 -20.79 28.19
C2 DIO G . -34.28 -22.78 27.49
C1' DIO G . -34.48 -20.08 28.38
C2' DIO G . -35.62 -22.06 27.67
O1 DIO G . -33.26 -21.81 27.20
O1' DIO G . -35.50 -21.04 28.66
ZN ZN H . -17.63 -12.78 13.66
#